data_6F2S
#
_entry.id   6F2S
#
_cell.length_a   1.00
_cell.length_b   1.00
_cell.length_c   1.00
_cell.angle_alpha   90.00
_cell.angle_beta   90.00
_cell.angle_gamma   90.00
#
_symmetry.space_group_name_H-M   'P 1'
#
loop_
_entity.id
_entity.type
_entity.pdbx_description
1 polymer 'Capsid protein'
2 polymer 'ssDNA loop'
3 polymer 'coat protein subunit I'
4 polymer 'coat protein subunit H'
5 polymer 'ssDNA loop associated with subunit H'
#
loop_
_entity_poly.entity_id
_entity_poly.type
_entity_poly.pdbx_seq_one_letter_code
_entity_poly.pdbx_strand_id
1 'polypeptide(L)'
;PDVPKGCEGPCKVQSYEQRHDISHVGKVLCVSDVTRGNGLTHRVGKRFCVKSVYVLGKIWMDENIKTKNHTNTVMFYLVR
DRRPFGTAMDFGQVFNMYDNEPSTATIKNDLRDRYQVLRKFTSTVTGGQYASKEQALVKKFMKINNYVVYNHQEAAKYDN
HTENALLLYMACTHASNPVYATLKIRIYFYDSVQN
;
A,B,F,E,D,C,K,J,G
2 'polydeoxyribonucleotide' (DC)(DA)(DA)(DC)(DC)(DA)(DC) L,M,Q,P,O,N,V,U,T,R
3 'polypeptide(L)'
;RLYRMYRTPDVPKGCEGPCKVQSYEQRHDISHVGKVLCVSDVTRGNGLTHRVGKRFCVKSVYVLGKIWMDENIKTKNHTN
TVMFYLVRDRRPFGTAMDFGQVFNMYDNEPSTATIKNDLRDRYQVLRKFTSTVTGGQYASKEQALVKKFMKINNYVVYNH
QEAAKYDNHTENALLLYMACTHASNPVYATLKIRIYFYDSVQN
;
I
4 'polypeptide(L)'
;NRRRTWTNRPMYRKPRLYRMYRTPDVPKGCEGPCKVQSYEQRHDISHVGKVLCVSDVTRGNGLTHRVGKRFCVKSVYVLG
KIWMDENIKTKNHTNTVMFYLVRDRRPFGTAMDFGQVFNMYDNEPSTATIKNDLRDRYQVLRKFTSTVTGGQYASKEQAL
VKKFMKINNYVVYNHQEAAKYDNHTENALLLYMACTHASNPVYATLKIRIYFYDSVQN
;
H
5 'polydeoxyribonucleotide' (DC)(DA)(DA)(DC)(DC)(DA) S
#
loop_
_chem_comp.id
_chem_comp.type
_chem_comp.name
_chem_comp.formula
DA DNA linking 2'-DEOXYADENOSINE-5'-MONOPHOSPHATE 'C10 H14 N5 O6 P'
DC DNA linking 2'-DEOXYCYTIDINE-5'-MONOPHOSPHATE 'C9 H14 N3 O7 P'
#
# COMPACT_ATOMS: atom_id res chain seq x y z
N PRO A 1 -25.52 -31.50 -46.41
CA PRO A 1 -26.48 -31.44 -47.52
C PRO A 1 -27.74 -32.30 -47.32
N ASP A 2 -27.59 -33.47 -46.69
CA ASP A 2 -28.70 -34.41 -46.50
C ASP A 2 -29.73 -33.90 -45.50
N VAL A 3 -29.33 -33.79 -44.23
CA VAL A 3 -30.24 -33.41 -43.14
C VAL A 3 -30.57 -31.90 -43.22
N PRO A 4 -31.84 -31.50 -42.97
CA PRO A 4 -32.16 -30.06 -42.95
C PRO A 4 -31.67 -29.33 -41.69
N LYS A 5 -31.92 -28.02 -41.65
CA LYS A 5 -31.47 -27.18 -40.52
C LYS A 5 -32.32 -27.39 -39.28
N GLY A 6 -31.67 -27.37 -38.11
CA GLY A 6 -32.36 -27.52 -36.82
C GLY A 6 -32.94 -28.89 -36.52
N CYS A 7 -32.49 -29.90 -37.25
CA CYS A 7 -32.96 -31.28 -37.06
C CYS A 7 -31.82 -32.25 -37.32
N GLU A 8 -31.92 -33.44 -36.73
CA GLU A 8 -30.79 -34.36 -36.69
C GLU A 8 -31.27 -35.80 -36.64
N GLY A 9 -30.36 -36.72 -36.96
CA GLY A 9 -30.61 -38.15 -36.80
C GLY A 9 -30.84 -38.81 -38.15
N PRO A 10 -31.15 -40.12 -38.14
CA PRO A 10 -31.39 -40.84 -39.38
C PRO A 10 -32.71 -40.43 -40.05
N CYS A 11 -32.70 -40.38 -41.37
CA CYS A 11 -33.89 -40.08 -42.17
C CYS A 11 -34.97 -41.15 -41.96
N LYS A 12 -35.92 -40.86 -41.08
CA LYS A 12 -36.99 -41.82 -40.77
C LYS A 12 -38.11 -41.74 -41.80
N VAL A 13 -38.66 -42.91 -42.14
CA VAL A 13 -39.71 -43.05 -43.16
C VAL A 13 -41.08 -43.24 -42.51
N GLN A 14 -42.12 -42.92 -43.28
CA GLN A 14 -43.49 -43.32 -42.90
C GLN A 14 -44.32 -43.54 -44.17
N SER A 15 -45.23 -44.51 -44.15
CA SER A 15 -45.99 -44.92 -45.34
C SER A 15 -47.50 -45.00 -45.07
N TYR A 16 -48.28 -44.81 -46.14
CA TYR A 16 -49.74 -44.95 -46.08
C TYR A 16 -50.27 -45.74 -47.27
N GLU A 17 -49.98 -47.03 -47.27
CA GLU A 17 -50.47 -47.94 -48.30
C GLU A 17 -51.95 -48.19 -48.10
N GLN A 18 -52.78 -47.70 -49.01
CA GLN A 18 -54.24 -47.77 -48.88
C GLN A 18 -54.94 -47.50 -50.22
N ARG A 19 -56.04 -48.21 -50.44
CA ARG A 19 -56.92 -47.96 -51.59
C ARG A 19 -57.90 -46.86 -51.23
N HIS A 20 -57.67 -45.67 -51.79
CA HIS A 20 -58.55 -44.54 -51.56
C HIS A 20 -59.60 -44.49 -52.67
N ASP A 21 -60.87 -44.69 -52.32
CA ASP A 21 -61.98 -44.55 -53.27
C ASP A 21 -62.41 -43.09 -53.36
N ILE A 22 -62.29 -42.50 -54.55
CA ILE A 22 -62.45 -41.06 -54.75
C ILE A 22 -63.86 -40.73 -55.23
N SER A 23 -64.32 -39.54 -54.87
CA SER A 23 -65.61 -39.01 -55.32
C SER A 23 -65.45 -37.60 -55.87
N HIS A 24 -66.57 -37.03 -56.31
CA HIS A 24 -66.65 -35.63 -56.70
C HIS A 24 -66.62 -34.70 -55.49
N VAL A 25 -67.08 -35.20 -54.33
CA VAL A 25 -67.15 -34.41 -53.10
C VAL A 25 -65.75 -34.05 -52.60
N GLY A 26 -64.87 -35.04 -52.52
CA GLY A 26 -63.47 -34.84 -52.17
C GLY A 26 -63.05 -35.58 -50.91
N LYS A 27 -62.08 -36.48 -51.06
CA LYS A 27 -61.49 -37.21 -49.95
C LYS A 27 -60.23 -36.50 -49.46
N VAL A 28 -59.92 -36.70 -48.18
CA VAL A 28 -58.78 -36.07 -47.52
C VAL A 28 -57.98 -37.11 -46.76
N LEU A 29 -56.67 -36.89 -46.62
CA LEU A 29 -55.90 -37.60 -45.58
C LEU A 29 -54.68 -36.80 -45.14
N CYS A 30 -54.35 -36.93 -43.85
CA CYS A 30 -53.19 -36.27 -43.27
C CYS A 30 -51.96 -37.14 -43.41
N VAL A 31 -51.03 -36.71 -44.27
CA VAL A 31 -49.80 -37.46 -44.56
C VAL A 31 -48.72 -37.29 -43.48
N SER A 32 -48.81 -36.23 -42.67
CA SER A 32 -47.83 -35.97 -41.61
C SER A 32 -48.08 -36.72 -40.29
N ASP A 33 -49.08 -37.61 -40.25
CA ASP A 33 -49.37 -38.41 -39.06
C ASP A 33 -48.23 -39.37 -38.71
N VAL A 34 -47.75 -39.28 -37.48
CA VAL A 34 -46.72 -40.20 -36.98
C VAL A 34 -46.70 -40.20 -35.44
N THR A 35 -46.88 -41.39 -34.86
CA THR A 35 -46.93 -41.54 -33.42
C THR A 35 -45.54 -41.45 -32.79
N ARG A 36 -45.51 -41.10 -31.51
CA ARG A 36 -44.26 -40.90 -30.78
C ARG A 36 -43.84 -42.21 -30.11
N GLY A 37 -42.53 -42.47 -30.12
CA GLY A 37 -42.02 -43.71 -29.52
C GLY A 37 -40.53 -43.92 -29.74
N ASN A 38 -39.98 -44.83 -28.94
CA ASN A 38 -38.57 -45.21 -29.05
C ASN A 38 -38.25 -46.04 -30.31
N GLY A 39 -39.26 -46.73 -30.86
CA GLY A 39 -39.08 -47.55 -32.05
C GLY A 39 -38.84 -46.77 -33.33
N LEU A 40 -38.55 -47.51 -34.40
CA LEU A 40 -38.32 -46.91 -35.73
C LEU A 40 -39.62 -46.41 -36.33
N THR A 41 -39.51 -45.47 -37.26
CA THR A 41 -40.65 -44.78 -37.85
C THR A 41 -41.53 -44.06 -36.80
N HIS A 42 -40.88 -43.52 -35.78
CA HIS A 42 -41.54 -42.72 -34.76
C HIS A 42 -40.74 -41.45 -34.52
N ARG A 43 -41.45 -40.35 -34.27
CA ARG A 43 -40.83 -39.10 -33.82
C ARG A 43 -40.43 -39.26 -32.35
N VAL A 44 -39.34 -38.62 -31.95
CA VAL A 44 -38.87 -38.65 -30.56
C VAL A 44 -39.47 -37.47 -29.81
N GLY A 45 -39.19 -36.27 -30.29
CA GLY A 45 -39.72 -35.04 -29.72
C GLY A 45 -41.05 -34.67 -30.36
N LYS A 46 -41.66 -33.61 -29.84
CA LYS A 46 -42.91 -33.08 -30.39
C LYS A 46 -42.73 -32.41 -31.77
N ARG A 47 -41.53 -31.86 -32.01
CA ARG A 47 -41.20 -31.22 -33.28
C ARG A 47 -40.52 -32.20 -34.23
N PHE A 48 -40.80 -32.09 -35.53
CA PHE A 48 -39.97 -32.76 -36.54
C PHE A 48 -40.11 -32.17 -37.94
N CYS A 49 -39.06 -32.37 -38.74
CA CYS A 49 -39.00 -31.82 -40.09
C CYS A 49 -39.25 -32.90 -41.15
N VAL A 50 -40.37 -32.77 -41.86
CA VAL A 50 -40.64 -33.56 -43.05
C VAL A 50 -39.82 -32.95 -44.19
N LYS A 51 -38.90 -33.71 -44.77
CA LYS A 51 -38.06 -33.19 -45.85
C LYS A 51 -38.66 -33.45 -47.23
N SER A 52 -39.30 -34.60 -47.42
CA SER A 52 -39.81 -34.96 -48.74
C SER A 52 -40.96 -35.97 -48.69
N VAL A 53 -41.85 -35.82 -49.67
CA VAL A 53 -43.01 -36.69 -49.85
C VAL A 53 -42.86 -37.40 -51.20
N TYR A 54 -43.08 -38.71 -51.19
CA TYR A 54 -43.03 -39.54 -52.38
C TYR A 54 -44.37 -40.24 -52.52
N VAL A 55 -45.18 -39.71 -53.43
CA VAL A 55 -46.47 -40.32 -53.78
C VAL A 55 -46.21 -41.28 -54.92
N LEU A 56 -46.62 -42.55 -54.77
CA LEU A 56 -46.58 -43.46 -55.91
C LEU A 56 -47.65 -44.53 -55.86
N GLY A 57 -48.18 -44.86 -57.03
CA GLY A 57 -49.18 -45.91 -57.17
C GLY A 57 -49.97 -45.81 -58.45
N LYS A 58 -51.24 -46.17 -58.37
CA LYS A 58 -52.12 -46.27 -59.55
C LYS A 58 -53.50 -45.71 -59.24
N ILE A 59 -54.08 -45.06 -60.26
CA ILE A 59 -55.46 -44.59 -60.21
C ILE A 59 -56.23 -45.34 -61.29
N TRP A 60 -57.34 -45.98 -60.91
CA TRP A 60 -58.01 -46.96 -61.78
C TRP A 60 -59.53 -46.98 -61.63
N MET A 61 -60.19 -47.44 -62.69
CA MET A 61 -61.65 -47.60 -62.71
C MET A 61 -62.10 -49.00 -62.32
N ASP A 62 -63.35 -49.11 -61.90
CA ASP A 62 -63.99 -50.39 -61.60
C ASP A 62 -64.45 -51.04 -62.92
N GLU A 63 -64.81 -52.32 -62.87
CA GLU A 63 -65.18 -53.08 -64.07
C GLU A 63 -66.54 -52.69 -64.65
N ASN A 64 -67.53 -52.41 -63.79
CA ASN A 64 -68.83 -51.90 -64.23
C ASN A 64 -68.80 -50.42 -64.68
N ILE A 65 -67.88 -49.64 -64.12
CA ILE A 65 -67.77 -48.20 -64.42
C ILE A 65 -67.06 -47.95 -65.76
N LYS A 66 -65.93 -48.63 -65.97
CA LYS A 66 -65.09 -48.45 -67.18
C LYS A 66 -65.81 -48.59 -68.53
N THR A 67 -66.82 -49.46 -68.58
CA THR A 67 -67.60 -49.70 -69.80
C THR A 67 -68.31 -48.44 -70.32
N LYS A 68 -68.79 -47.60 -69.40
CA LYS A 68 -69.49 -46.36 -69.74
C LYS A 68 -68.54 -45.33 -70.36
N ASN A 69 -68.99 -44.68 -71.44
CA ASN A 69 -68.14 -43.71 -72.17
C ASN A 69 -68.00 -42.38 -71.42
N HIS A 70 -66.87 -42.20 -70.74
CA HIS A 70 -66.61 -40.95 -70.01
C HIS A 70 -65.12 -40.77 -69.71
N THR A 71 -64.79 -39.64 -69.11
CA THR A 71 -63.42 -39.35 -68.67
C THR A 71 -63.45 -38.76 -67.27
N ASN A 72 -62.44 -39.08 -66.47
CA ASN A 72 -62.26 -38.45 -65.16
C ASN A 72 -60.81 -38.30 -64.76
N THR A 73 -60.53 -37.23 -64.03
CA THR A 73 -59.18 -36.90 -63.60
C THR A 73 -59.20 -36.61 -62.11
N VAL A 74 -58.10 -36.91 -61.43
CA VAL A 74 -57.95 -36.61 -60.00
C VAL A 74 -56.84 -35.58 -59.82
N MET A 75 -57.08 -34.66 -58.89
CA MET A 75 -56.30 -33.42 -58.76
C MET A 75 -55.06 -33.54 -57.87
N PHE A 76 -55.20 -34.21 -56.75
CA PHE A 76 -54.12 -34.38 -55.77
C PHE A 76 -53.54 -33.03 -55.29
N TYR A 77 -54.26 -32.34 -54.43
CA TYR A 77 -53.75 -31.11 -53.81
C TYR A 77 -53.02 -31.46 -52.52
N LEU A 78 -51.70 -31.24 -52.49
CA LEU A 78 -50.92 -31.34 -51.27
C LEU A 78 -50.86 -29.95 -50.63
N VAL A 79 -51.50 -29.82 -49.46
CA VAL A 79 -51.56 -28.53 -48.76
C VAL A 79 -51.00 -28.65 -47.35
N ARG A 80 -50.46 -27.54 -46.87
CA ARG A 80 -49.98 -27.44 -45.50
C ARG A 80 -50.88 -26.47 -44.79
N ASP A 81 -51.44 -26.89 -43.65
CA ASP A 81 -52.10 -25.97 -42.74
C ASP A 81 -51.16 -25.66 -41.59
N ARG A 82 -51.00 -24.36 -41.35
CA ARG A 82 -50.15 -23.85 -40.28
C ARG A 82 -50.91 -23.86 -38.95
N ARG A 83 -52.21 -24.13 -38.99
CA ARG A 83 -53.05 -24.19 -37.80
C ARG A 83 -53.98 -25.40 -37.86
N PRO A 84 -53.56 -26.54 -37.27
CA PRO A 84 -54.43 -27.70 -37.21
C PRO A 84 -55.26 -27.69 -35.92
N PHE A 85 -56.55 -27.99 -36.05
CA PHE A 85 -57.43 -28.11 -34.89
C PHE A 85 -58.47 -29.22 -35.06
N GLY A 86 -58.39 -30.23 -34.19
CA GLY A 86 -59.37 -31.31 -34.15
C GLY A 86 -59.28 -32.26 -35.32
N THR A 87 -60.40 -32.42 -36.02
CA THR A 87 -60.50 -33.27 -37.20
C THR A 87 -60.11 -32.48 -38.45
N ALA A 88 -59.52 -33.18 -39.42
CA ALA A 88 -59.10 -32.57 -40.69
C ALA A 88 -60.34 -32.08 -41.45
N MET A 89 -60.27 -30.84 -41.93
CA MET A 89 -61.41 -30.23 -42.61
C MET A 89 -61.67 -30.88 -43.97
N ASP A 90 -62.93 -30.83 -44.38
CA ASP A 90 -63.39 -31.45 -45.63
C ASP A 90 -62.90 -30.64 -46.84
N PHE A 91 -62.80 -31.31 -47.99
CA PHE A 91 -62.31 -30.67 -49.22
C PHE A 91 -63.21 -29.53 -49.71
N GLY A 92 -64.52 -29.78 -49.71
CA GLY A 92 -65.50 -28.80 -50.18
C GLY A 92 -65.47 -27.47 -49.44
N GLN A 93 -65.26 -27.53 -48.12
CA GLN A 93 -65.29 -26.33 -47.27
C GLN A 93 -63.97 -25.54 -47.18
N VAL A 94 -62.86 -26.11 -47.65
CA VAL A 94 -61.57 -25.41 -47.69
C VAL A 94 -61.41 -24.67 -49.03
N PHE A 95 -61.62 -25.40 -50.12
CA PHE A 95 -61.48 -24.87 -51.46
C PHE A 95 -62.81 -24.33 -51.95
N ASN A 96 -62.85 -23.04 -52.33
CA ASN A 96 -64.05 -22.48 -52.96
C ASN A 96 -64.02 -22.75 -54.46
N MET A 97 -65.19 -22.97 -55.04
CA MET A 97 -65.30 -23.46 -56.42
C MET A 97 -66.74 -23.42 -56.91
N TYR A 98 -66.90 -23.27 -58.23
CA TYR A 98 -68.23 -23.22 -58.85
C TYR A 98 -68.84 -24.62 -58.92
N ASP A 99 -69.97 -24.82 -58.25
CA ASP A 99 -70.74 -26.07 -58.29
C ASP A 99 -69.94 -27.30 -57.82
N ASN A 100 -69.07 -27.09 -56.82
CA ASN A 100 -68.20 -28.14 -56.29
C ASN A 100 -67.34 -28.84 -57.35
N GLU A 101 -66.83 -28.06 -58.32
CA GLU A 101 -65.99 -28.57 -59.39
C GLU A 101 -64.51 -28.44 -58.97
N PRO A 102 -63.82 -29.57 -58.75
CA PRO A 102 -62.45 -29.49 -58.22
C PRO A 102 -61.38 -28.93 -59.16
N SER A 103 -61.65 -28.88 -60.46
CA SER A 103 -60.72 -28.23 -61.40
C SER A 103 -60.73 -26.69 -61.29
N THR A 104 -61.81 -26.14 -60.70
CA THR A 104 -61.95 -24.69 -60.47
C THR A 104 -61.69 -24.36 -58.99
N ALA A 105 -60.72 -25.04 -58.37
CA ALA A 105 -60.56 -25.02 -56.92
C ALA A 105 -59.35 -24.20 -56.47
N THR A 106 -59.60 -23.24 -55.59
CA THR A 106 -58.56 -22.52 -54.85
C THR A 106 -59.03 -22.33 -53.41
N ILE A 107 -58.11 -21.93 -52.55
CA ILE A 107 -58.36 -21.83 -51.11
C ILE A 107 -59.36 -20.70 -50.84
N LYS A 108 -60.28 -20.93 -49.89
CA LYS A 108 -61.27 -19.90 -49.52
C LYS A 108 -60.64 -18.58 -49.07
N ASN A 109 -61.37 -17.49 -49.27
CA ASN A 109 -60.88 -16.15 -48.96
C ASN A 109 -60.65 -15.90 -47.48
N ASP A 110 -61.45 -16.56 -46.64
CA ASP A 110 -61.34 -16.42 -45.18
C ASP A 110 -60.06 -17.05 -44.64
N LEU A 111 -59.80 -18.29 -45.06
CA LEU A 111 -58.69 -19.09 -44.53
C LEU A 111 -57.58 -19.31 -45.57
N ARG A 112 -57.29 -18.24 -46.33
CA ARG A 112 -56.22 -18.26 -47.32
C ARG A 112 -54.86 -18.13 -46.63
N ASP A 113 -54.87 -17.48 -45.47
CA ASP A 113 -53.70 -17.38 -44.60
C ASP A 113 -53.33 -18.71 -43.95
N ARG A 114 -54.33 -19.50 -43.55
CA ARG A 114 -54.13 -20.77 -42.87
C ARG A 114 -53.58 -21.84 -43.82
N TYR A 115 -54.26 -22.05 -44.94
CA TYR A 115 -53.94 -23.11 -45.90
C TYR A 115 -53.13 -22.59 -47.09
N GLN A 116 -52.08 -23.33 -47.45
CA GLN A 116 -51.26 -23.03 -48.62
C GLN A 116 -51.14 -24.29 -49.47
N VAL A 117 -51.30 -24.14 -50.79
CA VAL A 117 -51.18 -25.25 -51.73
C VAL A 117 -49.72 -25.43 -52.11
N LEU A 118 -49.10 -26.51 -51.62
CA LEU A 118 -47.68 -26.75 -51.89
C LEU A 118 -47.47 -27.35 -53.26
N ARG A 119 -48.28 -28.35 -53.60
CA ARG A 119 -48.25 -28.98 -54.92
C ARG A 119 -49.64 -29.40 -55.37
N LYS A 120 -49.88 -29.29 -56.68
CA LYS A 120 -51.00 -29.98 -57.33
C LYS A 120 -50.45 -30.74 -58.53
N PHE A 121 -51.04 -31.90 -58.83
CA PHE A 121 -50.63 -32.72 -59.97
C PHE A 121 -51.76 -33.63 -60.43
N THR A 122 -52.26 -33.38 -61.63
CA THR A 122 -53.42 -34.10 -62.15
C THR A 122 -53.07 -35.52 -62.57
N SER A 123 -54.07 -36.40 -62.57
CA SER A 123 -53.94 -37.74 -63.16
C SER A 123 -55.24 -38.14 -63.83
N THR A 124 -55.17 -38.50 -65.11
CA THR A 124 -56.36 -38.64 -65.97
C THR A 124 -56.63 -40.09 -66.39
N VAL A 125 -57.91 -40.43 -66.51
CA VAL A 125 -58.38 -41.76 -66.87
C VAL A 125 -59.61 -41.63 -67.78
N THR A 126 -59.66 -42.46 -68.83
CA THR A 126 -60.77 -42.45 -69.79
C THR A 126 -61.41 -43.84 -69.88
N GLY A 127 -62.72 -43.91 -69.62
CA GLY A 127 -63.49 -45.15 -69.69
C GLY A 127 -64.35 -45.19 -70.93
N GLY A 128 -64.39 -46.37 -71.57
CA GLY A 128 -65.22 -46.60 -72.75
C GLY A 128 -65.60 -48.07 -72.89
N GLN A 129 -66.63 -48.34 -73.68
CA GLN A 129 -67.13 -49.71 -73.90
C GLN A 129 -66.08 -50.63 -74.51
N TYR A 130 -65.46 -50.18 -75.59
CA TYR A 130 -64.39 -50.94 -76.25
C TYR A 130 -63.06 -50.19 -76.17
N ALA A 131 -63.05 -48.95 -76.68
CA ALA A 131 -61.87 -48.10 -76.65
C ALA A 131 -61.72 -47.51 -75.24
N SER A 132 -61.13 -48.30 -74.34
CA SER A 132 -61.02 -47.96 -72.93
C SER A 132 -59.60 -47.55 -72.53
N LYS A 133 -59.49 -47.06 -71.30
CA LYS A 133 -58.21 -46.83 -70.64
C LYS A 133 -58.43 -46.94 -69.12
N GLU A 134 -58.46 -48.18 -68.65
CA GLU A 134 -58.86 -48.54 -67.28
C GLU A 134 -58.13 -47.78 -66.14
N GLN A 135 -56.85 -47.51 -66.37
CA GLN A 135 -55.94 -47.09 -65.30
C GLN A 135 -54.98 -45.99 -65.72
N ALA A 136 -54.22 -45.50 -64.74
CA ALA A 136 -53.13 -44.55 -64.96
C ALA A 136 -52.18 -44.57 -63.77
N LEU A 137 -50.88 -44.45 -64.07
CA LEU A 137 -49.83 -44.54 -63.06
C LEU A 137 -49.52 -43.18 -62.47
N VAL A 138 -49.27 -43.16 -61.16
CA VAL A 138 -48.86 -41.95 -60.43
C VAL A 138 -47.49 -42.24 -59.83
N LYS A 139 -46.53 -41.36 -60.10
CA LYS A 139 -45.19 -41.45 -59.52
C LYS A 139 -44.63 -40.03 -59.38
N LYS A 140 -44.84 -39.46 -58.20
CA LYS A 140 -44.53 -38.06 -57.94
C LYS A 140 -43.73 -37.93 -56.64
N PHE A 141 -42.44 -37.64 -56.79
CA PHE A 141 -41.57 -37.26 -55.68
C PHE A 141 -41.59 -35.75 -55.60
N MET A 142 -41.60 -35.24 -54.37
CA MET A 142 -41.67 -33.80 -54.13
C MET A 142 -41.04 -33.43 -52.79
N LYS A 143 -40.07 -32.53 -52.84
CA LYS A 143 -39.22 -32.19 -51.72
C LYS A 143 -39.67 -30.87 -51.12
N ILE A 144 -39.91 -30.85 -49.80
CA ILE A 144 -40.33 -29.66 -49.06
C ILE A 144 -39.83 -29.73 -47.61
N ASN A 145 -38.96 -28.81 -47.21
CA ASN A 145 -38.54 -28.74 -45.82
C ASN A 145 -39.69 -28.18 -44.98
N ASN A 146 -40.29 -29.02 -44.16
CA ASN A 146 -41.55 -28.70 -43.48
C ASN A 146 -41.56 -29.12 -42.00
N TYR A 147 -41.45 -28.13 -41.11
CA TYR A 147 -41.30 -28.36 -39.67
C TYR A 147 -42.65 -28.42 -38.96
N VAL A 148 -43.10 -29.63 -38.62
CA VAL A 148 -44.38 -29.81 -37.93
C VAL A 148 -44.15 -30.02 -36.42
N VAL A 149 -45.15 -29.61 -35.63
CA VAL A 149 -45.10 -29.75 -34.16
C VAL A 149 -46.28 -30.62 -33.72
N TYR A 150 -46.19 -31.21 -32.53
CA TYR A 150 -47.28 -31.99 -31.94
C TYR A 150 -47.66 -31.48 -30.56
N ASN A 151 -48.77 -32.00 -30.04
CA ASN A 151 -49.12 -31.83 -28.63
C ASN A 151 -48.19 -32.66 -27.77
N HIS A 152 -48.34 -32.54 -26.46
CA HIS A 152 -47.57 -33.35 -25.51
C HIS A 152 -47.83 -34.86 -25.71
N GLN A 153 -49.04 -35.22 -26.12
CA GLN A 153 -49.44 -36.63 -26.23
C GLN A 153 -48.92 -37.31 -27.50
N GLU A 154 -49.04 -38.64 -27.53
CA GLU A 154 -48.46 -39.48 -28.58
C GLU A 154 -49.50 -40.33 -29.31
N ALA A 155 -49.94 -39.83 -30.46
CA ALA A 155 -50.87 -40.57 -31.33
C ALA A 155 -50.87 -39.96 -32.72
N ALA A 156 -50.77 -40.79 -33.74
CA ALA A 156 -50.71 -40.34 -35.12
C ALA A 156 -52.10 -39.88 -35.59
N LYS A 157 -52.46 -38.64 -35.21
CA LYS A 157 -53.75 -38.04 -35.56
C LYS A 157 -53.64 -36.53 -35.81
N TYR A 158 -54.50 -36.03 -36.69
CA TYR A 158 -54.53 -34.61 -37.03
C TYR A 158 -54.96 -33.71 -35.85
N ASP A 159 -55.84 -34.23 -35.00
CA ASP A 159 -56.11 -33.66 -33.66
C ASP A 159 -54.84 -33.23 -32.92
N ASN A 160 -53.90 -34.16 -32.81
CA ASN A 160 -52.69 -33.95 -32.02
C ASN A 160 -51.65 -33.03 -32.67
N HIS A 161 -51.78 -32.79 -33.97
CA HIS A 161 -50.86 -31.89 -34.69
C HIS A 161 -50.94 -30.45 -34.22
N THR A 162 -49.84 -29.73 -34.40
CA THR A 162 -49.78 -28.29 -34.18
C THR A 162 -48.62 -27.65 -34.98
N GLU A 163 -48.74 -26.34 -35.19
CA GLU A 163 -47.92 -25.59 -36.15
C GLU A 163 -48.18 -26.17 -37.56
N ASN A 164 -47.15 -26.46 -38.37
CA ASN A 164 -47.39 -26.96 -39.72
C ASN A 164 -48.01 -28.36 -39.67
N ALA A 165 -48.78 -28.69 -40.70
CA ALA A 165 -49.34 -30.04 -40.85
C ALA A 165 -49.72 -30.26 -42.30
N LEU A 166 -49.37 -31.43 -42.84
CA LEU A 166 -49.60 -31.74 -44.25
C LEU A 166 -50.91 -32.48 -44.43
N LEU A 167 -51.57 -32.19 -45.55
CA LEU A 167 -52.84 -32.79 -45.92
C LEU A 167 -52.86 -33.01 -47.43
N LEU A 168 -53.16 -34.25 -47.83
CA LEU A 168 -53.40 -34.59 -49.22
C LEU A 168 -54.91 -34.62 -49.44
N TYR A 169 -55.36 -33.84 -50.42
CA TYR A 169 -56.76 -33.71 -50.79
C TYR A 169 -56.94 -34.24 -52.20
N MET A 170 -57.86 -35.19 -52.37
CA MET A 170 -58.09 -35.84 -53.66
C MET A 170 -59.55 -35.66 -54.05
N ALA A 171 -59.79 -35.38 -55.34
CA ALA A 171 -61.12 -35.09 -55.84
C ALA A 171 -61.27 -35.44 -57.31
N CYS A 172 -62.32 -36.21 -57.63
CA CYS A 172 -62.58 -36.63 -59.01
C CYS A 172 -63.27 -35.52 -59.79
N THR A 173 -62.84 -35.30 -61.04
CA THR A 173 -63.39 -34.23 -61.89
C THR A 173 -64.82 -34.54 -62.36
N HIS A 174 -65.07 -35.78 -62.78
CA HIS A 174 -66.41 -36.20 -63.22
C HIS A 174 -67.33 -36.38 -62.01
N ALA A 175 -68.61 -36.03 -62.19
CA ALA A 175 -69.57 -35.96 -61.09
C ALA A 175 -70.22 -37.30 -60.75
N SER A 176 -70.79 -37.94 -61.77
CA SER A 176 -71.72 -39.06 -61.57
C SER A 176 -71.09 -40.46 -61.42
N ASN A 177 -69.77 -40.56 -61.26
CA ASN A 177 -69.13 -41.86 -61.00
C ASN A 177 -67.77 -41.76 -60.30
N PRO A 178 -67.38 -42.82 -59.54
CA PRO A 178 -66.14 -42.78 -58.77
C PRO A 178 -64.94 -43.37 -59.51
N VAL A 179 -63.77 -43.23 -58.89
CA VAL A 179 -62.55 -43.91 -59.32
C VAL A 179 -61.76 -44.35 -58.09
N TYR A 180 -61.04 -45.47 -58.21
CA TYR A 180 -60.19 -45.94 -57.12
C TYR A 180 -58.77 -45.42 -57.30
N ALA A 181 -58.06 -45.28 -56.19
CA ALA A 181 -56.65 -44.87 -56.20
C ALA A 181 -55.86 -45.70 -55.18
N THR A 182 -55.13 -46.69 -55.68
CA THR A 182 -54.23 -47.49 -54.85
C THR A 182 -52.91 -46.75 -54.80
N LEU A 183 -52.61 -46.18 -53.63
CA LEU A 183 -51.48 -45.26 -53.49
C LEU A 183 -50.67 -45.55 -52.25
N LYS A 184 -49.36 -45.71 -52.45
CA LYS A 184 -48.39 -45.57 -51.39
C LYS A 184 -48.02 -44.09 -51.34
N ILE A 185 -48.46 -43.42 -50.28
CA ILE A 185 -47.98 -42.10 -49.93
C ILE A 185 -46.88 -42.36 -48.92
N ARG A 186 -45.64 -42.01 -49.29
CA ARG A 186 -44.50 -42.15 -48.40
C ARG A 186 -43.98 -40.77 -48.02
N ILE A 187 -43.44 -40.66 -46.80
CA ILE A 187 -42.99 -39.39 -46.25
C ILE A 187 -41.69 -39.60 -45.48
N TYR A 188 -40.72 -38.72 -45.74
CA TYR A 188 -39.37 -38.81 -45.19
C TYR A 188 -39.12 -37.65 -44.25
N PHE A 189 -38.78 -37.96 -42.99
CA PHE A 189 -38.60 -36.92 -41.98
C PHE A 189 -37.40 -37.13 -41.06
N TYR A 190 -37.07 -36.05 -40.34
CA TYR A 190 -35.98 -36.02 -39.37
C TYR A 190 -36.47 -35.36 -38.08
N ASP A 191 -35.95 -35.83 -36.96
CA ASP A 191 -36.33 -35.32 -35.65
C ASP A 191 -35.67 -33.96 -35.38
N SER A 192 -36.45 -33.04 -34.83
CA SER A 192 -35.99 -31.67 -34.60
C SER A 192 -35.15 -31.53 -33.34
N VAL A 193 -34.14 -30.69 -33.41
CA VAL A 193 -33.26 -30.36 -32.27
C VAL A 193 -33.75 -29.08 -31.57
N GLN A 194 -34.51 -28.23 -32.26
CA GLN A 194 -34.87 -26.91 -31.76
C GLN A 194 -35.93 -26.95 -30.65
N ASN A 195 -35.81 -26.04 -29.70
CA ASN A 195 -36.79 -25.84 -28.61
C ASN A 195 -37.01 -27.05 -27.70
N PRO C 1 -37.79 6.52 -39.26
CA PRO C 1 -37.91 5.41 -38.31
C PRO C 1 -39.31 5.23 -37.67
N ASP C 2 -40.26 6.14 -37.94
CA ASP C 2 -41.57 6.12 -37.28
C ASP C 2 -42.44 4.94 -37.67
N VAL C 3 -42.82 4.87 -38.95
CA VAL C 3 -43.69 3.79 -39.44
C VAL C 3 -42.89 2.47 -39.55
N PRO C 4 -43.49 1.32 -39.15
CA PRO C 4 -42.80 0.04 -39.31
C PRO C 4 -42.78 -0.46 -40.77
N LYS C 5 -42.06 -1.56 -40.99
CA LYS C 5 -41.96 -2.16 -42.33
C LYS C 5 -43.25 -2.86 -42.73
N GLY C 6 -43.52 -2.90 -44.03
CA GLY C 6 -44.70 -3.57 -44.58
C GLY C 6 -46.03 -2.90 -44.31
N CYS C 7 -46.00 -1.66 -43.80
CA CYS C 7 -47.21 -0.94 -43.41
C CYS C 7 -47.01 0.56 -43.59
N GLU C 8 -48.11 1.27 -43.81
CA GLU C 8 -48.04 2.67 -44.22
C GLU C 8 -49.27 3.45 -43.78
N GLY C 9 -49.13 4.77 -43.77
CA GLY C 9 -50.24 5.68 -43.48
C GLY C 9 -50.07 6.30 -42.12
N PRO C 10 -51.04 7.14 -41.71
CA PRO C 10 -50.97 7.78 -40.39
C PRO C 10 -51.10 6.78 -39.25
N CYS C 11 -50.42 7.05 -38.15
CA CYS C 11 -50.48 6.22 -36.95
C CYS C 11 -51.86 6.32 -36.32
N LYS C 12 -52.64 5.24 -36.40
CA LYS C 12 -54.02 5.24 -35.90
C LYS C 12 -54.08 4.71 -34.47
N VAL C 13 -54.89 5.37 -33.65
CA VAL C 13 -55.11 4.99 -32.25
C VAL C 13 -56.34 4.11 -32.12
N GLN C 14 -56.42 3.36 -31.02
CA GLN C 14 -57.69 2.75 -30.61
C GLN C 14 -57.69 2.54 -29.09
N SER C 15 -58.74 3.02 -28.43
CA SER C 15 -58.80 3.06 -26.96
C SER C 15 -59.82 2.08 -26.38
N TYR C 16 -59.53 1.59 -25.17
CA TYR C 16 -60.47 0.74 -24.42
C TYR C 16 -60.59 1.24 -22.99
N GLU C 17 -61.27 2.37 -22.82
CA GLU C 17 -61.51 2.94 -21.50
C GLU C 17 -62.54 2.11 -20.77
N GLN C 18 -62.15 1.48 -19.65
CA GLN C 18 -63.08 0.62 -18.92
C GLN C 18 -62.68 0.38 -17.46
N ARG C 19 -63.69 0.17 -16.61
CA ARG C 19 -63.50 -0.29 -15.23
C ARG C 19 -63.62 -1.81 -15.21
N HIS C 20 -62.47 -2.49 -15.10
CA HIS C 20 -62.43 -3.94 -15.05
C HIS C 20 -62.49 -4.40 -13.59
N ASP C 21 -63.50 -5.20 -13.25
CA ASP C 21 -63.59 -5.81 -11.92
C ASP C 21 -62.81 -7.13 -11.91
N ILE C 22 -61.74 -7.17 -11.11
CA ILE C 22 -60.77 -8.28 -11.17
C ILE C 22 -61.11 -9.33 -10.12
N SER C 23 -60.79 -10.58 -10.43
CA SER C 23 -61.00 -11.72 -9.54
C SER C 23 -59.75 -12.60 -9.48
N HIS C 24 -59.81 -13.63 -8.63
CA HIS C 24 -58.76 -14.65 -8.54
C HIS C 24 -58.76 -15.57 -9.75
N VAL C 25 -59.94 -15.80 -10.34
CA VAL C 25 -60.09 -16.68 -11.50
C VAL C 25 -59.43 -16.07 -12.74
N GLY C 26 -59.55 -14.75 -12.88
CA GLY C 26 -58.81 -13.99 -13.88
C GLY C 26 -59.68 -13.51 -15.03
N LYS C 27 -59.48 -12.26 -15.42
CA LYS C 27 -60.23 -11.62 -16.50
C LYS C 27 -59.36 -11.48 -17.75
N VAL C 28 -60.02 -11.45 -18.91
CA VAL C 28 -59.35 -11.35 -20.21
C VAL C 28 -59.96 -10.21 -21.01
N LEU C 29 -59.14 -9.56 -21.85
CA LEU C 29 -59.70 -8.77 -22.96
C LEU C 29 -58.73 -8.70 -24.14
N CYS C 30 -59.29 -8.66 -25.35
CA CYS C 30 -58.49 -8.56 -26.56
C CYS C 30 -58.13 -7.12 -26.81
N VAL C 31 -56.83 -6.82 -26.81
CA VAL C 31 -56.37 -5.44 -26.99
C VAL C 31 -56.28 -5.03 -28.47
N SER C 32 -56.11 -6.01 -29.37
CA SER C 32 -56.03 -5.75 -30.82
C SER C 32 -57.36 -6.00 -31.52
N ASP C 33 -58.39 -5.28 -31.07
CA ASP C 33 -59.73 -5.30 -31.70
C ASP C 33 -59.93 -4.00 -32.48
N VAL C 34 -59.75 -4.07 -33.80
CA VAL C 34 -59.89 -2.92 -34.67
C VAL C 34 -60.99 -3.21 -35.70
N THR C 35 -62.01 -2.35 -35.74
CA THR C 35 -63.04 -2.44 -36.78
C THR C 35 -62.50 -1.92 -38.10
N ARG C 36 -63.03 -2.44 -39.22
CA ARG C 36 -62.59 -2.02 -40.56
C ARG C 36 -63.58 -1.04 -41.16
N GLY C 37 -63.02 -0.04 -41.84
CA GLY C 37 -63.84 0.96 -42.50
C GLY C 37 -63.07 2.18 -42.93
N ASN C 38 -63.74 3.03 -43.69
CA ASN C 38 -63.18 4.30 -44.13
C ASN C 38 -62.90 5.29 -42.99
N GLY C 39 -63.65 5.18 -41.89
CA GLY C 39 -63.54 6.11 -40.75
C GLY C 39 -62.19 6.21 -40.07
N LEU C 40 -62.02 7.25 -39.26
CA LEU C 40 -60.81 7.42 -38.44
C LEU C 40 -60.83 6.39 -37.30
N THR C 41 -59.65 5.92 -36.90
CA THR C 41 -59.49 4.82 -35.93
C THR C 41 -60.14 3.49 -36.40
N HIS C 42 -60.17 3.29 -37.70
CA HIS C 42 -60.59 2.03 -38.31
C HIS C 42 -59.40 1.48 -39.09
N ARG C 43 -59.40 0.17 -39.34
CA ARG C 43 -58.45 -0.44 -40.27
C ARG C 43 -59.00 -0.32 -41.69
N VAL C 44 -58.10 -0.36 -42.67
CA VAL C 44 -58.45 -0.24 -44.08
C VAL C 44 -58.64 -1.63 -44.68
N GLY C 45 -57.62 -2.46 -44.53
CA GLY C 45 -57.64 -3.85 -45.01
C GLY C 45 -57.63 -4.84 -43.85
N LYS C 46 -57.43 -6.11 -44.19
CA LYS C 46 -57.41 -7.17 -43.20
C LYS C 46 -56.11 -7.21 -42.38
N ARG C 47 -55.04 -6.62 -42.91
CA ARG C 47 -53.71 -6.68 -42.27
C ARG C 47 -53.24 -5.33 -41.73
N PHE C 48 -52.82 -5.33 -40.47
CA PHE C 48 -52.17 -4.16 -39.89
C PHE C 48 -51.16 -4.51 -38.81
N CYS C 49 -50.29 -3.55 -38.53
CA CYS C 49 -49.23 -3.68 -37.54
C CYS C 49 -49.52 -2.78 -36.34
N VAL C 50 -49.70 -3.41 -35.18
CA VAL C 50 -49.73 -2.71 -33.90
C VAL C 50 -48.29 -2.43 -33.51
N LYS C 51 -47.91 -1.16 -33.43
CA LYS C 51 -46.54 -0.81 -33.06
C LYS C 51 -46.36 -0.81 -31.56
N SER C 52 -47.24 -0.11 -30.85
CA SER C 52 -47.10 0.08 -29.41
C SER C 52 -48.44 0.11 -28.68
N VAL C 53 -48.43 -0.42 -27.46
CA VAL C 53 -49.57 -0.41 -26.56
C VAL C 53 -49.22 0.49 -25.39
N TYR C 54 -50.20 1.29 -24.96
CA TYR C 54 -50.04 2.21 -23.83
C TYR C 54 -51.16 1.91 -22.85
N VAL C 55 -50.82 1.17 -21.81
CA VAL C 55 -51.74 0.87 -20.73
C VAL C 55 -51.56 1.98 -19.71
N LEU C 56 -52.65 2.64 -19.33
CA LEU C 56 -52.58 3.58 -18.20
C LEU C 56 -53.89 3.72 -17.47
N GLY C 57 -53.79 4.03 -16.18
CA GLY C 57 -54.96 4.18 -15.33
C GLY C 57 -54.64 3.86 -13.89
N LYS C 58 -55.58 3.19 -13.22
CA LYS C 58 -55.50 2.98 -11.79
C LYS C 58 -56.14 1.65 -11.40
N ILE C 59 -55.51 0.98 -10.43
CA ILE C 59 -56.11 -0.18 -9.77
C ILE C 59 -56.46 0.27 -8.35
N TRP C 60 -57.63 -0.13 -7.87
CA TRP C 60 -58.13 0.36 -6.59
C TRP C 60 -59.12 -0.57 -5.89
N MET C 61 -59.26 -0.32 -4.58
CA MET C 61 -60.04 -1.14 -3.68
C MET C 61 -61.38 -0.48 -3.37
N ASP C 62 -62.42 -1.30 -3.22
CA ASP C 62 -63.77 -0.82 -2.89
C ASP C 62 -63.84 -0.36 -1.43
N GLU C 63 -64.85 0.44 -1.10
CA GLU C 63 -64.98 1.06 0.24
C GLU C 63 -65.24 0.08 1.40
N ASN C 64 -66.05 -0.95 1.15
CA ASN C 64 -66.27 -2.01 2.14
C ASN C 64 -65.10 -3.00 2.25
N ILE C 65 -64.36 -3.16 1.14
CA ILE C 65 -63.22 -4.10 1.09
C ILE C 65 -61.97 -3.49 1.72
N LYS C 66 -61.71 -2.21 1.47
CA LYS C 66 -60.49 -1.53 1.97
C LYS C 66 -60.30 -1.53 3.49
N THR C 67 -61.39 -1.66 4.25
CA THR C 67 -61.30 -1.80 5.71
C THR C 67 -60.57 -3.08 6.13
N LYS C 68 -60.82 -4.17 5.39
CA LYS C 68 -60.24 -5.49 5.71
C LYS C 68 -58.74 -5.51 5.42
N ASN C 69 -57.95 -5.97 6.40
CA ASN C 69 -56.49 -5.98 6.26
C ASN C 69 -56.00 -7.14 5.38
N HIS C 70 -55.47 -6.79 4.22
CA HIS C 70 -54.86 -7.75 3.29
C HIS C 70 -54.02 -7.03 2.25
N THR C 71 -53.39 -7.80 1.37
CA THR C 71 -52.69 -7.26 0.21
C THR C 71 -53.06 -8.05 -1.02
N ASN C 72 -53.19 -7.37 -2.16
CA ASN C 72 -53.34 -8.04 -3.45
C ASN C 72 -52.69 -7.30 -4.58
N THR C 73 -52.07 -8.06 -5.48
CA THR C 73 -51.47 -7.52 -6.69
C THR C 73 -52.23 -8.04 -7.90
N VAL C 74 -52.11 -7.33 -9.01
CA VAL C 74 -52.56 -7.83 -10.31
C VAL C 74 -51.39 -7.86 -11.27
N MET C 75 -51.43 -8.81 -12.20
CA MET C 75 -50.26 -9.24 -12.96
C MET C 75 -50.11 -8.56 -14.33
N PHE C 76 -51.25 -8.35 -15.01
CA PHE C 76 -51.28 -7.74 -16.34
C PHE C 76 -50.40 -8.48 -17.36
N TYR C 77 -50.78 -9.71 -17.69
CA TYR C 77 -50.10 -10.47 -18.72
C TYR C 77 -50.58 -10.03 -20.10
N LEU C 78 -49.73 -9.29 -20.82
CA LEU C 78 -49.97 -9.00 -22.24
C LEU C 78 -49.36 -10.13 -23.05
N VAL C 79 -50.22 -11.00 -23.60
CA VAL C 79 -49.78 -12.16 -24.35
C VAL C 79 -50.25 -12.10 -25.79
N ARG C 80 -49.36 -12.41 -26.73
CA ARG C 80 -49.76 -12.60 -28.12
C ARG C 80 -50.10 -14.06 -28.24
N ASP C 81 -51.22 -14.37 -28.89
CA ASP C 81 -51.51 -15.74 -29.25
C ASP C 81 -51.60 -15.86 -30.77
N ARG C 82 -50.77 -16.73 -31.31
CA ARG C 82 -50.87 -17.15 -32.69
C ARG C 82 -52.05 -18.11 -32.72
N ARG C 83 -52.61 -18.35 -33.90
CA ARG C 83 -53.72 -19.31 -34.04
C ARG C 83 -54.94 -19.06 -33.13
N PRO C 84 -55.47 -17.82 -33.12
CA PRO C 84 -56.68 -17.55 -32.35
C PRO C 84 -57.92 -18.17 -33.02
N PHE C 85 -58.71 -18.91 -32.24
CA PHE C 85 -59.89 -19.62 -32.74
C PHE C 85 -61.08 -19.45 -31.79
N GLY C 86 -62.27 -19.23 -32.36
CA GLY C 86 -63.51 -19.14 -31.58
C GLY C 86 -63.50 -18.03 -30.55
N THR C 87 -63.95 -18.34 -29.33
CA THR C 87 -63.88 -17.42 -28.19
C THR C 87 -62.46 -17.42 -27.61
N ALA C 88 -62.10 -16.33 -26.93
CA ALA C 88 -60.81 -16.23 -26.26
C ALA C 88 -60.79 -17.13 -25.03
N MET C 89 -59.73 -17.93 -24.90
CA MET C 89 -59.61 -18.87 -23.78
C MET C 89 -59.48 -18.14 -22.46
N ASP C 90 -59.95 -18.78 -21.40
CA ASP C 90 -59.92 -18.23 -20.05
C ASP C 90 -58.49 -18.28 -19.49
N PHE C 91 -58.17 -17.34 -18.60
CA PHE C 91 -56.87 -17.26 -17.94
C PHE C 91 -56.47 -18.59 -17.29
N GLY C 92 -57.40 -19.20 -16.56
CA GLY C 92 -57.16 -20.46 -15.87
C GLY C 92 -56.73 -21.63 -16.74
N GLN C 93 -57.31 -21.72 -17.93
CA GLN C 93 -57.06 -22.84 -18.85
C GLN C 93 -55.93 -22.60 -19.88
N VAL C 94 -55.47 -21.36 -20.03
CA VAL C 94 -54.27 -21.05 -20.83
C VAL C 94 -53.02 -21.20 -19.97
N PHE C 95 -53.05 -20.57 -18.80
CA PHE C 95 -51.91 -20.57 -17.90
C PHE C 95 -51.91 -21.80 -16.99
N ASN C 96 -50.81 -22.54 -17.04
CA ASN C 96 -50.51 -23.55 -16.04
C ASN C 96 -50.07 -22.84 -14.76
N MET C 97 -50.59 -23.32 -13.63
CA MET C 97 -50.35 -22.74 -12.32
C MET C 97 -50.82 -23.67 -11.19
N TYR C 98 -50.17 -23.56 -10.04
CA TYR C 98 -50.52 -24.37 -8.86
C TYR C 98 -51.73 -23.80 -8.13
N ASP C 99 -52.80 -24.59 -8.04
CA ASP C 99 -53.99 -24.23 -7.24
C ASP C 99 -54.62 -22.89 -7.68
N ASN C 100 -54.72 -22.69 -8.99
CA ASN C 100 -55.32 -21.49 -9.58
C ASN C 100 -54.71 -20.17 -9.09
N GLU C 101 -53.38 -20.15 -9.00
CA GLU C 101 -52.64 -19.03 -8.42
C GLU C 101 -51.90 -18.22 -9.49
N PRO C 102 -52.28 -16.94 -9.69
CA PRO C 102 -51.67 -16.16 -10.79
C PRO C 102 -50.18 -15.84 -10.66
N SER C 103 -49.66 -15.76 -9.43
CA SER C 103 -48.24 -15.49 -9.21
C SER C 103 -47.32 -16.63 -9.69
N THR C 104 -47.83 -17.87 -9.64
CA THR C 104 -47.09 -19.05 -10.12
C THR C 104 -47.30 -19.36 -11.61
N ALA C 105 -48.00 -18.48 -12.32
CA ALA C 105 -48.56 -18.81 -13.63
C ALA C 105 -47.54 -18.76 -14.78
N THR C 106 -47.56 -19.80 -15.62
CA THR C 106 -46.88 -19.75 -16.94
C THR C 106 -47.78 -20.41 -17.98
N ILE C 107 -47.44 -20.27 -19.26
CA ILE C 107 -48.30 -20.78 -20.34
C ILE C 107 -48.33 -22.32 -20.29
N LYS C 108 -49.47 -22.93 -20.60
CA LYS C 108 -49.61 -24.40 -20.58
C LYS C 108 -48.70 -25.10 -21.59
N ASN C 109 -48.38 -26.35 -21.28
CA ASN C 109 -47.41 -27.14 -22.05
C ASN C 109 -47.85 -27.42 -23.49
N ASP C 110 -49.12 -27.78 -23.66
CA ASP C 110 -49.69 -28.09 -24.99
C ASP C 110 -49.68 -26.89 -25.92
N LEU C 111 -50.06 -25.74 -25.39
CA LEU C 111 -50.31 -24.53 -26.19
C LEU C 111 -49.31 -23.43 -25.82
N ARG C 112 -48.06 -23.86 -25.61
CA ARG C 112 -46.92 -22.99 -25.37
C ARG C 112 -46.42 -22.41 -26.69
N ASP C 113 -46.52 -23.22 -27.75
CA ASP C 113 -46.23 -22.80 -29.11
C ASP C 113 -47.26 -21.78 -29.62
N ARG C 114 -48.51 -21.89 -29.16
CA ARG C 114 -49.60 -21.00 -29.55
C ARG C 114 -49.51 -19.60 -28.91
N TYR C 115 -49.41 -19.59 -27.57
CA TYR C 115 -49.40 -18.35 -26.77
C TYR C 115 -48.00 -17.99 -26.32
N GLN C 116 -47.67 -16.70 -26.38
CA GLN C 116 -46.41 -16.18 -25.81
C GLN C 116 -46.68 -14.90 -25.04
N VAL C 117 -45.98 -14.76 -23.91
CA VAL C 117 -46.10 -13.62 -23.04
C VAL C 117 -45.14 -12.53 -23.51
N LEU C 118 -45.69 -11.37 -23.91
CA LEU C 118 -44.87 -10.24 -24.34
C LEU C 118 -44.47 -9.38 -23.15
N ARG C 119 -45.41 -9.12 -22.26
CA ARG C 119 -45.14 -8.36 -21.02
C ARG C 119 -45.93 -8.90 -19.84
N LYS C 120 -45.35 -8.80 -18.65
CA LYS C 120 -46.09 -8.92 -17.39
C LYS C 120 -45.62 -7.78 -16.48
N PHE C 121 -46.53 -7.24 -15.68
CA PHE C 121 -46.16 -6.14 -14.78
C PHE C 121 -47.08 -6.03 -13.55
N THR C 122 -46.52 -6.34 -12.38
CA THR C 122 -47.27 -6.42 -11.14
C THR C 122 -47.69 -5.03 -10.65
N SER C 123 -48.94 -4.90 -10.19
CA SER C 123 -49.40 -3.68 -9.51
C SER C 123 -50.11 -4.06 -8.22
N THR C 124 -49.66 -3.49 -7.10
CA THR C 124 -50.01 -3.96 -5.75
C THR C 124 -50.83 -2.95 -4.96
N VAL C 125 -51.80 -3.46 -4.20
CA VAL C 125 -52.73 -2.65 -3.39
C VAL C 125 -52.91 -3.34 -2.05
N THR C 126 -52.95 -2.55 -0.97
CA THR C 126 -53.07 -3.07 0.39
C THR C 126 -54.26 -2.45 1.12
N GLY C 127 -55.08 -3.31 1.74
CA GLY C 127 -56.20 -2.89 2.58
C GLY C 127 -55.78 -2.73 4.03
N GLY C 128 -56.55 -1.93 4.76
CA GLY C 128 -56.31 -1.72 6.19
C GLY C 128 -57.43 -0.91 6.84
N GLN C 129 -57.83 -1.31 8.05
CA GLN C 129 -58.90 -0.64 8.79
C GLN C 129 -58.58 0.82 9.10
N TYR C 130 -57.43 1.05 9.72
CA TYR C 130 -57.01 2.39 10.13
C TYR C 130 -56.04 3.08 9.15
N ALA C 131 -55.34 2.31 8.32
CA ALA C 131 -54.37 2.85 7.38
C ALA C 131 -54.20 1.95 6.16
N SER C 132 -54.88 2.32 5.08
CA SER C 132 -54.89 1.54 3.84
C SER C 132 -54.03 2.19 2.75
N LYS C 133 -53.69 1.39 1.74
CA LYS C 133 -53.22 1.89 0.45
C LYS C 133 -54.32 1.55 -0.56
N GLU C 134 -55.39 2.35 -0.51
CA GLU C 134 -56.60 2.14 -1.30
C GLU C 134 -56.37 1.83 -2.78
N GLN C 135 -55.38 2.49 -3.38
CA GLN C 135 -55.17 2.47 -4.82
C GLN C 135 -53.70 2.52 -5.22
N ALA C 136 -53.44 2.12 -6.47
CA ALA C 136 -52.13 2.19 -7.09
C ALA C 136 -52.29 2.54 -8.57
N LEU C 137 -51.37 3.36 -9.07
CA LEU C 137 -51.43 3.89 -10.43
C LEU C 137 -50.67 2.99 -11.40
N VAL C 138 -51.23 2.84 -12.59
CA VAL C 138 -50.63 2.08 -13.68
C VAL C 138 -50.31 3.05 -14.81
N LYS C 139 -49.06 3.01 -15.28
CA LYS C 139 -48.64 3.79 -16.44
C LYS C 139 -47.52 3.05 -17.17
N LYS C 140 -47.93 2.13 -18.03
CA LYS C 140 -47.02 1.25 -18.73
C LYS C 140 -47.20 1.39 -20.24
N PHE C 141 -46.23 2.05 -20.87
CA PHE C 141 -46.07 2.07 -22.32
C PHE C 141 -45.23 0.88 -22.69
N MET C 142 -45.49 0.30 -23.87
CA MET C 142 -44.79 -0.90 -24.32
C MET C 142 -44.82 -1.02 -25.84
N LYS C 143 -43.62 -1.07 -26.41
CA LYS C 143 -43.42 -1.12 -27.86
C LYS C 143 -43.30 -2.57 -28.28
N ILE C 144 -44.26 -3.04 -29.08
CA ILE C 144 -44.34 -4.46 -29.48
C ILE C 144 -44.85 -4.60 -30.91
N ASN C 145 -43.92 -4.55 -31.87
CA ASN C 145 -44.29 -4.59 -33.29
C ASN C 145 -44.98 -5.91 -33.66
N ASN C 146 -46.31 -5.86 -33.67
CA ASN C 146 -47.16 -7.04 -33.79
C ASN C 146 -48.07 -6.93 -35.01
N TYR C 147 -47.83 -7.78 -36.01
CA TYR C 147 -48.62 -7.79 -37.25
C TYR C 147 -49.80 -8.75 -37.09
N VAL C 148 -51.02 -8.25 -37.28
CA VAL C 148 -52.22 -9.10 -37.17
C VAL C 148 -52.95 -9.24 -38.51
N VAL C 149 -53.79 -10.26 -38.60
CA VAL C 149 -54.53 -10.57 -39.82
C VAL C 149 -55.99 -10.89 -39.48
N TYR C 150 -56.91 -10.23 -40.19
CA TYR C 150 -58.35 -10.41 -40.00
C TYR C 150 -58.99 -11.26 -41.10
N ASN C 151 -60.27 -11.57 -40.90
CA ASN C 151 -61.09 -12.25 -41.91
C ASN C 151 -61.60 -11.27 -42.96
N HIS C 152 -62.35 -11.80 -43.93
CA HIS C 152 -63.06 -10.98 -44.90
C HIS C 152 -64.06 -10.02 -44.25
N GLN C 153 -64.67 -10.43 -43.15
CA GLN C 153 -65.67 -9.61 -42.45
C GLN C 153 -65.00 -8.66 -41.46
N GLU C 154 -65.82 -7.79 -40.86
CA GLU C 154 -65.32 -6.81 -39.89
C GLU C 154 -66.34 -6.49 -38.78
N ALA C 155 -65.92 -6.70 -37.54
CA ALA C 155 -66.69 -6.25 -36.37
C ALA C 155 -65.85 -5.98 -35.11
N ALA C 156 -64.53 -5.88 -35.24
CA ALA C 156 -63.61 -5.72 -34.10
C ALA C 156 -63.83 -6.74 -32.97
N LYS C 157 -63.98 -8.01 -33.34
CA LYS C 157 -64.17 -9.11 -32.37
C LYS C 157 -63.02 -10.09 -32.45
N TYR C 158 -62.78 -10.79 -31.34
CA TYR C 158 -61.70 -11.79 -31.26
C TYR C 158 -61.84 -12.90 -32.31
N ASP C 159 -63.08 -13.32 -32.57
CA ASP C 159 -63.37 -14.34 -33.58
C ASP C 159 -62.96 -13.91 -34.99
N ASN C 160 -63.13 -12.64 -35.29
CA ASN C 160 -62.88 -12.10 -36.64
C ASN C 160 -61.41 -12.02 -37.08
N HIS C 161 -60.44 -12.21 -36.17
CA HIS C 161 -59.03 -12.30 -36.59
C HIS C 161 -58.38 -13.65 -36.40
N THR C 162 -57.39 -13.90 -37.26
CA THR C 162 -56.83 -15.23 -37.48
C THR C 162 -55.30 -15.28 -37.40
N GLU C 163 -54.68 -14.26 -36.78
CA GLU C 163 -53.22 -14.23 -36.62
C GLU C 163 -52.79 -13.20 -35.57
N ASN C 164 -51.93 -13.63 -34.64
CA ASN C 164 -51.30 -12.77 -33.64
C ASN C 164 -52.29 -11.87 -32.89
N ALA C 165 -53.32 -12.50 -32.34
CA ALA C 165 -54.26 -11.80 -31.47
C ALA C 165 -53.56 -11.41 -30.18
N LEU C 166 -53.60 -10.11 -29.84
CA LEU C 166 -53.01 -9.60 -28.61
C LEU C 166 -54.05 -9.57 -27.50
N LEU C 167 -53.80 -10.33 -26.43
CA LEU C 167 -54.71 -10.45 -25.31
C LEU C 167 -54.07 -9.93 -24.03
N LEU C 168 -54.85 -9.16 -23.26
CA LEU C 168 -54.48 -8.76 -21.91
C LEU C 168 -55.24 -9.63 -20.91
N TYR C 169 -54.48 -10.29 -20.04
CA TYR C 169 -54.98 -11.18 -19.01
C TYR C 169 -54.65 -10.59 -17.65
N MET C 170 -55.67 -10.36 -16.84
CA MET C 170 -55.52 -9.82 -15.48
C MET C 170 -55.96 -10.86 -14.47
N ALA C 171 -55.38 -10.80 -13.28
CA ALA C 171 -55.71 -11.74 -12.21
C ALA C 171 -55.26 -11.21 -10.84
N CYS C 172 -56.20 -11.17 -9.89
CA CYS C 172 -55.93 -10.72 -8.54
C CYS C 172 -55.22 -11.82 -7.76
N THR C 173 -54.18 -11.46 -7.01
CA THR C 173 -53.36 -12.44 -6.29
C THR C 173 -54.08 -13.03 -5.06
N HIS C 174 -54.75 -12.18 -4.29
CA HIS C 174 -55.51 -12.62 -3.12
C HIS C 174 -56.80 -13.31 -3.53
N ALA C 175 -57.12 -14.42 -2.87
CA ALA C 175 -58.19 -15.32 -3.31
C ALA C 175 -59.58 -14.81 -2.99
N SER C 176 -59.78 -14.30 -1.77
CA SER C 176 -61.11 -14.01 -1.25
C SER C 176 -61.76 -12.79 -1.93
N ASN C 177 -61.20 -11.61 -1.72
CA ASN C 177 -61.85 -10.34 -2.11
C ASN C 177 -61.32 -9.76 -3.43
N PRO C 178 -62.19 -9.02 -4.17
CA PRO C 178 -61.82 -8.48 -5.48
C PRO C 178 -61.22 -7.09 -5.40
N VAL C 179 -60.81 -6.58 -6.57
CA VAL C 179 -60.37 -5.20 -6.74
C VAL C 179 -60.84 -4.66 -8.09
N TYR C 180 -60.96 -3.34 -8.18
CA TYR C 180 -61.34 -2.69 -9.44
C TYR C 180 -60.11 -2.14 -10.13
N ALA C 181 -60.20 -2.00 -11.46
CA ALA C 181 -59.12 -1.40 -12.25
C ALA C 181 -59.70 -0.54 -13.37
N THR C 182 -59.66 0.79 -13.16
CA THR C 182 -60.06 1.75 -14.19
C THR C 182 -58.88 1.93 -15.11
N LEU C 183 -59.03 1.46 -16.34
CA LEU C 183 -57.92 1.44 -17.29
C LEU C 183 -58.31 1.97 -18.66
N LYS C 184 -57.40 2.79 -19.19
CA LYS C 184 -57.33 3.12 -20.60
C LYS C 184 -56.20 2.28 -21.18
N ILE C 185 -56.58 1.34 -22.04
CA ILE C 185 -55.64 0.60 -22.87
C ILE C 185 -55.70 1.29 -24.22
N ARG C 186 -54.57 1.84 -24.67
CA ARG C 186 -54.52 2.55 -25.94
C ARG C 186 -53.54 1.88 -26.90
N ILE C 187 -54.07 1.33 -28.00
CA ILE C 187 -53.25 0.62 -28.99
C ILE C 187 -52.97 1.51 -30.20
N TYR C 188 -51.71 1.54 -30.61
CA TYR C 188 -51.24 2.34 -31.75
C TYR C 188 -50.88 1.45 -32.92
N PHE C 189 -51.48 1.69 -34.09
CA PHE C 189 -51.28 0.80 -35.24
C PHE C 189 -51.21 1.50 -36.61
N TYR C 190 -50.70 0.76 -37.58
CA TYR C 190 -50.58 1.20 -38.97
C TYR C 190 -51.10 0.13 -39.92
N ASP C 191 -51.72 0.55 -41.01
CA ASP C 191 -52.33 -0.37 -41.98
C ASP C 191 -51.27 -1.01 -42.88
N SER C 192 -51.40 -2.32 -43.12
CA SER C 192 -50.38 -3.07 -43.86
C SER C 192 -50.51 -2.90 -45.38
N VAL C 193 -49.37 -2.82 -46.05
CA VAL C 193 -49.29 -2.81 -47.51
C VAL C 193 -49.08 -4.22 -48.07
N GLN C 194 -48.54 -5.12 -47.26
CA GLN C 194 -48.23 -6.49 -47.69
C GLN C 194 -49.47 -7.31 -48.04
N ASN C 195 -49.30 -8.27 -48.94
CA ASN C 195 -50.35 -9.21 -49.39
C ASN C 195 -51.51 -8.53 -50.10
N PRO E 1 -24.96 -20.60 -29.21
CA PRO E 1 -25.23 -19.87 -27.96
C PRO E 1 -26.33 -20.48 -27.08
N ASP E 2 -27.32 -21.14 -27.68
CA ASP E 2 -28.46 -21.69 -26.94
C ASP E 2 -28.09 -22.92 -26.11
N VAL E 3 -27.71 -24.01 -26.78
CA VAL E 3 -27.38 -25.27 -26.09
C VAL E 3 -26.02 -25.15 -25.38
N PRO E 4 -25.88 -25.75 -24.16
CA PRO E 4 -24.56 -25.75 -23.51
C PRO E 4 -23.57 -26.71 -24.16
N LYS E 5 -22.35 -26.74 -23.63
CA LYS E 5 -21.31 -27.65 -24.12
C LYS E 5 -21.65 -29.11 -23.82
N GLY E 6 -21.22 -29.98 -24.73
CA GLY E 6 -21.42 -31.43 -24.59
C GLY E 6 -22.86 -31.88 -24.48
N CYS E 7 -23.77 -31.16 -25.13
CA CYS E 7 -25.21 -31.40 -25.02
C CYS E 7 -25.93 -31.33 -26.36
N GLU E 8 -27.14 -31.89 -26.37
CA GLU E 8 -27.87 -32.16 -27.61
C GLU E 8 -29.36 -31.94 -27.39
N GLY E 9 -30.08 -31.80 -28.50
CA GLY E 9 -31.53 -31.94 -28.51
C GLY E 9 -32.26 -30.73 -27.98
N PRO E 10 -33.59 -30.83 -27.86
CA PRO E 10 -34.41 -29.71 -27.40
C PRO E 10 -34.23 -29.41 -25.90
N CYS E 11 -34.42 -28.14 -25.56
CA CYS E 11 -34.39 -27.68 -24.16
C CYS E 11 -35.61 -28.23 -23.41
N LYS E 12 -35.41 -29.32 -22.68
CA LYS E 12 -36.50 -29.96 -21.95
C LYS E 12 -36.73 -29.27 -20.61
N VAL E 13 -38.00 -29.11 -20.25
CA VAL E 13 -38.40 -28.47 -19.00
C VAL E 13 -38.74 -29.51 -17.94
N GLN E 14 -38.72 -29.11 -16.68
CA GLN E 14 -39.31 -29.93 -15.61
C GLN E 14 -39.78 -29.03 -14.47
N SER E 15 -41.03 -29.21 -14.04
CA SER E 15 -41.68 -28.32 -13.08
C SER E 15 -41.93 -28.99 -11.73
N TYR E 16 -41.88 -28.19 -10.66
CA TYR E 16 -42.20 -28.66 -9.29
C TYR E 16 -43.19 -27.69 -8.64
N GLU E 17 -44.41 -27.72 -9.16
CA GLU E 17 -45.49 -26.87 -8.66
C GLU E 17 -45.92 -27.39 -7.29
N GLN E 18 -45.72 -26.59 -6.24
CA GLN E 18 -46.07 -27.05 -4.88
C GLN E 18 -46.24 -25.91 -3.87
N ARG E 19 -47.08 -26.17 -2.85
CA ARG E 19 -47.20 -25.30 -1.67
C ARG E 19 -46.32 -25.87 -0.56
N HIS E 20 -45.23 -25.17 -0.25
CA HIS E 20 -44.30 -25.60 0.79
C HIS E 20 -44.59 -24.87 2.08
N ASP E 21 -44.79 -25.62 3.18
CA ASP E 21 -44.96 -25.03 4.51
C ASP E 21 -43.59 -24.86 5.19
N ILE E 22 -43.15 -23.61 5.31
CA ILE E 22 -41.78 -23.31 5.75
C ILE E 22 -41.73 -23.16 7.27
N SER E 23 -40.58 -23.50 7.84
CA SER E 23 -40.33 -23.38 9.28
C SER E 23 -38.97 -22.74 9.57
N HIS E 24 -38.67 -22.59 10.85
CA HIS E 24 -37.36 -22.12 11.32
C HIS E 24 -36.30 -23.22 11.21
N VAL E 25 -36.73 -24.48 11.29
CA VAL E 25 -35.83 -25.63 11.17
C VAL E 25 -35.25 -25.73 9.75
N GLY E 26 -36.09 -25.47 8.75
CA GLY E 26 -35.66 -25.40 7.36
C GLY E 26 -36.15 -26.60 6.56
N LYS E 27 -36.63 -26.33 5.35
CA LYS E 27 -37.14 -27.36 4.43
C LYS E 27 -36.19 -27.49 3.24
N VAL E 28 -36.18 -28.67 2.63
CA VAL E 28 -35.30 -28.99 1.50
C VAL E 28 -36.12 -29.60 0.36
N LEU E 29 -35.71 -29.32 -0.87
CA LEU E 29 -36.13 -30.17 -2.01
C LEU E 29 -35.11 -30.17 -3.12
N CYS E 30 -34.93 -31.33 -3.74
CA CYS E 30 -34.03 -31.48 -4.88
C CYS E 30 -34.75 -31.06 -6.14
N VAL E 31 -34.20 -30.08 -6.86
CA VAL E 31 -34.83 -29.56 -8.07
C VAL E 31 -34.42 -30.32 -9.34
N SER E 32 -33.41 -31.18 -9.24
CA SER E 32 -32.90 -31.95 -10.39
C SER E 32 -33.50 -33.38 -10.50
N ASP E 33 -34.51 -33.70 -9.70
CA ASP E 33 -35.19 -35.00 -9.77
C ASP E 33 -35.96 -35.16 -11.07
N VAL E 34 -35.33 -35.78 -12.07
CA VAL E 34 -35.98 -36.04 -13.36
C VAL E 34 -35.74 -37.49 -13.78
N THR E 35 -36.80 -38.12 -14.29
CA THR E 35 -36.78 -39.54 -14.65
C THR E 35 -36.23 -39.75 -16.06
N ARG E 36 -35.67 -40.95 -16.28
CA ARG E 36 -35.15 -41.34 -17.58
C ARG E 36 -36.28 -41.97 -18.38
N GLY E 37 -36.41 -41.59 -19.65
CA GLY E 37 -37.46 -42.15 -20.49
C GLY E 37 -37.55 -41.57 -21.88
N ASN E 38 -38.25 -42.29 -22.75
CA ASN E 38 -38.50 -41.85 -24.13
C ASN E 38 -39.38 -40.60 -24.25
N GLY E 39 -40.25 -40.38 -23.26
CA GLY E 39 -41.20 -39.26 -23.29
C GLY E 39 -40.58 -37.88 -23.14
N LEU E 40 -41.42 -36.85 -23.25
CA LEU E 40 -40.99 -35.46 -23.04
C LEU E 40 -40.88 -35.20 -21.55
N THR E 41 -40.04 -34.22 -21.19
CA THR E 41 -39.70 -33.93 -19.79
C THR E 41 -39.06 -35.13 -19.06
N HIS E 42 -38.30 -35.93 -19.83
CA HIS E 42 -37.54 -37.06 -19.30
C HIS E 42 -36.11 -36.90 -19.79
N ARG E 43 -35.15 -37.40 -19.01
CA ARG E 43 -33.76 -37.50 -19.49
C ARG E 43 -33.61 -38.77 -20.34
N VAL E 44 -32.57 -38.80 -21.18
CA VAL E 44 -32.31 -39.91 -22.09
C VAL E 44 -31.17 -40.77 -21.55
N GLY E 45 -30.03 -40.13 -21.30
CA GLY E 45 -28.87 -40.80 -20.71
C GLY E 45 -28.79 -40.58 -19.21
N LYS E 46 -27.75 -41.12 -18.60
CA LYS E 46 -27.49 -40.91 -17.18
C LYS E 46 -26.99 -39.49 -16.86
N ARG E 47 -26.27 -38.88 -17.82
CA ARG E 47 -25.76 -37.51 -17.69
C ARG E 47 -26.70 -36.52 -18.36
N PHE E 48 -26.86 -35.34 -17.76
CA PHE E 48 -27.52 -34.22 -18.46
C PHE E 48 -27.12 -32.86 -17.86
N CYS E 49 -27.35 -31.78 -18.61
CA CYS E 49 -26.97 -30.44 -18.18
C CYS E 49 -28.16 -29.55 -17.91
N VAL E 50 -28.27 -29.07 -16.68
CA VAL E 50 -29.24 -28.04 -16.30
C VAL E 50 -28.64 -26.70 -16.69
N LYS E 51 -29.36 -25.93 -17.53
CA LYS E 51 -28.87 -24.62 -17.95
C LYS E 51 -29.39 -23.51 -17.04
N SER E 52 -30.64 -23.61 -16.62
CA SER E 52 -31.25 -22.54 -15.83
C SER E 52 -32.45 -23.01 -14.99
N VAL E 53 -32.62 -22.35 -13.85
CA VAL E 53 -33.71 -22.59 -12.92
C VAL E 53 -34.56 -21.32 -12.88
N TYR E 54 -35.86 -21.47 -13.02
CA TYR E 54 -36.82 -20.37 -12.95
C TYR E 54 -37.76 -20.65 -11.78
N VAL E 55 -37.48 -19.98 -10.66
CA VAL E 55 -38.31 -20.05 -9.47
C VAL E 55 -39.30 -18.91 -9.57
N LEU E 56 -40.59 -19.23 -9.59
CA LEU E 56 -41.61 -18.18 -9.53
C LEU E 56 -42.84 -18.62 -8.76
N GLY E 57 -43.42 -17.67 -8.03
CA GLY E 57 -44.57 -17.94 -7.21
C GLY E 57 -44.77 -16.88 -6.14
N LYS E 58 -45.35 -17.29 -5.03
CA LYS E 58 -45.71 -16.39 -3.95
C LYS E 58 -45.37 -17.00 -2.61
N ILE E 59 -44.99 -16.14 -1.68
CA ILE E 59 -44.84 -16.49 -0.27
C ILE E 59 -45.93 -15.75 0.49
N TRP E 60 -46.64 -16.48 1.36
CA TRP E 60 -47.82 -15.95 2.03
C TRP E 60 -48.05 -16.52 3.42
N MET E 61 -48.91 -15.82 4.16
CA MET E 61 -49.18 -16.05 5.56
C MET E 61 -50.62 -16.55 5.73
N ASP E 62 -50.84 -17.37 6.74
CA ASP E 62 -52.17 -17.94 7.03
C ASP E 62 -53.06 -16.88 7.70
N GLU E 63 -54.37 -17.15 7.75
CA GLU E 63 -55.35 -16.21 8.31
C GLU E 63 -55.23 -16.00 9.82
N ASN E 64 -55.06 -17.09 10.57
CA ASN E 64 -54.84 -17.02 12.02
C ASN E 64 -53.47 -16.46 12.42
N ILE E 65 -52.47 -16.60 11.53
CA ILE E 65 -51.11 -16.12 11.78
C ILE E 65 -50.93 -14.63 11.45
N LYS E 66 -51.52 -14.18 10.35
CA LYS E 66 -51.37 -12.79 9.87
C LYS E 66 -51.87 -11.70 10.83
N THR E 67 -52.78 -12.05 11.73
CA THR E 67 -53.23 -11.12 12.76
C THR E 67 -52.10 -10.75 13.74
N LYS E 68 -51.29 -11.75 14.11
CA LYS E 68 -50.18 -11.57 15.05
C LYS E 68 -49.09 -10.68 14.46
N ASN E 69 -48.74 -9.61 15.17
CA ASN E 69 -47.76 -8.63 14.65
C ASN E 69 -46.33 -9.15 14.71
N HIS E 70 -45.76 -9.39 13.52
CA HIS E 70 -44.38 -9.84 13.40
C HIS E 70 -43.88 -9.65 11.97
N THR E 71 -42.61 -9.95 11.76
CA THR E 71 -42.02 -10.03 10.43
C THR E 71 -41.30 -11.36 10.29
N ASN E 72 -41.25 -11.86 9.05
CA ASN E 72 -40.33 -12.93 8.72
C ASN E 72 -39.94 -12.92 7.25
N THR E 73 -38.64 -13.02 7.02
CA THR E 73 -38.08 -13.24 5.71
C THR E 73 -37.90 -14.74 5.54
N VAL E 74 -38.20 -15.23 4.33
CA VAL E 74 -37.79 -16.58 3.97
C VAL E 74 -36.50 -16.47 3.16
N MET E 75 -35.51 -17.23 3.61
CA MET E 75 -34.23 -17.39 2.93
C MET E 75 -34.37 -18.57 2.00
N PHE E 76 -34.19 -18.30 0.71
CA PHE E 76 -34.03 -19.33 -0.32
C PHE E 76 -32.55 -19.47 -0.60
N TYR E 77 -32.02 -20.67 -0.39
CA TYR E 77 -30.65 -21.04 -0.70
C TYR E 77 -30.66 -22.10 -1.78
N LEU E 78 -29.99 -21.83 -2.90
CA LEU E 78 -29.79 -22.82 -3.95
C LEU E 78 -28.37 -23.35 -3.82
N VAL E 79 -28.25 -24.62 -3.43
CA VAL E 79 -26.92 -25.24 -3.26
C VAL E 79 -26.74 -26.43 -4.18
N ARG E 80 -25.49 -26.65 -4.58
CA ARG E 80 -25.09 -27.79 -5.38
C ARG E 80 -24.15 -28.60 -4.50
N ASP E 81 -24.46 -29.89 -4.31
CA ASP E 81 -23.54 -30.81 -3.65
C ASP E 81 -22.83 -31.65 -4.70
N ARG E 82 -21.50 -31.71 -4.60
CA ARG E 82 -20.69 -32.51 -5.49
C ARG E 82 -20.83 -34.01 -5.22
N ARG E 83 -21.33 -34.36 -4.03
CA ARG E 83 -21.50 -35.76 -3.63
C ARG E 83 -22.86 -35.96 -2.97
N PRO E 84 -23.77 -36.74 -3.61
CA PRO E 84 -24.98 -37.19 -2.95
C PRO E 84 -24.83 -38.62 -2.43
N PHE E 85 -25.50 -38.94 -1.33
CA PHE E 85 -25.46 -40.28 -0.76
C PHE E 85 -26.64 -40.49 0.18
N GLY E 86 -27.50 -41.44 -0.16
CA GLY E 86 -28.72 -41.71 0.61
C GLY E 86 -29.74 -40.61 0.43
N THR E 87 -30.51 -40.32 1.49
CA THR E 87 -31.48 -39.23 1.49
C THR E 87 -30.77 -37.88 1.66
N ALA E 88 -31.45 -36.80 1.26
CA ALA E 88 -30.90 -35.45 1.33
C ALA E 88 -30.85 -34.96 2.77
N MET E 89 -29.74 -34.32 3.13
CA MET E 89 -29.53 -33.85 4.50
C MET E 89 -30.39 -32.62 4.81
N ASP E 90 -30.78 -32.51 6.07
CA ASP E 90 -31.65 -31.43 6.53
C ASP E 90 -30.87 -30.11 6.65
N PHE E 91 -31.59 -28.99 6.57
CA PHE E 91 -31.01 -27.65 6.65
C PHE E 91 -30.08 -27.42 7.86
N GLY E 92 -30.44 -28.01 9.00
CA GLY E 92 -29.65 -27.90 10.22
C GLY E 92 -28.26 -28.53 10.15
N GLN E 93 -28.15 -29.68 9.50
CA GLN E 93 -26.88 -30.44 9.44
C GLN E 93 -26.03 -30.21 8.18
N VAL E 94 -26.38 -29.21 7.37
CA VAL E 94 -25.56 -28.78 6.22
C VAL E 94 -24.97 -27.39 6.51
N PHE E 95 -25.85 -26.44 6.82
CA PHE E 95 -25.44 -25.09 7.20
C PHE E 95 -25.17 -25.03 8.70
N ASN E 96 -24.07 -24.38 9.09
CA ASN E 96 -23.83 -24.07 10.51
C ASN E 96 -24.25 -22.63 10.81
N MET E 97 -24.69 -22.41 12.04
CA MET E 97 -25.38 -21.16 12.39
C MET E 97 -25.65 -21.06 13.89
N TYR E 98 -25.73 -19.83 14.38
CA TYR E 98 -25.97 -19.58 15.81
C TYR E 98 -27.43 -19.80 16.19
N ASP E 99 -27.69 -20.82 16.99
CA ASP E 99 -29.04 -21.12 17.51
C ASP E 99 -30.06 -21.40 16.39
N ASN E 100 -29.64 -22.18 15.40
CA ASN E 100 -30.46 -22.53 14.23
C ASN E 100 -31.04 -21.33 13.48
N GLU E 101 -30.23 -20.28 13.35
CA GLU E 101 -30.65 -19.01 12.75
C GLU E 101 -30.26 -18.96 11.27
N PRO E 102 -31.25 -18.99 10.35
CA PRO E 102 -30.93 -19.08 8.93
C PRO E 102 -30.27 -17.84 8.30
N SER E 103 -30.39 -16.67 8.94
CA SER E 103 -29.71 -15.47 8.45
C SER E 103 -28.19 -15.54 8.61
N THR E 104 -27.72 -16.28 9.61
CA THR E 104 -26.28 -16.52 9.83
C THR E 104 -25.75 -17.78 9.12
N ALA E 105 -26.54 -18.36 8.22
CA ALA E 105 -26.26 -19.68 7.67
C ALA E 105 -25.20 -19.64 6.56
N THR E 106 -24.11 -20.36 6.79
CA THR E 106 -23.15 -20.73 5.76
C THR E 106 -22.87 -22.22 5.89
N ILE E 107 -22.21 -22.79 4.87
CA ILE E 107 -21.98 -24.23 4.78
C ILE E 107 -21.02 -24.69 5.90
N LYS E 108 -21.29 -25.85 6.49
CA LYS E 108 -20.41 -26.41 7.54
C LYS E 108 -18.96 -26.58 7.06
N ASN E 109 -18.04 -26.46 8.00
CA ASN E 109 -16.60 -26.52 7.72
C ASN E 109 -16.15 -27.86 7.14
N ASP E 110 -16.74 -28.95 7.61
CA ASP E 110 -16.40 -30.31 7.16
C ASP E 110 -16.76 -30.53 5.69
N LEU E 111 -18.01 -30.20 5.35
CA LEU E 111 -18.58 -30.48 4.03
C LEU E 111 -18.73 -29.19 3.21
N ARG E 112 -17.70 -28.36 3.27
CA ARG E 112 -17.61 -27.12 2.51
C ARG E 112 -17.16 -27.40 1.08
N ASP E 113 -16.28 -28.38 0.94
CA ASP E 113 -15.90 -28.93 -0.36
C ASP E 113 -17.09 -29.58 -1.06
N ARG E 114 -17.91 -30.30 -0.30
CA ARG E 114 -19.07 -31.01 -0.85
C ARG E 114 -20.14 -30.06 -1.38
N TYR E 115 -20.71 -29.24 -0.49
CA TYR E 115 -21.82 -28.33 -0.83
C TYR E 115 -21.31 -26.93 -1.18
N GLN E 116 -21.87 -26.32 -2.22
CA GLN E 116 -21.58 -24.93 -2.60
C GLN E 116 -22.88 -24.18 -2.85
N VAL E 117 -22.96 -22.95 -2.34
CA VAL E 117 -24.13 -22.09 -2.54
C VAL E 117 -23.97 -21.37 -3.88
N LEU E 118 -24.88 -21.63 -4.82
CA LEU E 118 -24.86 -21.00 -6.15
C LEU E 118 -25.56 -19.65 -6.12
N ARG E 119 -26.76 -19.63 -5.54
CA ARG E 119 -27.53 -18.40 -5.35
C ARG E 119 -28.22 -18.42 -4.00
N LYS E 120 -28.38 -17.24 -3.39
CA LYS E 120 -29.29 -17.08 -2.26
C LYS E 120 -30.18 -15.87 -2.52
N PHE E 121 -31.42 -15.93 -2.03
CA PHE E 121 -32.32 -14.77 -2.13
C PHE E 121 -33.39 -14.80 -1.04
N THR E 122 -33.77 -13.61 -0.60
CA THR E 122 -34.67 -13.45 0.55
C THR E 122 -36.08 -13.07 0.08
N SER E 123 -37.07 -13.27 0.95
CA SER E 123 -38.41 -12.73 0.70
C SER E 123 -39.13 -12.39 2.01
N THR E 124 -39.33 -11.09 2.25
CA THR E 124 -39.92 -10.59 3.50
C THR E 124 -41.45 -10.63 3.49
N VAL E 125 -42.04 -10.95 4.64
CA VAL E 125 -43.49 -10.87 4.85
C VAL E 125 -43.74 -10.36 6.27
N THR E 126 -44.69 -9.44 6.42
CA THR E 126 -45.00 -8.81 7.71
C THR E 126 -46.47 -9.00 8.08
N GLY E 127 -46.70 -9.65 9.21
CA GLY E 127 -48.04 -9.79 9.78
C GLY E 127 -48.41 -8.60 10.64
N GLY E 128 -49.70 -8.36 10.78
CA GLY E 128 -50.23 -7.28 11.63
C GLY E 128 -51.74 -7.37 11.79
N GLN E 129 -52.23 -7.03 12.98
CA GLN E 129 -53.65 -7.12 13.30
C GLN E 129 -54.53 -6.26 12.42
N TYR E 130 -54.22 -4.96 12.34
CA TYR E 130 -55.03 -3.98 11.59
C TYR E 130 -54.46 -3.62 10.22
N ALA E 131 -53.15 -3.83 10.01
CA ALA E 131 -52.51 -3.55 8.72
C ALA E 131 -51.35 -4.52 8.51
N SER E 132 -51.41 -5.27 7.40
CA SER E 132 -50.48 -6.35 7.15
C SER E 132 -49.92 -6.31 5.74
N LYS E 133 -48.74 -6.90 5.57
CA LYS E 133 -48.19 -7.23 4.24
C LYS E 133 -48.28 -8.74 4.12
N GLU E 134 -49.50 -9.23 3.93
CA GLU E 134 -49.85 -10.65 3.92
C GLU E 134 -48.92 -11.54 3.08
N GLN E 135 -48.55 -11.05 1.90
CA GLN E 135 -47.83 -11.86 0.92
C GLN E 135 -46.75 -11.11 0.16
N ALA E 136 -45.88 -11.86 -0.49
CA ALA E 136 -44.85 -11.31 -1.37
C ALA E 136 -44.62 -12.23 -2.57
N LEU E 137 -44.37 -11.64 -3.73
CA LEU E 137 -44.22 -12.38 -4.98
C LEU E 137 -42.76 -12.69 -5.25
N VAL E 138 -42.44 -13.98 -5.30
CA VAL E 138 -41.09 -14.45 -5.64
C VAL E 138 -41.02 -14.65 -7.15
N LYS E 139 -40.08 -13.95 -7.79
CA LYS E 139 -39.77 -14.18 -9.19
C LYS E 139 -38.27 -14.13 -9.36
N LYS E 140 -37.69 -15.22 -9.85
CA LYS E 140 -36.24 -15.37 -9.91
C LYS E 140 -35.84 -16.35 -11.02
N PHE E 141 -35.20 -15.82 -12.06
CA PHE E 141 -34.59 -16.63 -13.11
C PHE E 141 -33.09 -16.64 -12.86
N MET E 142 -32.54 -17.85 -12.70
CA MET E 142 -31.13 -18.03 -12.37
C MET E 142 -30.51 -18.97 -13.39
N LYS E 143 -29.51 -18.48 -14.11
CA LYS E 143 -28.79 -19.28 -15.09
C LYS E 143 -27.55 -19.88 -14.43
N ILE E 144 -27.40 -21.20 -14.56
CA ILE E 144 -26.24 -21.93 -14.04
C ILE E 144 -25.91 -23.11 -14.97
N ASN E 145 -24.66 -23.18 -15.45
CA ASN E 145 -24.24 -24.31 -16.27
C ASN E 145 -23.83 -25.47 -15.39
N ASN E 146 -24.81 -26.31 -15.03
CA ASN E 146 -24.62 -27.39 -14.07
C ASN E 146 -24.86 -28.77 -14.69
N TYR E 147 -23.80 -29.58 -14.80
CA TYR E 147 -23.88 -30.93 -15.34
C TYR E 147 -24.15 -31.91 -14.21
N VAL E 148 -25.20 -32.72 -14.34
CA VAL E 148 -25.56 -33.72 -13.33
C VAL E 148 -25.62 -35.13 -13.93
N VAL E 149 -25.39 -36.10 -13.05
CA VAL E 149 -25.22 -37.50 -13.41
C VAL E 149 -26.11 -38.39 -12.53
N TYR E 150 -26.58 -39.50 -13.11
CA TYR E 150 -27.45 -40.45 -12.40
C TYR E 150 -26.89 -41.87 -12.39
N ASN E 151 -27.55 -42.74 -11.63
CA ASN E 151 -27.27 -44.17 -11.64
C ASN E 151 -27.87 -44.82 -12.88
N HIS E 152 -27.63 -46.12 -13.04
CA HIS E 152 -28.25 -46.89 -14.11
C HIS E 152 -29.77 -46.94 -13.94
N GLN E 153 -30.27 -47.00 -12.70
CA GLN E 153 -31.70 -47.07 -12.43
C GLN E 153 -32.35 -45.70 -12.52
N GLU E 154 -33.63 -45.69 -12.88
CA GLU E 154 -34.32 -44.50 -13.38
C GLU E 154 -35.65 -44.26 -12.65
N ALA E 155 -35.59 -43.53 -11.54
CA ALA E 155 -36.77 -43.24 -10.73
C ALA E 155 -36.95 -41.78 -10.28
N ALA E 156 -36.09 -40.87 -10.75
CA ALA E 156 -36.18 -39.44 -10.40
C ALA E 156 -36.20 -39.15 -8.89
N LYS E 157 -35.12 -39.55 -8.21
CA LYS E 157 -34.97 -39.31 -6.78
C LYS E 157 -33.55 -38.84 -6.46
N TYR E 158 -33.40 -38.22 -5.29
CA TYR E 158 -32.10 -37.79 -4.80
C TYR E 158 -31.14 -38.96 -4.58
N ASP E 159 -31.71 -40.13 -4.25
CA ASP E 159 -30.92 -41.37 -4.08
C ASP E 159 -30.24 -41.82 -5.38
N ASN E 160 -30.92 -41.65 -6.51
CA ASN E 160 -30.39 -42.05 -7.81
C ASN E 160 -29.30 -41.14 -8.38
N HIS E 161 -29.11 -39.96 -7.77
CA HIS E 161 -28.07 -39.04 -8.20
C HIS E 161 -26.66 -39.55 -7.97
N THR E 162 -25.73 -39.02 -8.78
CA THR E 162 -24.30 -39.06 -8.47
C THR E 162 -23.68 -37.78 -9.02
N GLU E 163 -22.50 -37.43 -8.53
CA GLU E 163 -21.84 -36.16 -8.87
C GLU E 163 -22.75 -34.97 -8.42
N ASN E 164 -23.11 -34.04 -9.31
CA ASN E 164 -23.81 -32.82 -8.89
C ASN E 164 -25.30 -33.05 -8.74
N ALA E 165 -25.92 -32.26 -7.87
CA ALA E 165 -27.37 -32.31 -7.66
C ALA E 165 -27.84 -30.99 -7.07
N LEU E 166 -28.80 -30.35 -7.75
CA LEU E 166 -29.28 -29.04 -7.33
C LEU E 166 -30.34 -29.17 -6.24
N LEU E 167 -29.97 -28.70 -5.04
CA LEU E 167 -30.85 -28.70 -3.89
C LEU E 167 -31.29 -27.27 -3.56
N LEU E 168 -32.60 -27.09 -3.37
CA LEU E 168 -33.16 -25.83 -2.88
C LEU E 168 -33.54 -26.00 -1.41
N TYR E 169 -32.91 -25.18 -0.57
CA TYR E 169 -33.15 -25.14 0.87
C TYR E 169 -33.88 -23.85 1.19
N MET E 170 -35.02 -23.97 1.89
CA MET E 170 -35.87 -22.83 2.21
C MET E 170 -36.00 -22.73 3.71
N ALA E 171 -35.79 -21.53 4.28
CA ALA E 171 -35.83 -21.38 5.74
C ALA E 171 -36.48 -20.07 6.19
N CYS E 172 -37.41 -20.15 7.15
CA CYS E 172 -38.06 -18.95 7.70
C CYS E 172 -37.19 -18.34 8.79
N THR E 173 -37.05 -17.02 8.75
CA THR E 173 -36.16 -16.30 9.68
C THR E 173 -36.73 -16.18 11.10
N HIS E 174 -38.05 -15.96 11.21
CA HIS E 174 -38.73 -15.91 12.51
C HIS E 174 -38.85 -17.30 13.13
N ALA E 175 -38.76 -17.36 14.46
CA ALA E 175 -38.65 -18.62 15.18
C ALA E 175 -39.98 -19.38 15.28
N SER E 176 -40.97 -18.76 15.91
CA SER E 176 -42.21 -19.43 16.28
C SER E 176 -43.12 -19.74 15.09
N ASN E 177 -43.80 -18.72 14.55
CA ASN E 177 -44.84 -18.93 13.53
C ASN E 177 -44.29 -19.30 12.14
N PRO E 178 -45.07 -20.07 11.35
CA PRO E 178 -44.64 -20.49 10.01
C PRO E 178 -45.22 -19.61 8.90
N VAL E 179 -44.80 -19.88 7.68
CA VAL E 179 -45.39 -19.29 6.47
C VAL E 179 -45.48 -20.32 5.35
N TYR E 180 -46.37 -20.06 4.40
CA TYR E 180 -46.50 -20.89 3.20
C TYR E 180 -45.76 -20.25 2.03
N ALA E 181 -45.28 -21.10 1.12
CA ALA E 181 -44.70 -20.65 -0.14
C ALA E 181 -45.27 -21.49 -1.28
N THR E 182 -46.20 -20.90 -2.03
CA THR E 182 -46.75 -21.53 -3.24
C THR E 182 -45.80 -21.21 -4.37
N LEU E 183 -45.08 -22.24 -4.84
CA LEU E 183 -44.00 -22.04 -5.80
C LEU E 183 -44.06 -23.00 -6.97
N LYS E 184 -43.73 -22.45 -8.13
CA LYS E 184 -43.34 -23.22 -9.30
C LYS E 184 -41.83 -23.05 -9.44
N ILE E 185 -41.12 -24.17 -9.28
CA ILE E 185 -39.70 -24.26 -9.56
C ILE E 185 -39.63 -24.94 -10.91
N ARG E 186 -39.07 -24.25 -11.90
CA ARG E 186 -38.99 -24.81 -13.27
C ARG E 186 -37.53 -24.93 -13.72
N ILE E 187 -37.08 -26.17 -13.87
CA ILE E 187 -35.71 -26.45 -14.31
C ILE E 187 -35.67 -26.66 -15.83
N TYR E 188 -34.70 -26.02 -16.49
CA TYR E 188 -34.49 -26.13 -17.94
C TYR E 188 -33.19 -26.88 -18.23
N PHE E 189 -33.31 -28.05 -18.86
CA PHE E 189 -32.15 -28.92 -19.07
C PHE E 189 -32.04 -29.51 -20.47
N TYR E 190 -30.83 -29.98 -20.77
CA TYR E 190 -30.48 -30.58 -22.05
C TYR E 190 -29.78 -31.91 -21.82
N ASP E 191 -30.02 -32.86 -22.73
CA ASP E 191 -29.43 -34.19 -22.63
C ASP E 191 -27.99 -34.17 -23.15
N SER E 192 -27.12 -34.89 -22.45
CA SER E 192 -25.67 -34.82 -22.65
C SER E 192 -25.14 -35.86 -23.64
N VAL E 193 -24.05 -35.49 -24.30
CA VAL E 193 -23.33 -36.37 -25.23
C VAL E 193 -22.03 -36.94 -24.63
N GLN E 194 -21.51 -36.28 -23.58
CA GLN E 194 -20.20 -36.64 -23.00
C GLN E 194 -20.24 -38.03 -22.34
N ASN E 195 -19.37 -38.92 -22.80
CA ASN E 195 -19.24 -40.30 -22.30
C ASN E 195 -20.54 -41.10 -22.34
N PRO G 1 -3.88 -13.25 -8.11
CA PRO G 1 -4.86 -12.29 -7.58
C PRO G 1 -5.49 -12.67 -6.23
N ASP G 2 -5.50 -13.96 -5.88
CA ASP G 2 -6.19 -14.43 -4.67
C ASP G 2 -5.45 -14.05 -3.39
N VAL G 3 -4.25 -14.58 -3.20
CA VAL G 3 -3.47 -14.34 -1.98
C VAL G 3 -2.92 -12.90 -1.97
N PRO G 4 -2.90 -12.23 -0.78
CA PRO G 4 -2.27 -10.91 -0.70
C PRO G 4 -0.75 -10.95 -0.80
N LYS G 5 -0.13 -9.76 -0.86
CA LYS G 5 1.33 -9.64 -0.93
C LYS G 5 1.99 -10.05 0.38
N GLY G 6 3.11 -10.75 0.27
CA GLY G 6 3.87 -11.20 1.43
C GLY G 6 3.16 -12.21 2.31
N CYS G 7 2.35 -13.08 1.70
CA CYS G 7 1.53 -14.04 2.44
C CYS G 7 1.51 -15.42 1.78
N GLU G 8 1.70 -16.46 2.60
CA GLU G 8 1.79 -17.83 2.12
C GLU G 8 0.42 -18.49 2.20
N GLY G 9 0.32 -19.67 1.59
CA GLY G 9 -0.59 -20.71 2.06
C GLY G 9 -2.05 -20.50 1.77
N PRO G 10 -2.90 -21.39 2.31
CA PRO G 10 -4.33 -21.35 2.04
C PRO G 10 -5.03 -20.25 2.82
N CYS G 11 -6.18 -19.82 2.31
CA CYS G 11 -7.02 -18.84 2.99
C CYS G 11 -7.64 -19.50 4.21
N LYS G 12 -7.30 -18.97 5.40
CA LYS G 12 -7.83 -19.51 6.65
C LYS G 12 -8.99 -18.65 7.13
N VAL G 13 -10.05 -19.31 7.59
CA VAL G 13 -11.26 -18.65 8.09
C VAL G 13 -11.21 -18.55 9.61
N GLN G 14 -11.98 -17.61 10.16
CA GLN G 14 -12.26 -17.61 11.60
C GLN G 14 -13.61 -16.95 11.87
N SER G 15 -14.47 -17.61 12.66
CA SER G 15 -15.85 -17.17 12.88
C SER G 15 -16.08 -16.71 14.32
N TYR G 16 -17.06 -15.81 14.49
CA TYR G 16 -17.50 -15.34 15.81
C TYR G 16 -19.03 -15.34 15.88
N GLU G 17 -19.59 -16.54 15.86
CA GLU G 17 -21.04 -16.71 15.93
C GLU G 17 -21.51 -16.37 17.34
N GLN G 18 -22.33 -15.32 17.45
CA GLN G 18 -22.71 -14.78 18.75
C GLN G 18 -23.98 -13.91 18.69
N ARG G 19 -24.72 -13.90 19.80
CA ARG G 19 -25.82 -12.97 20.00
C ARG G 19 -25.35 -11.83 20.90
N HIS G 20 -25.17 -10.65 20.31
CA HIS G 20 -24.79 -9.46 21.06
C HIS G 20 -26.04 -8.72 21.50
N ASP G 21 -26.01 -8.19 22.72
CA ASP G 21 -27.09 -7.36 23.26
C ASP G 21 -26.64 -5.90 23.21
N ILE G 22 -27.09 -5.17 22.19
CA ILE G 22 -26.63 -3.80 21.96
C ILE G 22 -27.48 -2.81 22.74
N SER G 23 -26.82 -1.81 23.30
CA SER G 23 -27.45 -0.72 24.04
C SER G 23 -27.00 0.63 23.46
N HIS G 24 -27.34 1.72 24.14
CA HIS G 24 -26.97 3.07 23.70
C HIS G 24 -25.47 3.35 23.86
N VAL G 25 -24.88 2.92 24.99
CA VAL G 25 -23.47 3.17 25.27
C VAL G 25 -22.53 2.48 24.27
N GLY G 26 -22.88 1.26 23.86
CA GLY G 26 -22.21 0.58 22.75
C GLY G 26 -21.26 -0.54 23.13
N LYS G 27 -21.29 -1.62 22.35
CA LYS G 27 -20.41 -2.77 22.52
C LYS G 27 -19.23 -2.71 21.57
N VAL G 28 -18.18 -3.44 21.93
CA VAL G 28 -16.98 -3.61 21.11
C VAL G 28 -16.69 -5.10 20.97
N LEU G 29 -16.13 -5.48 19.82
CA LEU G 29 -15.72 -6.87 19.56
C LEU G 29 -14.44 -6.89 18.74
N CYS G 30 -13.41 -7.54 19.25
CA CYS G 30 -12.17 -7.70 18.49
C CYS G 30 -12.35 -8.83 17.46
N VAL G 31 -12.30 -8.45 16.18
CA VAL G 31 -12.53 -9.37 15.07
C VAL G 31 -11.24 -10.10 14.67
N SER G 32 -10.08 -9.48 14.89
CA SER G 32 -8.80 -10.05 14.51
C SER G 32 -8.18 -11.06 15.51
N ASP G 33 -8.96 -11.53 16.48
CA ASP G 33 -8.53 -12.59 17.40
C ASP G 33 -8.30 -13.91 16.66
N VAL G 34 -7.09 -14.46 16.79
CA VAL G 34 -6.83 -15.81 16.30
C VAL G 34 -5.62 -16.41 17.01
N THR G 35 -5.79 -17.65 17.48
CA THR G 35 -4.76 -18.34 18.24
C THR G 35 -3.65 -18.87 17.32
N ARG G 36 -2.46 -19.02 17.88
CA ARG G 36 -1.31 -19.56 17.18
C ARG G 36 -1.29 -21.07 17.34
N GLY G 37 -1.06 -21.78 16.24
CA GLY G 37 -1.02 -23.24 16.28
C GLY G 37 -0.95 -23.91 14.94
N ASN G 38 -0.67 -25.21 14.97
CA ASN G 38 -0.61 -26.04 13.76
C ASN G 38 -2.00 -26.39 13.19
N GLY G 39 -3.06 -26.23 13.99
CA GLY G 39 -4.42 -26.55 13.55
C GLY G 39 -4.99 -25.60 12.52
N LEU G 40 -6.07 -26.03 11.87
CA LEU G 40 -6.80 -25.20 10.91
C LEU G 40 -7.56 -24.11 11.65
N THR G 41 -7.61 -22.92 11.06
CA THR G 41 -8.10 -21.69 11.73
C THR G 41 -7.22 -21.26 12.90
N HIS G 42 -5.90 -21.46 12.75
CA HIS G 42 -4.90 -20.91 13.65
C HIS G 42 -3.89 -20.13 12.80
N ARG G 43 -3.25 -19.13 13.39
CA ARG G 43 -2.09 -18.49 12.77
C ARG G 43 -0.85 -19.33 13.05
N VAL G 44 0.17 -19.20 12.20
CA VAL G 44 1.43 -19.94 12.35
C VAL G 44 2.46 -19.01 12.99
N GLY G 45 2.75 -17.91 12.30
CA GLY G 45 3.68 -16.90 12.79
C GLY G 45 2.95 -15.85 13.60
N LYS G 46 3.65 -14.75 13.86
CA LYS G 46 3.06 -13.61 14.57
C LYS G 46 2.39 -12.59 13.64
N ARG G 47 2.60 -12.74 12.32
CA ARG G 47 2.08 -11.82 11.31
C ARG G 47 1.14 -12.50 10.33
N PHE G 48 -0.04 -11.91 10.14
CA PHE G 48 -0.97 -12.36 9.11
C PHE G 48 -1.77 -11.22 8.53
N CYS G 49 -2.19 -11.41 7.28
CA CYS G 49 -3.00 -10.43 6.58
C CYS G 49 -4.44 -10.91 6.58
N VAL G 50 -5.31 -10.09 7.16
CA VAL G 50 -6.74 -10.26 7.02
C VAL G 50 -7.12 -9.67 5.68
N LYS G 51 -7.61 -10.51 4.77
CA LYS G 51 -8.01 -10.03 3.45
C LYS G 51 -9.41 -9.43 3.48
N SER G 52 -10.35 -10.16 4.07
CA SER G 52 -11.75 -9.76 4.05
C SER G 52 -12.54 -10.21 5.27
N VAL G 53 -13.56 -9.41 5.60
CA VAL G 53 -14.47 -9.64 6.71
C VAL G 53 -15.89 -9.75 6.17
N TYR G 54 -16.53 -10.88 6.42
CA TYR G 54 -17.91 -11.12 6.00
C TYR G 54 -18.78 -11.14 7.26
N VAL G 55 -19.51 -10.06 7.47
CA VAL G 55 -20.48 -9.93 8.56
C VAL G 55 -21.84 -10.32 7.99
N LEU G 56 -22.49 -11.30 8.61
CA LEU G 56 -23.87 -11.61 8.25
C LEU G 56 -24.67 -12.17 9.41
N GLY G 57 -25.95 -11.80 9.43
CA GLY G 57 -26.85 -12.25 10.49
C GLY G 57 -28.10 -11.42 10.57
N LYS G 58 -28.68 -11.36 11.77
CA LYS G 58 -29.95 -10.69 12.00
C LYS G 58 -29.82 -9.75 13.19
N ILE G 59 -30.46 -8.59 13.07
CA ILE G 59 -30.63 -7.65 14.17
C ILE G 59 -32.12 -7.63 14.50
N TRP G 60 -32.45 -7.88 15.77
CA TRP G 60 -33.84 -8.12 16.16
C TRP G 60 -34.19 -7.61 17.54
N MET G 61 -35.50 -7.56 17.79
CA MET G 61 -36.09 -6.97 18.99
C MET G 61 -36.71 -8.07 19.84
N ASP G 62 -36.75 -7.85 21.15
CA ASP G 62 -37.34 -8.79 22.10
C ASP G 62 -38.88 -8.72 22.03
N GLU G 63 -39.56 -9.73 22.56
CA GLU G 63 -41.03 -9.81 22.54
C GLU G 63 -41.73 -8.73 23.37
N ASN G 64 -41.18 -8.43 24.55
CA ASN G 64 -41.72 -7.35 25.40
C ASN G 64 -41.40 -5.94 24.88
N ILE G 65 -40.27 -5.77 24.18
CA ILE G 65 -39.83 -4.47 23.68
C ILE G 65 -40.57 -4.07 22.38
N LYS G 66 -40.73 -5.02 21.46
CA LYS G 66 -41.35 -4.76 20.15
C LYS G 66 -42.76 -4.16 20.17
N THR G 67 -43.52 -4.41 21.23
CA THR G 67 -44.84 -3.80 21.42
C THR G 67 -44.77 -2.27 21.55
N LYS G 68 -43.74 -1.78 22.25
CA LYS G 68 -43.53 -0.35 22.45
C LYS G 68 -43.07 0.32 21.14
N ASN G 69 -43.83 1.32 20.68
CA ASN G 69 -43.54 1.96 19.39
C ASN G 69 -42.31 2.88 19.47
N HIS G 70 -41.30 2.55 18.66
CA HIS G 70 -40.08 3.35 18.57
C HIS G 70 -39.31 2.92 17.32
N THR G 71 -38.14 3.50 17.10
CA THR G 71 -37.23 3.07 16.04
C THR G 71 -35.80 3.09 16.54
N ASN G 72 -34.99 2.17 16.02
CA ASN G 72 -33.54 2.23 16.27
C ASN G 72 -32.71 1.56 15.18
N THR G 73 -31.62 2.23 14.82
CA THR G 73 -30.59 1.66 13.98
C THR G 73 -29.42 1.30 14.89
N VAL G 74 -28.70 0.24 14.51
CA VAL G 74 -27.45 -0.12 15.16
C VAL G 74 -26.33 0.36 14.26
N MET G 75 -25.50 1.27 14.78
CA MET G 75 -24.39 1.82 14.02
C MET G 75 -23.21 0.84 14.10
N PHE G 76 -23.08 0.00 13.09
CA PHE G 76 -21.90 -0.87 12.95
C PHE G 76 -20.74 -0.02 12.44
N TYR G 77 -19.67 0.06 13.23
CA TYR G 77 -18.40 0.64 12.81
C TYR G 77 -17.36 -0.46 12.83
N LEU G 78 -16.56 -0.55 11.77
CA LEU G 78 -15.40 -1.44 11.74
C LEU G 78 -14.15 -0.56 11.74
N VAL G 79 -13.55 -0.39 12.92
CA VAL G 79 -12.34 0.43 13.04
C VAL G 79 -11.11 -0.43 13.18
N ARG G 80 -9.97 0.15 12.82
CA ARG G 80 -8.68 -0.49 13.00
C ARG G 80 -7.86 0.40 13.90
N ASP G 81 -7.30 -0.15 14.97
CA ASP G 81 -6.34 0.62 15.77
C ASP G 81 -4.92 0.17 15.44
N ARG G 82 -4.04 1.15 15.24
CA ARG G 82 -2.64 0.90 14.91
C ARG G 82 -1.77 0.64 16.14
N ARG G 83 -2.29 0.89 17.34
CA ARG G 83 -1.51 0.77 18.57
C ARG G 83 -2.34 0.25 19.74
N PRO G 84 -2.64 -1.06 19.76
CA PRO G 84 -3.36 -1.66 20.88
C PRO G 84 -2.52 -1.80 22.13
N PHE G 85 -3.10 -1.47 23.28
CA PHE G 85 -2.43 -1.58 24.56
C PHE G 85 -3.47 -1.83 25.65
N GLY G 86 -3.26 -2.89 26.44
CA GLY G 86 -4.21 -3.28 27.47
C GLY G 86 -5.48 -3.85 26.87
N THR G 87 -6.61 -3.63 27.54
CA THR G 87 -7.92 -4.08 27.06
C THR G 87 -8.48 -3.14 25.98
N ALA G 88 -9.50 -3.62 25.28
CA ALA G 88 -10.15 -2.84 24.22
C ALA G 88 -10.96 -1.71 24.82
N MET G 89 -10.74 -0.49 24.32
CA MET G 89 -11.39 0.70 24.88
C MET G 89 -12.87 0.75 24.50
N ASP G 90 -13.65 1.39 25.37
CA ASP G 90 -15.11 1.44 25.23
C ASP G 90 -15.51 2.44 24.13
N PHE G 91 -16.69 2.23 23.57
CA PHE G 91 -17.23 3.07 22.49
C PHE G 91 -17.28 4.57 22.84
N GLY G 92 -17.68 4.88 24.07
CA GLY G 92 -17.74 6.26 24.54
C GLY G 92 -16.41 6.99 24.62
N GLN G 93 -15.34 6.25 24.90
CA GLN G 93 -13.99 6.83 25.07
C GLN G 93 -13.05 6.63 23.85
N VAL G 94 -13.62 6.30 22.70
CA VAL G 94 -12.90 6.31 21.41
C VAL G 94 -13.57 7.31 20.46
N PHE G 95 -14.86 7.12 20.23
CA PHE G 95 -15.67 8.06 19.45
C PHE G 95 -16.14 9.20 20.35
N ASN G 96 -15.99 10.44 19.90
CA ASN G 96 -16.60 11.59 20.60
C ASN G 96 -17.89 11.99 19.91
N MET G 97 -18.82 12.54 20.69
CA MET G 97 -20.20 12.71 20.25
C MET G 97 -21.03 13.49 21.26
N TYR G 98 -22.09 14.14 20.80
CA TYR G 98 -22.99 14.91 21.64
C TYR G 98 -23.94 13.99 22.39
N ASP G 99 -23.93 14.05 23.73
CA ASP G 99 -24.85 13.29 24.58
C ASP G 99 -24.76 11.76 24.38
N ASN G 100 -23.54 11.27 24.15
CA ASN G 100 -23.28 9.84 23.88
C ASN G 100 -24.13 9.26 22.73
N GLU G 101 -24.30 10.06 21.67
CA GLU G 101 -25.18 9.74 20.54
C GLU G 101 -24.37 9.12 19.39
N PRO G 102 -24.60 7.84 19.07
CA PRO G 102 -23.78 7.18 18.04
C PRO G 102 -23.96 7.68 16.59
N SER G 103 -25.04 8.38 16.29
CA SER G 103 -25.23 8.97 14.95
C SER G 103 -24.28 10.15 14.70
N THR G 104 -23.88 10.85 15.76
CA THR G 104 -22.89 11.96 15.67
C THR G 104 -21.48 11.49 16.04
N ALA G 105 -21.15 10.23 15.77
CA ALA G 105 -19.92 9.62 16.25
C ALA G 105 -18.79 9.70 15.23
N THR G 106 -17.72 10.40 15.61
CA THR G 106 -16.44 10.35 14.90
C THR G 106 -15.34 10.09 15.93
N ILE G 107 -14.16 9.72 15.43
CA ILE G 107 -13.03 9.34 16.27
C ILE G 107 -12.55 10.57 17.05
N LYS G 108 -12.16 10.37 18.31
CA LYS G 108 -11.68 11.48 19.15
C LYS G 108 -10.49 12.22 18.54
N ASN G 109 -10.37 13.49 18.92
CA ASN G 109 -9.38 14.39 18.34
C ASN G 109 -7.93 13.94 18.56
N ASP G 110 -7.65 13.43 19.76
CA ASP G 110 -6.29 13.00 20.12
C ASP G 110 -5.89 11.70 19.44
N LEU G 111 -6.75 10.69 19.56
CA LEU G 111 -6.44 9.34 19.08
C LEU G 111 -7.03 9.06 17.68
N ARG G 112 -6.89 10.07 16.81
CA ARG G 112 -7.34 10.02 15.42
C ARG G 112 -6.27 9.38 14.53
N ASP G 113 -5.01 9.56 14.93
CA ASP G 113 -3.88 8.85 14.35
C ASP G 113 -3.91 7.34 14.65
N ARG G 114 -4.35 6.98 15.85
CA ARG G 114 -4.37 5.59 16.30
C ARG G 114 -5.47 4.78 15.62
N TYR G 115 -6.71 5.28 15.71
CA TYR G 115 -7.90 4.61 15.19
C TYR G 115 -8.35 5.22 13.86
N GLN G 116 -8.76 4.36 12.93
CA GLN G 116 -9.44 4.79 11.70
C GLN G 116 -10.64 3.91 11.44
N VAL G 117 -11.71 4.52 10.94
CA VAL G 117 -12.93 3.81 10.58
C VAL G 117 -12.76 3.28 9.16
N LEU G 118 -12.73 1.95 9.00
CA LEU G 118 -12.58 1.32 7.68
C LEU G 118 -13.92 1.27 6.96
N ARG G 119 -14.95 0.81 7.67
CA ARG G 119 -16.32 0.80 7.16
C ARG G 119 -17.29 1.20 8.27
N LYS G 120 -18.39 1.84 7.89
CA LYS G 120 -19.54 1.98 8.77
C LYS G 120 -20.79 1.55 8.02
N PHE G 121 -21.74 0.96 8.74
CA PHE G 121 -23.05 0.63 8.15
C PHE G 121 -24.12 0.51 9.24
N THR G 122 -25.38 0.49 8.80
CA THR G 122 -26.52 0.56 9.70
C THR G 122 -27.57 -0.50 9.38
N SER G 123 -28.55 -0.65 10.28
CA SER G 123 -29.70 -1.52 10.06
C SER G 123 -30.86 -1.11 10.96
N THR G 124 -31.84 -0.41 10.39
CA THR G 124 -32.98 0.11 11.14
C THR G 124 -34.00 -0.97 11.52
N VAL G 125 -34.55 -0.84 12.72
CA VAL G 125 -35.60 -1.73 13.24
C VAL G 125 -36.63 -0.87 13.96
N THR G 126 -37.91 -1.18 13.76
CA THR G 126 -39.01 -0.41 14.35
C THR G 126 -39.87 -1.27 15.27
N GLY G 127 -40.38 -0.65 16.33
CA GLY G 127 -41.38 -1.26 17.21
C GLY G 127 -42.78 -0.94 16.75
N GLY G 128 -43.76 -1.30 17.57
CA GLY G 128 -45.18 -1.08 17.26
C GLY G 128 -46.07 -2.11 17.93
N GLN G 129 -47.11 -1.64 18.63
CA GLN G 129 -48.06 -2.52 19.31
C GLN G 129 -48.81 -3.43 18.34
N TYR G 130 -49.41 -2.85 17.32
CA TYR G 130 -50.23 -3.59 16.35
C TYR G 130 -49.51 -3.97 15.05
N ALA G 131 -48.42 -3.28 14.74
CA ALA G 131 -47.65 -3.56 13.52
C ALA G 131 -46.21 -3.09 13.68
N SER G 132 -45.27 -4.04 13.67
CA SER G 132 -43.86 -3.78 13.94
C SER G 132 -42.95 -4.44 12.91
N LYS G 133 -41.87 -3.75 12.56
CA LYS G 133 -40.77 -4.35 11.79
C LYS G 133 -39.77 -4.93 12.79
N GLU G 134 -40.13 -6.10 13.33
CA GLU G 134 -39.40 -6.76 14.41
C GLU G 134 -37.90 -6.93 14.19
N GLN G 135 -37.52 -7.28 12.96
CA GLN G 135 -36.13 -7.67 12.65
C GLN G 135 -35.64 -7.10 11.33
N ALA G 136 -34.31 -7.11 11.18
CA ALA G 136 -33.66 -6.74 9.92
C ALA G 136 -32.42 -7.61 9.69
N LEU G 137 -32.12 -7.85 8.42
CA LEU G 137 -31.07 -8.80 8.03
C LEU G 137 -29.81 -8.04 7.62
N VAL G 138 -28.72 -8.32 8.34
CA VAL G 138 -27.41 -7.78 8.01
C VAL G 138 -26.69 -8.77 7.10
N LYS G 139 -26.25 -8.28 5.94
CA LYS G 139 -25.37 -9.03 5.04
C LYS G 139 -24.37 -8.04 4.46
N LYS G 140 -23.09 -8.22 4.79
CA LYS G 140 -22.06 -7.24 4.44
C LYS G 140 -20.70 -7.90 4.31
N PHE G 141 -20.17 -7.92 3.09
CA PHE G 141 -18.82 -8.40 2.80
C PHE G 141 -17.93 -7.19 2.58
N MET G 142 -16.85 -7.11 3.35
CA MET G 142 -15.93 -5.98 3.31
C MET G 142 -14.53 -6.49 3.04
N LYS G 143 -13.95 -6.06 1.93
CA LYS G 143 -12.61 -6.46 1.51
C LYS G 143 -11.62 -5.39 1.96
N ILE G 144 -10.73 -5.75 2.90
CA ILE G 144 -9.83 -4.80 3.57
C ILE G 144 -8.49 -5.46 3.93
N ASN G 145 -7.51 -5.32 3.03
CA ASN G 145 -6.19 -5.95 3.23
C ASN G 145 -5.45 -5.37 4.43
N ASN G 146 -5.71 -5.97 5.60
CA ASN G 146 -5.19 -5.49 6.87
C ASN G 146 -4.14 -6.43 7.47
N TYR G 147 -2.88 -5.98 7.47
CA TYR G 147 -1.76 -6.75 7.99
C TYR G 147 -1.65 -6.57 9.50
N VAL G 148 -1.97 -7.60 10.27
CA VAL G 148 -1.92 -7.51 11.74
C VAL G 148 -0.75 -8.31 12.32
N VAL G 149 -0.30 -7.88 13.50
CA VAL G 149 0.89 -8.41 14.15
C VAL G 149 0.55 -8.77 15.61
N TYR G 150 1.22 -9.81 16.12
CA TYR G 150 0.99 -10.29 17.48
C TYR G 150 2.27 -10.31 18.32
N ASN G 151 2.12 -10.69 19.59
CA ASN G 151 3.25 -11.02 20.45
C ASN G 151 3.71 -12.46 20.19
N HIS G 152 4.73 -12.88 20.93
CA HIS G 152 5.16 -14.28 20.95
C HIS G 152 4.08 -15.28 21.40
N GLN G 153 3.13 -14.84 22.24
CA GLN G 153 2.16 -15.76 22.87
C GLN G 153 0.93 -16.04 22.01
N GLU G 154 0.21 -17.11 22.37
CA GLU G 154 -0.80 -17.73 21.49
C GLU G 154 -2.24 -17.56 21.96
N ALA G 155 -2.51 -16.56 22.80
CA ALA G 155 -3.78 -16.47 23.53
C ALA G 155 -5.00 -16.07 22.69
N ALA G 156 -4.79 -15.38 21.57
CA ALA G 156 -5.88 -14.90 20.69
C ALA G 156 -6.77 -13.86 21.37
N LYS G 157 -6.14 -12.88 22.01
CA LYS G 157 -6.83 -11.80 22.71
C LYS G 157 -6.39 -10.45 22.15
N TYR G 158 -7.16 -9.41 22.47
CA TYR G 158 -6.82 -8.04 22.09
C TYR G 158 -5.50 -7.59 22.72
N ASP G 159 -5.23 -8.07 23.93
CA ASP G 159 -3.97 -7.76 24.65
C ASP G 159 -2.73 -8.24 23.90
N ASN G 160 -2.83 -9.38 23.22
CA ASN G 160 -1.69 -9.99 22.52
C ASN G 160 -1.33 -9.34 21.19
N HIS G 161 -2.17 -8.44 20.69
CA HIS G 161 -1.89 -7.70 19.46
C HIS G 161 -0.74 -6.73 19.58
N THR G 162 -0.23 -6.35 18.43
CA THR G 162 0.61 -5.17 18.28
C THR G 162 0.44 -4.69 16.84
N GLU G 163 0.83 -3.46 16.55
CA GLU G 163 0.59 -2.84 15.23
C GLU G 163 -0.93 -2.84 14.93
N ASN G 164 -1.39 -3.24 13.74
CA ASN G 164 -2.81 -3.10 13.38
C ASN G 164 -3.67 -4.11 14.12
N ALA G 165 -4.87 -3.70 14.49
CA ALA G 165 -5.88 -4.64 15.03
C ALA G 165 -7.29 -4.14 14.76
N LEU G 166 -8.13 -5.05 14.28
CA LEU G 166 -9.52 -4.74 13.92
C LEU G 166 -10.42 -4.76 15.14
N LEU G 167 -11.47 -3.95 15.06
CA LEU G 167 -12.44 -3.79 16.13
C LEU G 167 -13.80 -3.44 15.52
N LEU G 168 -14.79 -4.29 15.75
CA LEU G 168 -16.17 -4.00 15.39
C LEU G 168 -16.86 -3.36 16.59
N TYR G 169 -17.17 -2.07 16.45
CA TYR G 169 -17.92 -1.30 17.43
C TYR G 169 -19.38 -1.25 17.01
N MET G 170 -20.27 -1.51 17.96
CA MET G 170 -21.71 -1.49 17.71
C MET G 170 -22.38 -0.59 18.73
N ALA G 171 -23.48 0.05 18.35
CA ALA G 171 -24.20 0.98 19.23
C ALA G 171 -25.61 1.24 18.73
N CYS G 172 -26.59 1.16 19.64
CA CYS G 172 -27.99 1.41 19.32
C CYS G 172 -28.27 2.91 19.31
N THR G 173 -29.04 3.38 18.32
CA THR G 173 -29.35 4.81 18.19
C THR G 173 -30.30 5.31 19.28
N HIS G 174 -31.35 4.53 19.57
CA HIS G 174 -32.33 4.90 20.60
C HIS G 174 -31.74 4.74 22.01
N ALA G 175 -32.16 5.61 22.92
CA ALA G 175 -31.54 5.73 24.25
C ALA G 175 -31.96 4.62 25.21
N SER G 176 -33.26 4.54 25.49
CA SER G 176 -33.77 3.66 26.55
C SER G 176 -33.71 2.17 26.19
N ASN G 177 -34.62 1.71 25.33
CA ASN G 177 -34.76 0.27 25.03
C ASN G 177 -33.60 -0.30 24.18
N PRO G 178 -33.19 -1.56 24.45
CA PRO G 178 -32.09 -2.20 23.73
C PRO G 178 -32.55 -3.04 22.54
N VAL G 179 -31.59 -3.62 21.82
CA VAL G 179 -31.86 -4.57 20.73
C VAL G 179 -30.81 -5.68 20.68
N TYR G 180 -31.21 -6.82 20.14
CA TYR G 180 -30.31 -7.97 19.96
C TYR G 180 -29.75 -7.99 18.54
N ALA G 181 -28.56 -8.58 18.40
CA ALA G 181 -27.98 -8.88 17.09
C ALA G 181 -27.30 -10.25 17.10
N THR G 182 -27.94 -11.22 16.43
CA THR G 182 -27.34 -12.54 16.21
C THR G 182 -26.49 -12.42 14.95
N LEU G 183 -25.18 -12.51 15.12
CA LEU G 183 -24.25 -12.20 14.02
C LEU G 183 -23.14 -13.21 13.87
N LYS G 184 -23.01 -13.75 12.66
CA LYS G 184 -21.80 -14.43 12.23
C LYS G 184 -20.89 -13.35 11.66
N ILE G 185 -19.82 -13.07 12.40
CA ILE G 185 -18.70 -12.26 11.91
C ILE G 185 -17.67 -13.29 11.48
N ARG G 186 -17.37 -13.33 10.18
CA ARG G 186 -16.38 -14.25 9.64
C ARG G 186 -15.20 -13.44 9.09
N ILE G 187 -14.00 -13.93 9.33
CA ILE G 187 -12.77 -13.25 8.91
C ILE G 187 -11.90 -14.21 8.10
N TYR G 188 -11.41 -13.71 6.96
CA TYR G 188 -10.59 -14.49 6.03
C TYR G 188 -9.17 -13.95 6.03
N PHE G 189 -8.20 -14.80 6.40
CA PHE G 189 -6.81 -14.35 6.53
C PHE G 189 -5.77 -15.31 5.96
N TYR G 190 -4.56 -14.78 5.76
CA TYR G 190 -3.41 -15.52 5.24
C TYR G 190 -2.18 -15.23 6.09
N ASP G 191 -1.38 -16.27 6.33
CA ASP G 191 -0.19 -16.16 7.18
C ASP G 191 0.93 -15.45 6.44
N SER G 192 1.58 -14.50 7.11
CA SER G 192 2.59 -13.65 6.45
C SER G 192 3.95 -14.35 6.32
N VAL G 193 4.63 -14.06 5.23
CA VAL G 193 6.00 -14.52 4.97
C VAL G 193 7.04 -13.50 5.47
N GLN G 194 6.63 -12.25 5.64
CA GLN G 194 7.55 -11.15 5.94
C GLN G 194 8.06 -11.23 7.39
N ASN G 195 9.27 -10.72 7.60
CA ASN G 195 9.90 -10.59 8.93
C ASN G 195 10.13 -11.93 9.63
N PRO I 1 -3.25 17.35 -4.92
CA PRO I 1 -4.68 17.63 -5.00
C PRO I 1 -5.38 17.90 -3.66
N ASP I 2 -4.71 17.64 -2.53
CA ASP I 2 -5.36 17.74 -1.21
C ASP I 2 -5.66 19.18 -0.81
N VAL I 3 -4.62 20.00 -0.71
CA VAL I 3 -4.77 21.41 -0.32
C VAL I 3 -5.39 22.24 -1.46
N PRO I 4 -6.29 23.21 -1.14
CA PRO I 4 -6.82 24.10 -2.18
C PRO I 4 -5.80 25.12 -2.70
N LYS I 5 -6.20 25.87 -3.73
CA LYS I 5 -5.36 26.90 -4.33
C LYS I 5 -5.15 28.08 -3.37
N GLY I 6 -3.92 28.60 -3.36
CA GLY I 6 -3.56 29.74 -2.50
C GLY I 6 -3.67 29.46 -1.01
N CYS I 7 -3.50 28.21 -0.62
CA CYS I 7 -3.68 27.78 0.78
C CYS I 7 -2.51 26.92 1.25
N GLU I 8 -2.30 26.94 2.57
CA GLU I 8 -1.10 26.41 3.20
C GLU I 8 -1.48 25.38 4.25
N GLY I 9 -0.50 24.54 4.59
CA GLY I 9 -0.49 23.88 5.89
C GLY I 9 -1.50 22.77 6.07
N PRO I 10 -1.65 22.29 7.30
CA PRO I 10 -2.52 21.15 7.57
C PRO I 10 -4.00 21.50 7.52
N CYS I 11 -4.82 20.52 7.14
CA CYS I 11 -6.27 20.65 7.16
C CYS I 11 -6.74 20.74 8.61
N LYS I 12 -7.33 21.87 8.96
CA LYS I 12 -7.81 22.09 10.33
C LYS I 12 -9.32 21.90 10.37
N VAL I 13 -9.79 21.29 11.46
CA VAL I 13 -11.20 20.94 11.63
C VAL I 13 -11.89 21.91 12.57
N GLN I 14 -13.22 21.99 12.47
CA GLN I 14 -14.02 22.64 13.51
C GLN I 14 -15.39 21.94 13.59
N SER I 15 -15.94 21.82 14.80
CA SER I 15 -17.18 21.09 15.04
C SER I 15 -18.20 21.94 15.80
N TYR I 16 -19.49 21.67 15.60
CA TYR I 16 -20.56 22.39 16.31
C TYR I 16 -21.59 21.40 16.84
N GLU I 17 -21.14 20.59 17.79
CA GLU I 17 -21.98 19.59 18.43
C GLU I 17 -23.04 20.27 19.28
N GLN I 18 -24.30 20.17 18.85
CA GLN I 18 -25.39 20.86 19.53
C GLN I 18 -26.75 20.26 19.15
N ARG I 19 -27.65 20.19 20.13
CA ARG I 19 -29.04 19.79 19.89
C ARG I 19 -29.83 21.01 19.44
N HIS I 20 -30.05 21.11 18.13
CA HIS I 20 -30.82 22.20 17.55
C HIS I 20 -32.30 21.85 17.63
N ASP I 21 -33.08 22.64 18.37
CA ASP I 21 -34.53 22.48 18.44
C ASP I 21 -35.19 23.28 17.31
N ILE I 22 -35.78 22.57 16.35
CA ILE I 22 -36.24 23.15 15.10
C ILE I 22 -37.71 23.55 15.18
N SER I 23 -38.07 24.61 14.46
CA SER I 23 -39.43 25.12 14.38
C SER I 23 -39.85 25.36 12.93
N HIS I 24 -41.10 25.76 12.75
CA HIS I 24 -41.61 26.16 11.44
C HIS I 24 -41.06 27.52 11.00
N VAL I 25 -40.70 28.37 11.95
CA VAL I 25 -40.20 29.72 11.69
C VAL I 25 -38.81 29.67 11.06
N GLY I 26 -37.93 28.85 11.63
CA GLY I 26 -36.62 28.57 11.06
C GLY I 26 -35.48 28.99 11.97
N LYS I 27 -34.45 28.14 12.04
CA LYS I 27 -33.27 28.35 12.86
C LYS I 27 -32.05 28.48 11.96
N VAL I 28 -31.06 29.24 12.44
CA VAL I 28 -29.86 29.56 11.67
C VAL I 28 -28.61 29.28 12.50
N LEU I 29 -27.53 28.86 11.86
CA LEU I 29 -26.19 28.97 12.50
C LEU I 29 -25.08 29.12 11.48
N CYS I 30 -24.08 29.93 11.82
CA CYS I 30 -22.94 30.17 10.95
C CYS I 30 -21.90 29.07 11.18
N VAL I 31 -21.63 28.27 10.15
CA VAL I 31 -20.71 27.13 10.27
C VAL I 31 -19.24 27.52 10.03
N SER I 32 -18.98 28.71 9.47
CA SER I 32 -17.62 29.21 9.28
C SER I 32 -17.07 30.00 10.49
N ASP I 33 -17.75 29.93 11.64
CA ASP I 33 -17.26 30.54 12.89
C ASP I 33 -16.01 29.83 13.41
N VAL I 34 -14.85 30.44 13.22
CA VAL I 34 -13.60 29.91 13.76
C VAL I 34 -12.69 31.04 14.24
N THR I 35 -12.15 30.88 15.44
CA THR I 35 -11.38 31.93 16.10
C THR I 35 -9.93 31.97 15.60
N ARG I 36 -9.29 33.12 15.82
CA ARG I 36 -7.91 33.35 15.41
C ARG I 36 -6.96 33.00 16.55
N GLY I 37 -5.90 32.27 16.24
CA GLY I 37 -4.94 31.89 17.27
C GLY I 37 -3.86 30.91 16.85
N ASN I 38 -2.90 30.72 17.74
CA ASN I 38 -1.80 29.79 17.53
C ASN I 38 -2.20 28.31 17.65
N GLY I 39 -3.29 28.04 18.39
CA GLY I 39 -3.73 26.67 18.65
C GLY I 39 -4.28 25.94 17.44
N LEU I 40 -4.47 24.63 17.58
CA LEU I 40 -5.05 23.80 16.53
C LEU I 40 -6.55 24.01 16.54
N THR I 41 -7.16 23.99 15.35
CA THR I 41 -8.55 24.42 15.13
C THR I 41 -8.74 25.92 15.37
N HIS I 42 -7.72 26.71 15.04
CA HIS I 42 -7.81 28.17 14.96
C HIS I 42 -7.30 28.61 13.60
N ARG I 43 -7.83 29.73 13.11
CA ARG I 43 -7.24 30.38 11.92
C ARG I 43 -6.02 31.20 12.36
N VAL I 44 -5.05 31.33 11.46
CA VAL I 44 -3.82 32.09 11.73
C VAL I 44 -4.04 33.54 11.32
N GLY I 45 -4.36 33.73 10.04
CA GLY I 45 -4.65 35.05 9.48
C GLY I 45 -6.13 35.27 9.33
N LYS I 46 -6.49 36.33 8.61
CA LYS I 46 -7.89 36.67 8.35
C LYS I 46 -8.54 35.83 7.25
N ARG I 47 -7.73 35.18 6.40
CA ARG I 47 -8.21 34.46 5.22
C ARG I 47 -7.97 32.95 5.27
N PHE I 48 -9.04 32.19 5.06
CA PHE I 48 -8.93 30.74 4.92
C PHE I 48 -9.98 30.16 3.98
N CYS I 49 -9.66 29.00 3.42
CA CYS I 49 -10.54 28.27 2.53
C CYS I 49 -11.13 27.08 3.26
N VAL I 50 -12.46 27.09 3.39
CA VAL I 50 -13.22 25.93 3.83
C VAL I 50 -13.33 25.01 2.63
N LYS I 51 -12.74 23.83 2.71
CA LYS I 51 -12.80 22.88 1.60
C LYS I 51 -14.09 22.08 1.61
N SER I 52 -14.46 21.56 2.78
CA SER I 52 -15.62 20.68 2.88
C SER I 52 -16.32 20.74 4.25
N VAL I 53 -17.62 20.44 4.21
CA VAL I 53 -18.49 20.45 5.38
C VAL I 53 -19.14 19.08 5.51
N TYR I 54 -18.89 18.41 6.64
CA TYR I 54 -19.43 17.08 6.93
C TYR I 54 -20.50 17.21 7.99
N VAL I 55 -21.75 17.14 7.55
CA VAL I 55 -22.91 17.19 8.44
C VAL I 55 -23.35 15.77 8.73
N LEU I 56 -23.16 15.33 9.97
CA LEU I 56 -23.68 14.03 10.41
C LEU I 56 -24.38 14.16 11.75
N GLY I 57 -25.45 13.38 11.90
CA GLY I 57 -26.27 13.40 13.09
C GLY I 57 -27.62 12.75 12.91
N LYS I 58 -28.61 13.26 13.62
CA LYS I 58 -29.93 12.65 13.70
C LYS I 58 -31.00 13.70 13.97
N ILE I 59 -32.12 13.56 13.26
CA ILE I 59 -33.35 14.30 13.56
C ILE I 59 -34.23 13.36 14.36
N TRP I 60 -34.88 13.89 15.40
CA TRP I 60 -35.76 13.10 16.24
C TRP I 60 -36.88 13.89 16.88
N MET I 61 -37.90 13.12 17.30
CA MET I 61 -39.14 13.65 17.81
C MET I 61 -39.18 13.45 19.32
N ASP I 62 -39.87 14.34 20.01
CA ASP I 62 -40.03 14.26 21.48
C ASP I 62 -41.01 13.12 21.81
N GLU I 63 -40.90 12.60 23.04
CA GLU I 63 -41.70 11.45 23.48
C GLU I 63 -43.21 11.73 23.62
N ASN I 64 -43.57 12.95 23.99
CA ASN I 64 -44.97 13.38 24.02
C ASN I 64 -45.53 13.77 22.64
N ILE I 65 -44.67 14.27 21.75
CA ILE I 65 -45.07 14.71 20.41
C ILE I 65 -45.28 13.52 19.46
N LYS I 66 -44.38 12.54 19.51
CA LYS I 66 -44.42 11.36 18.62
C LYS I 66 -45.73 10.57 18.62
N THR I 67 -46.46 10.59 19.73
CA THR I 67 -47.78 9.96 19.80
C THR I 67 -48.77 10.57 18.80
N LYS I 68 -48.74 11.91 18.68
CA LYS I 68 -49.64 12.65 17.78
C LYS I 68 -49.30 12.36 16.32
N ASN I 69 -50.29 11.87 15.56
CA ASN I 69 -50.05 11.40 14.19
C ASN I 69 -49.81 12.54 13.19
N HIS I 70 -48.59 12.62 12.67
CA HIS I 70 -48.22 13.64 11.68
C HIS I 70 -46.89 13.28 11.02
N THR I 71 -46.50 14.10 10.04
CA THR I 71 -45.20 13.95 9.38
C THR I 71 -44.52 15.30 9.25
N ASN I 72 -43.19 15.30 9.30
CA ASN I 72 -42.42 16.52 9.00
C ASN I 72 -40.99 16.26 8.58
N THR I 73 -40.54 17.03 7.60
CA THR I 73 -39.15 17.04 7.18
C THR I 73 -38.49 18.29 7.75
N VAL I 74 -37.17 18.25 7.80
CA VAL I 74 -36.35 19.39 8.20
C VAL I 74 -35.58 19.83 6.97
N MET I 75 -35.87 21.04 6.47
CA MET I 75 -35.26 21.55 5.25
C MET I 75 -33.90 22.17 5.57
N PHE I 76 -32.83 21.39 5.39
CA PHE I 76 -31.47 21.89 5.56
C PHE I 76 -31.06 22.67 4.33
N TYR I 77 -30.64 23.91 4.54
CA TYR I 77 -30.06 24.76 3.50
C TYR I 77 -28.68 25.24 3.93
N LEU I 78 -27.64 24.78 3.25
CA LEU I 78 -26.31 25.36 3.39
C LEU I 78 -26.19 26.50 2.38
N VAL I 79 -26.32 27.73 2.89
CA VAL I 79 -26.20 28.91 2.04
C VAL I 79 -24.93 29.67 2.34
N ARG I 80 -24.34 30.23 1.30
CA ARG I 80 -23.20 31.11 1.44
C ARG I 80 -23.70 32.53 1.20
N ASP I 81 -23.32 33.45 2.09
CA ASP I 81 -23.56 34.87 1.82
C ASP I 81 -22.23 35.59 1.60
N ARG I 82 -22.19 36.37 0.51
CA ARG I 82 -20.99 37.06 0.07
C ARG I 82 -20.79 38.40 0.78
N ARG I 83 -21.81 38.87 1.49
CA ARG I 83 -21.74 40.14 2.22
C ARG I 83 -22.40 40.01 3.59
N PRO I 84 -21.62 39.65 4.63
CA PRO I 84 -22.16 39.54 5.97
C PRO I 84 -22.04 40.86 6.72
N PHE I 85 -23.00 41.14 7.60
CA PHE I 85 -22.93 42.32 8.46
C PHE I 85 -23.69 42.13 9.78
N GLY I 86 -22.95 42.14 10.88
CA GLY I 86 -23.53 42.08 12.22
C GLY I 86 -24.00 40.71 12.64
N THR I 87 -25.30 40.61 12.93
CA THR I 87 -25.94 39.35 13.30
C THR I 87 -26.62 38.76 12.07
N ALA I 88 -26.67 37.42 12.02
CA ALA I 88 -27.25 36.70 10.89
C ALA I 88 -28.77 36.85 10.86
N MET I 89 -29.31 37.05 9.66
CA MET I 89 -30.75 37.23 9.49
C MET I 89 -31.50 35.92 9.65
N ASP I 90 -32.76 36.03 10.07
CA ASP I 90 -33.62 34.86 10.29
C ASP I 90 -34.05 34.25 8.96
N PHE I 91 -34.41 32.97 9.00
CA PHE I 91 -34.91 32.22 7.84
C PHE I 91 -36.05 32.93 7.10
N GLY I 92 -36.96 33.54 7.86
CA GLY I 92 -38.11 34.25 7.31
C GLY I 92 -37.78 35.45 6.43
N GLN I 93 -36.73 36.19 6.78
CA GLN I 93 -36.38 37.45 6.09
C GLN I 93 -35.23 37.36 5.07
N VAL I 94 -34.71 36.15 4.84
CA VAL I 94 -33.75 35.89 3.76
C VAL I 94 -34.47 35.16 2.63
N PHE I 95 -35.09 34.03 2.97
CA PHE I 95 -35.90 33.27 2.05
C PHE I 95 -37.32 33.83 2.03
N ASN I 96 -37.82 34.15 0.83
CA ASN I 96 -39.26 34.32 0.63
C ASN I 96 -39.90 32.99 0.24
N MET I 97 -41.21 32.96 0.48
CA MET I 97 -42.01 31.74 0.49
C MET I 97 -43.48 32.09 0.76
N TYR I 98 -44.38 31.17 0.41
CA TYR I 98 -45.81 31.38 0.64
C TYR I 98 -46.20 31.04 2.08
N ASP I 99 -46.45 32.07 2.88
CA ASP I 99 -47.00 31.92 4.23
C ASP I 99 -46.01 31.18 5.18
N ASN I 100 -44.76 31.61 5.15
CA ASN I 100 -43.68 31.03 5.96
C ASN I 100 -43.54 29.51 5.83
N GLU I 101 -43.64 29.03 4.60
CA GLU I 101 -43.60 27.60 4.28
C GLU I 101 -42.22 27.24 3.70
N PRO I 102 -41.39 26.50 4.46
CA PRO I 102 -40.01 26.27 4.03
C PRO I 102 -39.82 25.41 2.77
N SER I 103 -40.83 24.62 2.39
CA SER I 103 -40.76 23.84 1.14
C SER I 103 -40.76 24.72 -0.11
N THR I 104 -41.52 25.82 -0.06
CA THR I 104 -41.57 26.81 -1.15
C THR I 104 -40.48 27.88 -1.07
N ALA I 105 -39.49 27.70 -0.19
CA ALA I 105 -38.53 28.75 0.15
C ALA I 105 -37.51 29.00 -0.95
N THR I 106 -37.40 30.24 -1.40
CA THR I 106 -36.26 30.64 -2.25
C THR I 106 -35.73 31.99 -1.81
N ILE I 107 -34.49 32.29 -2.18
CA ILE I 107 -33.82 33.50 -1.70
C ILE I 107 -34.58 34.73 -2.19
N LYS I 108 -34.76 35.73 -1.31
CA LYS I 108 -35.52 36.96 -1.66
C LYS I 108 -34.98 37.68 -2.90
N ASN I 109 -35.85 38.44 -3.53
CA ASN I 109 -35.56 39.09 -4.82
C ASN I 109 -34.44 40.12 -4.74
N ASP I 110 -34.41 40.89 -3.66
CA ASP I 110 -33.34 41.88 -3.42
C ASP I 110 -31.98 41.22 -3.24
N LEU I 111 -31.89 40.36 -2.22
CA LEU I 111 -30.60 39.83 -1.77
C LEU I 111 -30.33 38.43 -2.36
N ARG I 112 -30.57 38.33 -3.67
CA ARG I 112 -30.31 37.12 -4.45
C ARG I 112 -28.85 37.10 -4.89
N ASP I 113 -28.32 38.28 -5.20
CA ASP I 113 -26.90 38.49 -5.45
C ASP I 113 -26.06 38.22 -4.19
N ARG I 114 -26.59 38.53 -3.01
CA ARG I 114 -25.88 38.35 -1.75
C ARG I 114 -25.79 36.88 -1.32
N TYR I 115 -26.95 36.26 -1.11
CA TYR I 115 -27.06 34.88 -0.62
C TYR I 115 -27.22 33.88 -1.77
N GLN I 116 -26.45 32.80 -1.74
CA GLN I 116 -26.64 31.68 -2.67
C GLN I 116 -26.78 30.39 -1.90
N VAL I 117 -27.65 29.50 -2.38
CA VAL I 117 -27.87 28.20 -1.76
C VAL I 117 -26.88 27.21 -2.38
N LEU I 118 -25.92 26.74 -1.59
CA LEU I 118 -24.90 25.82 -2.11
C LEU I 118 -25.44 24.40 -2.17
N ARG I 119 -26.02 23.96 -1.06
CA ARG I 119 -26.66 22.65 -0.97
C ARG I 119 -27.94 22.77 -0.19
N LYS I 120 -28.96 22.02 -0.60
CA LYS I 120 -30.13 21.80 0.24
C LYS I 120 -30.35 20.30 0.40
N PHE I 121 -30.91 19.91 1.54
CA PHE I 121 -31.30 18.50 1.72
C PHE I 121 -32.35 18.35 2.81
N THR I 122 -32.99 17.18 2.84
CA THR I 122 -34.14 16.92 3.73
C THR I 122 -34.00 15.60 4.46
N SER I 123 -34.90 15.37 5.40
CA SER I 123 -35.01 14.08 6.09
C SER I 123 -36.33 14.00 6.86
N THR I 124 -37.26 13.20 6.33
CA THR I 124 -38.61 13.08 6.89
C THR I 124 -38.63 12.30 8.21
N VAL I 125 -39.57 12.68 9.07
CA VAL I 125 -39.83 12.01 10.34
C VAL I 125 -41.36 11.95 10.50
N THR I 126 -41.86 10.77 10.84
CA THR I 126 -43.32 10.54 10.93
C THR I 126 -43.69 10.09 12.35
N GLY I 127 -44.47 10.91 13.04
CA GLY I 127 -45.02 10.57 14.34
C GLY I 127 -46.37 9.91 14.21
N GLY I 128 -46.62 8.92 15.07
CA GLY I 128 -47.91 8.22 15.14
C GLY I 128 -48.07 7.52 16.49
N GLN I 129 -49.33 7.34 16.92
CA GLN I 129 -49.63 6.77 18.23
C GLN I 129 -49.14 5.33 18.43
N TYR I 130 -49.69 4.39 17.67
CA TYR I 130 -49.35 2.96 17.82
C TYR I 130 -48.12 2.52 17.02
N ALA I 131 -47.75 3.30 16.00
CA ALA I 131 -46.55 3.03 15.20
C ALA I 131 -45.97 4.34 14.69
N SER I 132 -44.64 4.40 14.60
CA SER I 132 -43.94 5.65 14.29
C SER I 132 -42.58 5.44 13.66
N LYS I 133 -42.10 6.47 12.97
CA LYS I 133 -40.72 6.59 12.54
C LYS I 133 -40.14 7.75 13.34
N GLU I 134 -39.88 7.49 14.62
CA GLU I 134 -39.47 8.48 15.63
C GLU I 134 -38.30 9.36 15.19
N GLN I 135 -37.30 8.75 14.55
CA GLN I 135 -36.05 9.43 14.23
C GLN I 135 -35.57 9.12 12.82
N ALA I 136 -34.64 9.95 12.35
CA ALA I 136 -34.04 9.80 11.02
C ALA I 136 -32.60 10.26 11.05
N LEU I 137 -31.70 9.43 10.50
CA LEU I 137 -30.27 9.72 10.49
C LEU I 137 -29.93 10.67 9.35
N VAL I 138 -28.98 11.56 9.61
CA VAL I 138 -28.47 12.51 8.62
C VAL I 138 -26.98 12.27 8.46
N LYS I 139 -26.56 12.02 7.23
CA LYS I 139 -25.14 11.92 6.88
C LYS I 139 -24.97 12.58 5.52
N LYS I 140 -24.12 13.60 5.46
CA LYS I 140 -23.99 14.44 4.28
C LYS I 140 -22.63 15.13 4.27
N PHE I 141 -21.74 14.65 3.40
CA PHE I 141 -20.43 15.25 3.18
C PHE I 141 -20.50 16.13 1.94
N MET I 142 -20.28 17.42 2.12
CA MET I 142 -20.45 18.41 1.05
C MET I 142 -19.13 19.09 0.79
N LYS I 143 -18.62 18.90 -0.43
CA LYS I 143 -17.33 19.45 -0.84
C LYS I 143 -17.58 20.78 -1.53
N ILE I 144 -17.13 21.88 -0.91
CA ILE I 144 -17.44 23.24 -1.34
C ILE I 144 -16.30 24.23 -1.05
N ASN I 145 -15.42 24.41 -2.02
CA ASN I 145 -14.22 25.25 -1.82
C ASN I 145 -14.59 26.72 -1.64
N ASN I 146 -14.85 27.09 -0.39
CA ASN I 146 -15.30 28.44 -0.05
C ASN I 146 -14.22 29.25 0.67
N TYR I 147 -13.71 30.29 0.01
CA TYR I 147 -12.71 31.18 0.56
C TYR I 147 -13.37 32.27 1.40
N VAL I 148 -13.24 32.18 2.73
CA VAL I 148 -13.83 33.19 3.63
C VAL I 148 -12.78 34.15 4.16
N VAL I 149 -13.26 35.30 4.61
CA VAL I 149 -12.41 36.37 5.11
C VAL I 149 -12.99 36.91 6.42
N TYR I 150 -12.10 37.33 7.32
CA TYR I 150 -12.49 37.94 8.59
C TYR I 150 -12.01 39.37 8.69
N ASN I 151 -12.52 40.09 9.69
CA ASN I 151 -11.92 41.36 10.12
C ASN I 151 -10.67 41.08 10.98
N HIS I 152 -10.07 42.14 11.54
CA HIS I 152 -8.83 42.00 12.31
C HIS I 152 -9.00 41.18 13.58
N GLN I 153 -10.08 41.45 14.33
CA GLN I 153 -10.22 40.90 15.68
C GLN I 153 -10.46 39.40 15.71
N GLU I 154 -10.26 38.81 16.89
CA GLU I 154 -10.10 37.37 17.04
C GLU I 154 -11.22 36.76 17.87
N ALA I 155 -12.32 36.43 17.20
CA ALA I 155 -13.45 35.74 17.82
C ALA I 155 -14.31 35.08 16.75
N ALA I 156 -14.76 33.85 17.05
CA ALA I 156 -15.56 33.07 16.11
C ALA I 156 -17.01 33.58 16.10
N LYS I 157 -17.29 34.54 15.22
CA LYS I 157 -18.63 35.16 15.12
C LYS I 157 -18.99 35.54 13.68
N TYR I 158 -20.29 35.66 13.44
CA TYR I 158 -20.82 36.11 12.15
C TYR I 158 -20.56 37.60 11.93
N ASP I 159 -20.75 38.38 13.00
CA ASP I 159 -20.29 39.79 13.07
C ASP I 159 -18.87 40.03 12.51
N ASN I 160 -17.93 39.16 12.87
CA ASN I 160 -16.52 39.36 12.50
C ASN I 160 -16.17 39.02 11.05
N HIS I 161 -17.08 38.35 10.35
CA HIS I 161 -16.86 37.98 8.95
C HIS I 161 -16.80 39.15 7.99
N THR I 162 -16.22 38.87 6.82
CA THR I 162 -16.36 39.70 5.64
C THR I 162 -16.18 38.78 4.42
N GLU I 163 -16.57 39.23 3.24
CA GLU I 163 -16.66 38.36 2.05
C GLU I 163 -17.55 37.13 2.33
N ASN I 164 -17.09 35.91 2.07
CA ASN I 164 -17.98 34.75 2.12
C ASN I 164 -18.22 34.28 3.54
N ALA I 165 -19.46 33.89 3.84
CA ALA I 165 -19.79 33.27 5.12
C ALA I 165 -20.81 32.16 4.90
N LEU I 166 -20.56 31.01 5.53
CA LEU I 166 -21.39 29.82 5.42
C LEU I 166 -22.40 29.76 6.55
N LEU I 167 -23.68 29.83 6.17
CA LEU I 167 -24.79 29.71 7.09
C LEU I 167 -25.56 28.44 6.79
N LEU I 168 -25.79 27.65 7.83
CA LEU I 168 -26.73 26.53 7.77
C LEU I 168 -28.06 27.01 8.34
N TYR I 169 -29.09 26.90 7.50
CA TYR I 169 -30.46 27.24 7.84
C TYR I 169 -31.27 25.96 7.92
N MET I 170 -32.05 25.82 8.98
CA MET I 170 -32.91 24.66 9.20
C MET I 170 -34.33 25.14 9.44
N ALA I 171 -35.30 24.33 9.03
CA ALA I 171 -36.71 24.67 9.20
C ALA I 171 -37.59 23.42 9.08
N CYS I 172 -38.47 23.25 10.05
CA CYS I 172 -39.39 22.10 10.09
C CYS I 172 -40.55 22.37 9.15
N THR I 173 -41.03 21.33 8.48
CA THR I 173 -42.08 21.48 7.47
C THR I 173 -43.48 21.66 8.08
N HIS I 174 -43.79 20.88 9.13
CA HIS I 174 -45.09 20.98 9.82
C HIS I 174 -45.17 22.25 10.66
N ALA I 175 -46.38 22.80 10.78
CA ALA I 175 -46.60 24.11 11.42
C ALA I 175 -46.43 24.10 12.93
N SER I 176 -47.30 23.35 13.62
CA SER I 176 -47.40 23.37 15.08
C SER I 176 -46.85 22.11 15.74
N ASN I 177 -45.68 21.66 15.31
CA ASN I 177 -44.98 20.53 15.93
C ASN I 177 -43.46 20.72 15.84
N PRO I 178 -42.77 20.86 16.99
CA PRO I 178 -41.32 20.99 16.95
C PRO I 178 -40.63 19.64 16.79
N VAL I 179 -39.39 19.65 16.29
CA VAL I 179 -38.55 18.46 16.23
C VAL I 179 -37.12 18.81 16.60
N TYR I 180 -36.45 17.88 17.27
CA TYR I 180 -35.05 18.06 17.67
C TYR I 180 -34.14 17.54 16.58
N ALA I 181 -32.94 18.11 16.49
CA ALA I 181 -31.91 17.64 15.58
C ALA I 181 -30.52 17.76 16.23
N THR I 182 -29.93 16.60 16.55
CA THR I 182 -28.58 16.55 17.12
C THR I 182 -27.60 16.31 15.99
N LEU I 183 -26.71 17.26 15.76
CA LEU I 183 -25.75 17.16 14.65
C LEU I 183 -24.33 17.55 15.05
N LYS I 184 -23.39 17.18 14.20
CA LYS I 184 -21.98 17.52 14.35
C LYS I 184 -21.63 18.84 13.65
N ILE I 185 -22.01 18.92 12.37
CA ILE I 185 -21.76 20.07 11.49
C ILE I 185 -20.25 20.35 11.39
N ARG I 186 -19.48 19.31 11.10
CA ARG I 186 -18.02 19.45 11.04
C ARG I 186 -17.60 20.22 9.78
N ILE I 187 -16.51 20.96 9.89
CA ILE I 187 -16.00 21.81 8.79
C ILE I 187 -14.48 21.69 8.71
N TYR I 188 -14.00 21.51 7.47
CA TYR I 188 -12.58 21.26 7.17
C TYR I 188 -12.00 22.42 6.37
N PHE I 189 -10.98 23.09 6.91
CA PHE I 189 -10.43 24.28 6.27
C PHE I 189 -8.90 24.38 6.28
N TYR I 190 -8.40 25.27 5.43
CA TYR I 190 -6.96 25.54 5.29
C TYR I 190 -6.70 27.04 5.29
N ASP I 191 -5.61 27.46 5.94
CA ASP I 191 -5.25 28.88 6.03
C ASP I 191 -4.70 29.39 4.71
N SER I 192 -5.10 30.61 4.33
CA SER I 192 -4.74 31.17 3.02
C SER I 192 -3.37 31.86 3.03
N VAL I 193 -2.65 31.70 1.93
CA VAL I 193 -1.40 32.41 1.67
C VAL I 193 -1.68 33.77 1.02
N GLN I 194 -2.76 33.85 0.24
CA GLN I 194 -3.08 35.06 -0.54
C GLN I 194 -3.33 36.28 0.34
N ASN I 195 -2.99 37.46 -0.20
CA ASN I 195 -3.18 38.76 0.44
C ASN I 195 -2.40 38.94 1.74
N PRO K 1 -23.94 29.52 -24.11
CA PRO K 1 -25.11 28.66 -24.24
C PRO K 1 -26.33 29.06 -23.41
N ASP K 2 -26.23 30.09 -22.56
CA ASP K 2 -27.28 30.43 -21.59
C ASP K 2 -28.59 30.88 -22.25
N VAL K 3 -28.54 32.02 -22.94
CA VAL K 3 -29.74 32.58 -23.57
C VAL K 3 -30.23 31.69 -24.72
N PRO K 4 -31.57 31.55 -24.89
CA PRO K 4 -32.08 30.79 -26.05
C PRO K 4 -31.90 31.50 -27.39
N LYS K 5 -32.24 30.80 -28.47
CA LYS K 5 -32.17 31.36 -29.82
C LYS K 5 -33.21 32.45 -30.03
N GLY K 6 -32.84 33.49 -30.77
CA GLY K 6 -33.73 34.62 -31.09
C GLY K 6 -34.16 35.44 -29.88
N CYS K 7 -33.37 35.40 -28.82
CA CYS K 7 -33.72 36.02 -27.54
C CYS K 7 -32.56 36.83 -26.98
N GLU K 8 -32.90 37.72 -26.06
CA GLU K 8 -31.98 38.75 -25.60
C GLU K 8 -32.19 39.04 -24.12
N GLY K 9 -31.23 39.74 -23.53
CA GLY K 9 -31.42 40.38 -22.24
C GLY K 9 -31.21 39.43 -21.09
N PRO K 10 -31.38 39.95 -19.86
CA PRO K 10 -31.23 39.13 -18.66
C PRO K 10 -32.33 38.07 -18.51
N CYS K 11 -32.01 37.01 -17.79
CA CYS K 11 -32.95 35.93 -17.50
C CYS K 11 -33.97 36.43 -16.47
N LYS K 12 -35.11 36.90 -16.96
CA LYS K 12 -36.16 37.45 -16.09
C LYS K 12 -36.97 36.33 -15.47
N VAL K 13 -37.24 36.46 -14.16
CA VAL K 13 -38.05 35.48 -13.42
C VAL K 13 -39.51 35.91 -13.38
N GLN K 14 -40.39 34.97 -13.05
CA GLN K 14 -41.76 35.30 -12.67
C GLN K 14 -42.31 34.19 -11.79
N SER K 15 -42.96 34.57 -10.68
CA SER K 15 -43.36 33.62 -9.63
C SER K 15 -44.86 33.65 -9.37
N TYR K 16 -45.44 32.47 -9.21
CA TYR K 16 -46.84 32.29 -8.78
C TYR K 16 -46.80 31.45 -7.50
N GLU K 17 -46.95 32.13 -6.37
CA GLU K 17 -46.96 31.50 -5.06
C GLU K 17 -48.41 31.41 -4.63
N GLN K 18 -48.90 30.20 -4.38
CA GLN K 18 -50.31 30.05 -3.98
C GLN K 18 -50.61 28.72 -3.29
N ARG K 19 -51.60 28.74 -2.39
CA ARG K 19 -52.20 27.52 -1.85
C ARG K 19 -53.36 27.11 -2.74
N HIS K 20 -53.09 26.16 -3.63
CA HIS K 20 -54.14 25.64 -4.52
C HIS K 20 -54.92 24.56 -3.77
N ASP K 21 -56.23 24.56 -3.96
CA ASP K 21 -57.14 23.59 -3.32
C ASP K 21 -57.65 22.62 -4.38
N ILE K 22 -57.15 21.38 -4.33
CA ILE K 22 -57.30 20.43 -5.45
C ILE K 22 -58.52 19.55 -5.24
N SER K 23 -59.13 19.13 -6.36
CA SER K 23 -60.30 18.28 -6.37
C SER K 23 -60.14 17.15 -7.40
N HIS K 24 -61.17 16.29 -7.46
CA HIS K 24 -61.25 15.24 -8.47
C HIS K 24 -61.60 15.81 -9.86
N VAL K 25 -62.37 16.90 -9.88
CA VAL K 25 -62.83 17.52 -11.12
C VAL K 25 -61.66 18.14 -11.88
N GLY K 26 -60.79 18.85 -11.15
CA GLY K 26 -59.54 19.35 -11.70
C GLY K 26 -59.45 20.86 -11.65
N LYS K 27 -58.22 21.35 -11.49
CA LYS K 27 -57.93 22.78 -11.40
C LYS K 27 -56.84 23.15 -12.40
N VAL K 28 -56.92 24.38 -12.90
CA VAL K 28 -56.03 24.86 -13.96
C VAL K 28 -55.36 26.17 -13.54
N LEU K 29 -54.11 26.35 -13.95
CA LEU K 29 -53.46 27.67 -13.87
C LEU K 29 -52.52 27.87 -15.05
N CYS K 30 -52.14 29.12 -15.29
CA CYS K 30 -51.30 29.47 -16.43
C CYS K 30 -49.98 30.05 -15.95
N VAL K 31 -48.90 29.27 -16.14
CA VAL K 31 -47.58 29.63 -15.64
C VAL K 31 -46.82 30.61 -16.55
N SER K 32 -47.31 30.85 -17.77
CA SER K 32 -46.69 31.82 -18.70
C SER K 32 -47.50 33.13 -18.79
N ASP K 33 -47.88 33.66 -17.62
CA ASP K 33 -48.60 34.93 -17.52
C ASP K 33 -47.66 36.02 -17.00
N VAL K 34 -47.13 36.83 -17.92
CA VAL K 34 -46.27 37.95 -17.55
C VAL K 34 -46.83 39.23 -18.18
N THR K 35 -46.98 40.26 -17.35
CA THR K 35 -47.48 41.56 -17.78
C THR K 35 -46.38 42.36 -18.45
N ARG K 36 -46.75 43.13 -19.48
CA ARG K 36 -45.78 43.93 -20.23
C ARG K 36 -45.48 45.22 -19.48
N GLY K 37 -44.20 45.58 -19.43
CA GLY K 37 -43.78 46.78 -18.72
C GLY K 37 -42.29 47.03 -18.81
N ASN K 38 -41.90 48.28 -18.56
CA ASN K 38 -40.49 48.67 -18.53
C ASN K 38 -39.69 48.05 -17.37
N GLY K 39 -40.37 47.76 -16.26
CA GLY K 39 -39.72 47.25 -15.05
C GLY K 39 -39.22 45.83 -15.13
N LEU K 40 -38.61 45.38 -14.04
CA LEU K 40 -38.04 44.03 -13.95
C LEU K 40 -39.15 43.00 -13.79
N THR K 41 -38.85 41.77 -14.22
CA THR K 41 -39.83 40.68 -14.29
C THR K 41 -41.06 41.05 -15.13
N HIS K 42 -40.78 41.70 -16.26
CA HIS K 42 -41.79 42.02 -17.28
C HIS K 42 -41.20 41.79 -18.67
N ARG K 43 -42.08 41.53 -19.63
CA ARG K 43 -41.69 41.36 -21.02
C ARG K 43 -41.68 42.73 -21.70
N VAL K 44 -40.70 42.97 -22.56
CA VAL K 44 -40.57 44.23 -23.28
C VAL K 44 -41.57 44.20 -24.44
N GLY K 45 -41.39 43.24 -25.33
CA GLY K 45 -42.25 43.06 -26.49
C GLY K 45 -43.36 42.06 -26.24
N LYS K 46 -44.04 41.70 -27.32
CA LYS K 46 -45.04 40.64 -27.29
C LYS K 46 -44.46 39.22 -27.15
N ARG K 47 -43.26 38.98 -27.70
CA ARG K 47 -42.64 37.65 -27.68
C ARG K 47 -41.52 37.47 -26.67
N PHE K 48 -41.63 36.39 -25.92
CA PHE K 48 -40.56 35.95 -25.03
C PHE K 48 -40.49 34.43 -25.00
N CYS K 49 -39.36 33.93 -24.52
CA CYS K 49 -39.07 32.51 -24.47
C CYS K 49 -38.79 32.08 -23.05
N VAL K 50 -39.53 31.07 -22.59
CA VAL K 50 -39.30 30.43 -21.29
C VAL K 50 -38.23 29.38 -21.48
N LYS K 51 -37.12 29.52 -20.74
CA LYS K 51 -36.01 28.56 -20.83
C LYS K 51 -36.29 27.34 -19.98
N SER K 52 -36.82 27.55 -18.79
CA SER K 52 -37.03 26.47 -17.83
C SER K 52 -38.13 26.78 -16.83
N VAL K 53 -38.74 25.73 -16.27
CA VAL K 53 -39.76 25.87 -15.22
C VAL K 53 -39.29 25.14 -13.96
N TYR K 54 -39.44 25.82 -12.82
CA TYR K 54 -39.05 25.27 -11.52
C TYR K 54 -40.27 25.27 -10.62
N VAL K 55 -40.59 24.09 -10.11
CA VAL K 55 -41.74 23.89 -9.22
C VAL K 55 -41.22 23.33 -7.90
N LEU K 56 -41.03 24.24 -6.94
CA LEU K 56 -40.81 23.88 -5.56
C LEU K 56 -42.11 24.04 -4.83
N GLY K 57 -42.51 22.99 -4.10
CA GLY K 57 -43.68 23.11 -3.25
C GLY K 57 -44.01 21.86 -2.50
N LYS K 58 -44.88 22.03 -1.51
CA LYS K 58 -45.36 20.92 -0.70
C LYS K 58 -46.81 20.67 -1.06
N ILE K 59 -47.21 19.40 -0.91
CA ILE K 59 -48.60 18.99 -1.07
C ILE K 59 -49.03 18.43 0.28
N TRP K 60 -50.24 18.76 0.74
CA TRP K 60 -50.68 18.36 2.08
C TRP K 60 -52.17 18.18 2.27
N MET K 61 -52.49 17.40 3.31
CA MET K 61 -53.85 17.06 3.68
C MET K 61 -54.30 17.93 4.84
N ASP K 62 -55.60 18.25 4.88
CA ASP K 62 -56.19 19.08 5.93
C ASP K 62 -56.27 18.30 7.25
N GLU K 63 -56.35 19.02 8.36
CA GLU K 63 -56.29 18.42 9.70
C GLU K 63 -57.48 17.54 10.08
N ASN K 64 -58.66 17.82 9.51
CA ASN K 64 -59.85 16.96 9.72
C ASN K 64 -59.98 15.82 8.70
N ILE K 65 -59.40 16.01 7.51
CA ILE K 65 -59.42 14.99 6.45
C ILE K 65 -58.43 13.87 6.74
N LYS K 66 -57.23 14.23 7.21
CA LYS K 66 -56.14 13.25 7.47
C LYS K 66 -56.47 12.09 8.42
N THR K 67 -57.46 12.27 9.28
CA THR K 67 -57.95 11.18 10.14
C THR K 67 -58.52 10.02 9.31
N LYS K 68 -59.31 10.36 8.29
CA LYS K 68 -59.98 9.38 7.43
C LYS K 68 -58.97 8.63 6.56
N ASN K 69 -58.98 7.30 6.66
CA ASN K 69 -57.99 6.47 5.95
C ASN K 69 -58.27 6.36 4.46
N HIS K 70 -57.34 6.90 3.66
CA HIS K 70 -57.40 6.81 2.21
C HIS K 70 -56.04 7.18 1.63
N THR K 71 -55.93 7.12 0.30
CA THR K 71 -54.74 7.60 -0.40
C THR K 71 -55.16 8.46 -1.58
N ASN K 72 -54.30 9.39 -1.96
CA ASN K 72 -54.48 10.12 -3.22
C ASN K 72 -53.20 10.74 -3.77
N THR K 73 -53.00 10.55 -5.08
CA THR K 73 -51.94 11.23 -5.82
C THR K 73 -52.53 12.47 -6.49
N VAL K 74 -51.70 13.50 -6.64
CA VAL K 74 -52.07 14.69 -7.41
C VAL K 74 -51.35 14.66 -8.75
N MET K 75 -52.13 14.55 -9.83
CA MET K 75 -51.57 14.44 -11.18
C MET K 75 -51.23 15.83 -11.74
N PHE K 76 -49.97 16.22 -11.59
CA PHE K 76 -49.49 17.48 -12.19
C PHE K 76 -49.25 17.26 -13.68
N TYR K 77 -49.92 18.07 -14.50
CA TYR K 77 -49.74 18.07 -15.95
C TYR K 77 -49.31 19.45 -16.42
N LEU K 78 -48.03 19.59 -16.77
CA LEU K 78 -47.53 20.78 -17.46
C LEU K 78 -47.70 20.56 -18.96
N VAL K 79 -48.67 21.31 -19.53
CA VAL K 79 -49.08 21.18 -20.93
C VAL K 79 -48.96 22.50 -21.70
N ARG K 80 -48.46 22.39 -22.93
CA ARG K 80 -48.36 23.51 -23.86
C ARG K 80 -49.54 23.42 -24.81
N ASP K 81 -50.26 24.52 -24.99
CA ASP K 81 -51.28 24.58 -26.05
C ASP K 81 -50.88 25.59 -27.11
N ARG K 82 -50.82 25.13 -28.36
CA ARG K 82 -50.31 25.93 -29.46
C ARG K 82 -51.26 27.08 -29.79
N ARG K 83 -52.56 26.78 -29.84
CA ARG K 83 -53.59 27.73 -30.28
C ARG K 83 -54.64 27.97 -29.17
N PRO K 84 -54.44 29.01 -28.32
CA PRO K 84 -55.41 29.39 -27.29
C PRO K 84 -56.45 30.39 -27.79
N PHE K 85 -57.60 30.44 -27.10
CA PHE K 85 -58.67 31.39 -27.42
C PHE K 85 -59.65 31.49 -26.25
N GLY K 86 -59.98 32.72 -25.85
CA GLY K 86 -60.92 32.97 -24.76
C GLY K 86 -60.35 32.58 -23.41
N THR K 87 -61.21 32.08 -22.52
CA THR K 87 -60.79 31.60 -21.21
C THR K 87 -60.15 30.21 -21.30
N ALA K 88 -59.36 29.86 -20.28
CA ALA K 88 -58.71 28.54 -20.21
C ALA K 88 -59.74 27.46 -19.92
N MET K 89 -59.70 26.38 -20.70
CA MET K 89 -60.66 25.30 -20.56
C MET K 89 -60.39 24.45 -19.31
N ASP K 90 -61.46 23.86 -18.78
CA ASP K 90 -61.39 23.04 -17.57
C ASP K 90 -60.71 21.70 -17.86
N PHE K 91 -60.14 21.09 -16.81
CA PHE K 91 -59.49 19.78 -16.89
C PHE K 91 -60.35 18.70 -17.55
N GLY K 92 -61.64 18.68 -17.23
CA GLY K 92 -62.58 17.71 -17.77
C GLY K 92 -62.82 17.77 -19.28
N GLN K 93 -62.71 18.96 -19.85
CA GLN K 93 -63.01 19.17 -21.29
C GLN K 93 -61.76 19.32 -22.20
N VAL K 94 -60.56 19.11 -21.64
CA VAL K 94 -59.32 19.02 -22.41
C VAL K 94 -58.87 17.55 -22.46
N PHE K 95 -58.70 16.96 -21.29
CA PHE K 95 -58.37 15.55 -21.16
C PHE K 95 -59.64 14.71 -21.21
N ASN K 96 -59.59 13.57 -21.89
CA ASN K 96 -60.68 12.59 -21.82
C ASN K 96 -60.26 11.41 -20.95
N MET K 97 -61.23 10.77 -20.32
CA MET K 97 -60.97 9.80 -19.25
C MET K 97 -62.25 9.09 -18.81
N TYR K 98 -62.08 7.87 -18.29
CA TYR K 98 -63.22 7.07 -17.83
C TYR K 98 -63.71 7.54 -16.47
N ASP K 99 -64.95 8.05 -16.43
CA ASP K 99 -65.61 8.47 -15.19
C ASP K 99 -64.84 9.59 -14.45
N ASN K 100 -64.36 10.56 -15.23
CA ASN K 100 -63.60 11.71 -14.71
C ASN K 100 -62.36 11.34 -13.88
N GLU K 101 -61.68 10.27 -14.31
CA GLU K 101 -60.54 9.70 -13.56
C GLU K 101 -59.22 10.28 -14.09
N PRO K 102 -58.52 11.09 -13.28
CA PRO K 102 -57.30 11.76 -13.79
C PRO K 102 -56.09 10.85 -14.08
N SER K 103 -56.06 9.65 -13.51
CA SER K 103 -54.98 8.70 -13.80
C SER K 103 -55.06 8.16 -15.23
N THR K 104 -56.27 8.06 -15.78
CA THR K 104 -56.49 7.65 -17.19
C THR K 104 -56.49 8.84 -18.18
N ALA K 105 -55.99 10.00 -17.75
CA ALA K 105 -56.15 11.23 -18.52
C ALA K 105 -55.13 11.36 -19.65
N THR K 106 -55.64 11.44 -20.88
CA THR K 106 -54.88 11.88 -22.04
C THR K 106 -55.71 12.92 -22.79
N ILE K 107 -55.06 13.64 -23.69
CA ILE K 107 -55.67 14.78 -24.38
C ILE K 107 -56.78 14.28 -25.31
N LYS K 108 -57.88 15.04 -25.39
CA LYS K 108 -59.02 14.66 -26.25
C LYS K 108 -58.62 14.47 -27.72
N ASN K 109 -59.33 13.59 -28.40
CA ASN K 109 -59.03 13.22 -29.79
C ASN K 109 -59.10 14.40 -30.76
N ASP K 110 -60.08 15.28 -30.57
CA ASP K 110 -60.31 16.41 -31.48
C ASP K 110 -59.26 17.51 -31.33
N LEU K 111 -58.94 17.87 -30.09
CA LEU K 111 -57.98 18.94 -29.82
C LEU K 111 -56.60 18.41 -29.38
N ARG K 112 -56.19 17.31 -30.01
CA ARG K 112 -54.90 16.67 -29.76
C ARG K 112 -53.78 17.43 -30.45
N ASP K 113 -54.11 18.02 -31.59
CA ASP K 113 -53.20 18.90 -32.33
C ASP K 113 -52.95 20.21 -31.57
N ARG K 114 -53.96 20.72 -30.87
CA ARG K 114 -53.88 21.98 -30.13
C ARG K 114 -53.01 21.87 -28.87
N TYR K 115 -53.37 20.93 -28.00
CA TYR K 115 -52.71 20.73 -26.70
C TYR K 115 -51.70 19.58 -26.74
N GLN K 116 -50.58 19.75 -26.04
CA GLN K 116 -49.59 18.69 -25.84
C GLN K 116 -49.10 18.70 -24.40
N VAL K 117 -48.92 17.51 -23.83
CA VAL K 117 -48.44 17.35 -22.47
C VAL K 117 -46.90 17.39 -22.52
N LEU K 118 -46.31 18.45 -21.98
CA LEU K 118 -44.85 18.57 -21.94
C LEU K 118 -44.30 17.72 -20.82
N ARG K 119 -44.82 17.90 -19.60
CA ARG K 119 -44.31 17.14 -18.45
C ARG K 119 -45.43 16.76 -17.49
N LYS K 120 -45.67 15.46 -17.31
CA LYS K 120 -46.57 15.01 -16.24
C LYS K 120 -45.73 14.50 -15.09
N PHE K 121 -46.18 14.77 -13.86
CA PHE K 121 -45.56 14.19 -12.67
C PHE K 121 -46.58 14.06 -11.54
N THR K 122 -46.27 13.18 -10.59
CA THR K 122 -47.23 12.76 -9.56
C THR K 122 -46.65 12.90 -8.16
N SER K 123 -47.55 13.04 -7.19
CA SER K 123 -47.17 13.14 -5.77
C SER K 123 -48.30 12.57 -4.92
N THR K 124 -47.95 11.62 -4.04
CA THR K 124 -48.92 10.84 -3.27
C THR K 124 -49.02 11.31 -1.81
N VAL K 125 -50.24 11.24 -1.27
CA VAL K 125 -50.51 11.57 0.13
C VAL K 125 -51.47 10.51 0.68
N THR K 126 -51.22 10.07 1.91
CA THR K 126 -52.01 9.01 2.53
C THR K 126 -52.54 9.47 3.89
N GLY K 127 -53.86 9.36 4.06
CA GLY K 127 -54.52 9.64 5.34
C GLY K 127 -54.59 8.41 6.22
N GLY K 128 -54.71 8.63 7.53
CA GLY K 128 -54.85 7.56 8.50
C GLY K 128 -55.16 8.09 9.89
N GLN K 129 -56.05 7.40 10.60
CA GLN K 129 -56.49 7.80 11.94
C GLN K 129 -55.35 7.88 12.95
N TYR K 130 -54.60 6.79 13.09
CA TYR K 130 -53.51 6.69 14.07
C TYR K 130 -52.11 6.90 13.50
N ALA K 131 -51.95 6.75 12.18
CA ALA K 131 -50.67 6.98 11.52
C ALA K 131 -50.89 7.35 10.05
N SER K 132 -50.37 8.51 9.66
CA SER K 132 -50.65 9.09 8.34
C SER K 132 -49.39 9.63 7.68
N LYS K 133 -49.50 9.85 6.36
CA LYS K 133 -48.52 10.65 5.62
C LYS K 133 -49.26 11.91 5.18
N GLU K 134 -49.39 12.85 6.11
CA GLU K 134 -50.13 14.11 5.93
C GLU K 134 -49.68 14.93 4.72
N GLN K 135 -48.38 14.92 4.47
CA GLN K 135 -47.76 15.80 3.47
C GLN K 135 -46.71 15.08 2.62
N ALA K 136 -46.38 15.70 1.50
CA ALA K 136 -45.31 15.24 0.62
C ALA K 136 -44.62 16.45 -0.04
N LEU K 137 -43.32 16.33 -0.26
CA LEU K 137 -42.50 17.41 -0.80
C LEU K 137 -42.30 17.19 -2.30
N VAL K 138 -42.25 18.30 -3.04
CA VAL K 138 -42.18 18.31 -4.50
C VAL K 138 -41.17 19.35 -4.99
N LYS K 139 -40.00 18.86 -5.38
CA LYS K 139 -38.96 19.63 -6.05
C LYS K 139 -38.96 19.14 -7.50
N LYS K 140 -39.19 20.05 -8.44
CA LYS K 140 -39.20 19.68 -9.87
C LYS K 140 -38.76 20.80 -10.81
N PHE K 141 -37.49 20.74 -11.23
CA PHE K 141 -36.96 21.62 -12.27
C PHE K 141 -37.12 20.94 -13.62
N MET K 142 -37.28 21.74 -14.67
CA MET K 142 -37.47 21.22 -16.02
C MET K 142 -37.09 22.26 -17.07
N LYS K 143 -35.97 21.97 -17.76
CA LYS K 143 -35.45 22.81 -18.83
C LYS K 143 -36.24 22.54 -20.10
N ILE K 144 -37.08 23.50 -20.49
CA ILE K 144 -37.94 23.38 -21.68
C ILE K 144 -38.01 24.72 -22.41
N ASN K 145 -37.53 24.75 -23.66
CA ASN K 145 -37.44 25.98 -24.42
C ASN K 145 -38.81 26.24 -25.04
N ASN K 146 -39.50 27.29 -24.58
CA ASN K 146 -40.88 27.55 -25.00
C ASN K 146 -41.15 29.02 -25.37
N TYR K 147 -41.35 29.25 -26.67
CA TYR K 147 -41.61 30.59 -27.21
C TYR K 147 -43.10 30.89 -27.19
N VAL K 148 -43.50 32.00 -26.54
CA VAL K 148 -44.92 32.38 -26.47
C VAL K 148 -45.14 33.74 -27.11
N VAL K 149 -46.39 34.00 -27.54
CA VAL K 149 -46.75 35.24 -28.24
C VAL K 149 -48.02 35.85 -27.65
N TYR K 150 -47.98 37.17 -27.45
CA TYR K 150 -49.07 37.93 -26.84
C TYR K 150 -49.72 38.92 -27.81
N ASN K 151 -50.85 39.48 -27.39
CA ASN K 151 -51.49 40.59 -28.10
C ASN K 151 -50.72 41.90 -27.95
N HIS K 152 -51.20 42.91 -28.67
CA HIS K 152 -50.78 44.30 -28.45
C HIS K 152 -50.89 44.76 -26.99
N GLN K 153 -51.95 44.34 -26.29
CA GLN K 153 -52.25 44.83 -24.94
C GLN K 153 -51.35 44.21 -23.85
N GLU K 154 -51.38 44.83 -22.67
CA GLU K 154 -50.45 44.51 -21.58
C GLU K 154 -51.18 44.05 -20.31
N ALA K 155 -51.34 42.73 -20.18
CA ALA K 155 -51.89 42.14 -18.97
C ALA K 155 -51.53 40.66 -18.90
N ALA K 156 -51.16 40.20 -17.70
CA ALA K 156 -50.77 38.81 -17.47
C ALA K 156 -52.01 37.92 -17.40
N LYS K 157 -52.60 37.62 -18.56
CA LYS K 157 -53.83 36.82 -18.66
C LYS K 157 -53.75 35.80 -19.79
N TYR K 158 -54.49 34.71 -19.63
CA TYR K 158 -54.57 33.65 -20.64
C TYR K 158 -55.22 34.15 -21.94
N ASP K 159 -56.20 35.04 -21.81
CA ASP K 159 -56.92 35.61 -22.95
C ASP K 159 -56.02 36.37 -23.92
N ASN K 160 -54.98 37.02 -23.39
CA ASN K 160 -54.09 37.85 -24.19
C ASN K 160 -53.03 37.10 -24.99
N HIS K 161 -52.87 35.80 -24.75
CA HIS K 161 -51.99 34.96 -25.56
C HIS K 161 -52.57 34.81 -26.96
N THR K 162 -51.77 35.16 -27.98
CA THR K 162 -52.14 34.86 -29.36
C THR K 162 -51.80 33.41 -29.66
N GLU K 163 -50.62 32.97 -29.24
CA GLU K 163 -50.22 31.56 -29.38
C GLU K 163 -49.23 31.04 -28.35
N ASN K 164 -49.32 29.72 -28.11
CA ASN K 164 -48.31 28.94 -27.40
C ASN K 164 -48.25 29.24 -25.90
N ALA K 165 -49.40 29.18 -25.24
CA ALA K 165 -49.47 29.38 -23.79
C ALA K 165 -49.11 28.11 -23.05
N LEU K 166 -48.60 28.28 -21.82
CA LEU K 166 -48.28 27.17 -20.92
C LEU K 166 -49.35 27.05 -19.86
N LEU K 167 -49.85 25.85 -19.66
CA LEU K 167 -50.88 25.58 -18.66
C LEU K 167 -50.41 24.47 -17.72
N LEU K 168 -50.60 24.68 -16.43
CA LEU K 168 -50.46 23.63 -15.43
C LEU K 168 -51.86 23.19 -15.02
N TYR K 169 -52.10 21.87 -15.14
CA TYR K 169 -53.36 21.25 -14.80
C TYR K 169 -53.12 20.29 -13.65
N MET K 170 -53.99 20.35 -12.63
CA MET K 170 -53.84 19.52 -11.44
C MET K 170 -55.16 18.83 -11.13
N ALA K 171 -55.05 17.60 -10.63
CA ALA K 171 -56.22 16.78 -10.29
C ALA K 171 -55.86 15.75 -9.23
N CYS K 172 -56.70 15.65 -8.21
CA CYS K 172 -56.54 14.67 -7.13
C CYS K 172 -57.16 13.35 -7.59
N THR K 173 -56.47 12.25 -7.28
CA THR K 173 -56.91 10.92 -7.75
C THR K 173 -58.17 10.41 -7.04
N HIS K 174 -58.25 10.60 -5.72
CA HIS K 174 -59.41 10.16 -4.94
C HIS K 174 -60.59 11.10 -5.13
N ALA K 175 -61.80 10.52 -5.20
CA ALA K 175 -63.01 11.26 -5.59
C ALA K 175 -63.53 12.19 -4.49
N SER K 176 -63.71 11.65 -3.29
CA SER K 176 -64.41 12.36 -2.22
C SER K 176 -63.55 13.47 -1.59
N ASN K 177 -62.46 13.09 -0.94
CA ASN K 177 -61.66 14.01 -0.13
C ASN K 177 -60.71 14.85 -0.97
N PRO K 178 -60.66 16.18 -0.72
CA PRO K 178 -59.71 17.07 -1.40
C PRO K 178 -58.37 17.17 -0.68
N VAL K 179 -57.40 17.81 -1.33
CA VAL K 179 -56.09 18.08 -0.73
C VAL K 179 -55.60 19.48 -1.12
N TYR K 180 -54.68 20.01 -0.32
CA TYR K 180 -54.06 21.31 -0.58
C TYR K 180 -52.68 21.15 -1.19
N ALA K 181 -52.29 22.15 -1.99
CA ALA K 181 -50.94 22.24 -2.54
C ALA K 181 -50.44 23.68 -2.45
N THR K 182 -49.59 23.95 -1.46
CA THR K 182 -48.88 25.21 -1.35
C THR K 182 -47.71 25.16 -2.30
N LEU K 183 -47.84 25.86 -3.43
CA LEU K 183 -46.87 25.79 -4.51
C LEU K 183 -46.34 27.17 -4.88
N LYS K 184 -45.01 27.21 -5.05
CA LYS K 184 -44.34 28.28 -5.76
C LYS K 184 -44.03 27.73 -7.14
N ILE K 185 -44.74 28.22 -8.15
CA ILE K 185 -44.42 27.91 -9.54
C ILE K 185 -43.58 29.07 -10.06
N ARG K 186 -42.33 28.80 -10.42
CA ARG K 186 -41.45 29.84 -10.93
C ARG K 186 -41.13 29.59 -12.39
N ILE K 187 -41.03 30.68 -13.16
CA ILE K 187 -40.74 30.59 -14.60
C ILE K 187 -39.64 31.57 -14.99
N TYR K 188 -38.68 31.05 -15.76
CA TYR K 188 -37.47 31.77 -16.16
C TYR K 188 -37.50 32.03 -17.66
N PHE K 189 -37.51 33.31 -18.04
CA PHE K 189 -37.70 33.67 -19.45
C PHE K 189 -36.82 34.83 -19.95
N TYR K 190 -36.75 34.93 -21.27
CA TYR K 190 -35.96 35.95 -21.96
C TYR K 190 -36.79 36.60 -23.05
N ASP K 191 -36.59 37.91 -23.27
CA ASP K 191 -37.38 38.66 -24.26
C ASP K 191 -36.85 38.42 -25.67
N SER K 192 -37.77 38.31 -26.64
CA SER K 192 -37.40 37.91 -28.00
C SER K 192 -36.97 39.07 -28.90
N VAL K 193 -36.07 38.77 -29.83
CA VAL K 193 -35.67 39.68 -30.91
C VAL K 193 -36.42 39.38 -32.22
N GLN K 194 -36.96 38.17 -32.34
CA GLN K 194 -37.57 37.71 -33.59
C GLN K 194 -38.84 38.49 -33.95
N ASN K 195 -38.97 38.81 -35.25
CA ASN K 195 -40.16 39.47 -35.83
C ASN K 195 -40.47 40.84 -35.21
N PRO M 1 15.55 -10.25 -2.56
CA PRO M 1 16.92 -10.37 -2.07
C PRO M 1 17.07 -10.82 -0.61
N ASP M 2 16.01 -10.71 0.20
CA ASP M 2 16.09 -11.01 1.64
C ASP M 2 16.28 -12.51 1.91
N VAL M 3 15.29 -13.31 1.53
CA VAL M 3 15.34 -14.76 1.78
C VAL M 3 16.38 -15.45 0.87
N PRO M 4 17.14 -16.43 1.40
CA PRO M 4 18.03 -17.21 0.51
C PRO M 4 17.29 -18.14 -0.43
N LYS M 5 18.01 -18.72 -1.39
CA LYS M 5 17.42 -19.68 -2.34
C LYS M 5 17.02 -20.98 -1.64
N GLY M 6 15.95 -21.59 -2.14
CA GLY M 6 15.43 -22.84 -1.58
C GLY M 6 14.90 -22.73 -0.16
N CYS M 7 14.49 -21.52 0.24
CA CYS M 7 14.04 -21.24 1.61
C CYS M 7 12.78 -20.42 1.60
N GLU M 8 12.06 -20.46 2.72
CA GLU M 8 10.72 -19.89 2.81
C GLU M 8 10.50 -19.21 4.15
N GLY M 9 9.48 -18.37 4.20
CA GLY M 9 8.91 -17.92 5.47
C GLY M 9 9.66 -16.79 6.12
N PRO M 10 9.24 -16.41 7.33
CA PRO M 10 9.88 -15.31 8.04
C PRO M 10 11.28 -15.64 8.54
N CYS M 11 12.14 -14.64 8.61
CA CYS M 11 13.49 -14.79 9.15
C CYS M 11 13.40 -15.05 10.65
N LYS M 12 13.62 -16.30 11.04
CA LYS M 12 13.55 -16.69 12.44
C LYS M 12 14.90 -16.46 13.12
N VAL M 13 14.85 -15.90 14.33
CA VAL M 13 16.05 -15.65 15.14
C VAL M 13 16.27 -16.79 16.11
N GLN M 14 17.51 -16.92 16.59
CA GLN M 14 17.78 -17.77 17.75
C GLN M 14 19.01 -17.24 18.48
N SER M 15 18.90 -17.12 19.81
CA SER M 15 19.92 -16.45 20.63
C SER M 15 20.57 -17.39 21.64
N TYR M 16 21.87 -17.15 21.89
CA TYR M 16 22.62 -17.90 22.89
C TYR M 16 23.33 -16.90 23.81
N GLU M 17 22.56 -16.35 24.74
CA GLU M 17 23.07 -15.41 25.72
C GLU M 17 23.79 -16.20 26.81
N GLN M 18 25.10 -15.96 26.98
CA GLN M 18 25.86 -16.72 28.00
C GLN M 18 27.17 -16.04 28.42
N ARG M 19 27.58 -16.29 29.66
CA ARG M 19 28.91 -15.93 30.15
C ARG M 19 29.83 -17.15 30.04
N HIS M 20 30.70 -17.13 29.03
CA HIS M 20 31.63 -18.23 28.79
C HIS M 20 32.93 -17.98 29.54
N ASP M 21 33.41 -18.99 30.27
CA ASP M 21 34.70 -18.91 30.96
C ASP M 21 35.80 -19.49 30.06
N ILE M 22 36.58 -18.60 29.43
CA ILE M 22 37.53 -18.99 28.39
C ILE M 22 38.86 -19.39 29.01
N SER M 23 39.54 -20.34 28.36
CA SER M 23 40.83 -20.86 28.81
C SER M 23 41.80 -21.01 27.64
N HIS M 24 43.00 -21.47 27.96
CA HIS M 24 44.02 -21.78 26.95
C HIS M 24 43.71 -23.08 26.20
N VAL M 25 43.03 -24.01 26.88
CA VAL M 25 42.68 -25.31 26.29
C VAL M 25 41.68 -25.13 25.14
N GLY M 26 40.70 -24.26 25.34
CA GLY M 26 39.75 -23.87 24.29
C GLY M 26 38.35 -24.37 24.59
N LYS M 27 37.36 -23.50 24.36
CA LYS M 27 35.96 -23.81 24.57
C LYS M 27 35.23 -23.84 23.24
N VAL M 28 34.15 -24.62 23.19
CA VAL M 28 33.35 -24.83 21.97
C VAL M 28 31.88 -24.60 22.28
N LEU M 29 31.13 -24.09 21.31
CA LEU M 29 29.67 -24.21 21.35
C LEU M 29 29.07 -24.24 19.95
N CYS M 30 28.09 -25.11 19.74
CA CYS M 30 27.37 -25.17 18.49
C CYS M 30 26.33 -24.06 18.46
N VAL M 31 26.33 -23.28 17.40
CA VAL M 31 25.43 -22.12 17.27
C VAL M 31 24.20 -22.39 16.40
N SER M 32 24.18 -23.51 15.68
CA SER M 32 23.00 -23.94 14.91
C SER M 32 22.09 -24.91 15.69
N ASP M 33 22.25 -24.99 17.02
CA ASP M 33 21.35 -25.77 17.89
C ASP M 33 19.98 -25.10 17.98
N VAL M 34 19.07 -25.53 17.12
CA VAL M 34 17.68 -25.03 17.14
C VAL M 34 16.71 -26.22 17.10
N THR M 35 15.72 -26.18 17.99
CA THR M 35 14.73 -27.24 18.10
C THR M 35 13.63 -27.08 17.05
N ARG M 36 12.86 -28.14 16.87
CA ARG M 36 11.77 -28.18 15.90
C ARG M 36 10.43 -28.02 16.59
N GLY M 37 9.49 -27.37 15.92
CA GLY M 37 8.15 -27.21 16.45
C GLY M 37 7.37 -26.08 15.80
N ASN M 38 6.09 -26.02 16.14
CA ASN M 38 5.20 -24.97 15.64
C ASN M 38 5.48 -23.56 16.20
N GLY M 39 6.21 -23.48 17.32
CA GLY M 39 6.53 -22.21 17.95
C GLY M 39 7.47 -21.32 17.16
N LEU M 40 7.53 -20.04 17.55
CA LEU M 40 8.49 -19.08 16.97
C LEU M 40 9.88 -19.40 17.49
N THR M 41 10.88 -19.10 16.67
CA THR M 41 12.29 -19.47 16.92
C THR M 41 12.55 -20.99 16.92
N HIS M 42 11.65 -21.76 16.29
CA HIS M 42 11.80 -23.19 16.12
C HIS M 42 11.86 -23.46 14.62
N ARG M 43 12.54 -24.54 14.24
CA ARG M 43 12.50 -25.01 12.84
C ARG M 43 11.24 -25.84 12.61
N VAL M 44 10.83 -25.96 11.34
CA VAL M 44 9.62 -26.70 10.96
C VAL M 44 10.00 -28.08 10.42
N GLY M 45 10.86 -28.09 9.40
CA GLY M 45 11.37 -29.34 8.82
C GLY M 45 12.67 -29.74 9.47
N LYS M 46 13.47 -30.53 8.73
CA LYS M 46 14.80 -30.94 9.16
C LYS M 46 15.91 -30.12 8.48
N ARG M 47 15.51 -29.16 7.65
CA ARG M 47 16.45 -28.41 6.82
C ARG M 47 16.17 -26.92 6.88
N PHE M 48 17.21 -26.16 7.21
CA PHE M 48 17.12 -24.70 7.22
C PHE M 48 18.44 -24.06 6.82
N CYS M 49 18.33 -22.82 6.34
CA CYS M 49 19.48 -22.01 5.98
C CYS M 49 19.70 -20.93 7.02
N VAL M 50 20.87 -20.99 7.66
CA VAL M 50 21.37 -19.89 8.47
C VAL M 50 21.92 -18.84 7.53
N LYS M 51 21.33 -17.66 7.52
CA LYS M 51 21.80 -16.58 6.66
C LYS M 51 22.95 -15.82 7.27
N SER M 52 22.80 -15.44 8.54
CA SER M 52 23.80 -14.61 9.21
C SER M 52 23.87 -14.82 10.72
N VAL M 53 25.07 -14.60 11.25
CA VAL M 53 25.37 -14.75 12.67
C VAL M 53 25.82 -13.40 13.19
N TYR M 54 25.14 -12.91 14.22
CA TYR M 54 25.46 -11.63 14.86
C TYR M 54 25.95 -11.93 16.26
N VAL M 55 27.27 -11.87 16.42
CA VAL M 55 27.91 -12.02 17.72
C VAL M 55 28.06 -10.63 18.30
N LEU M 56 27.57 -10.44 19.53
CA LEU M 56 27.85 -9.19 20.25
C LEU M 56 27.91 -9.42 21.74
N GLY M 57 28.78 -8.66 22.40
CA GLY M 57 28.96 -8.77 23.83
C GLY M 57 30.27 -8.17 24.31
N LYS M 58 30.73 -8.66 25.45
CA LYS M 58 31.93 -8.15 26.09
C LYS M 58 32.83 -9.31 26.49
N ILE M 59 34.14 -9.10 26.31
CA ILE M 59 35.16 -10.03 26.78
C ILE M 59 35.94 -9.30 27.87
N TRP M 60 35.98 -9.88 29.07
CA TRP M 60 36.44 -9.17 30.27
C TRP M 60 37.22 -10.02 31.25
N MET M 61 37.99 -9.31 32.08
CA MET M 61 38.90 -9.91 33.04
C MET M 61 38.27 -9.87 34.44
N ASP M 62 38.59 -10.88 35.26
CA ASP M 62 38.08 -10.97 36.64
C ASP M 62 38.82 -9.97 37.54
N GLU M 63 38.28 -9.70 38.73
CA GLU M 63 38.82 -8.68 39.65
C GLU M 63 40.16 -9.07 40.29
N ASN M 64 40.30 -10.32 40.71
CA ASN M 64 41.58 -10.82 41.23
C ASN M 64 42.64 -11.04 40.14
N ILE M 65 42.19 -11.30 38.90
CA ILE M 65 43.09 -11.55 37.76
C ILE M 65 43.67 -10.24 37.20
N LYS M 66 42.81 -9.22 37.03
CA LYS M 66 43.20 -7.94 36.42
C LYS M 66 44.36 -7.19 37.08
N THR M 67 44.57 -7.41 38.38
CA THR M 67 45.71 -6.84 39.11
C THR M 67 47.06 -7.30 38.55
N LYS M 68 47.12 -8.56 38.11
CA LYS M 68 48.34 -9.15 37.54
C LYS M 68 48.60 -8.57 36.15
N ASN M 69 49.86 -8.25 35.86
CA ASN M 69 50.23 -7.65 34.56
C ASN M 69 50.44 -8.70 33.48
N HIS M 70 49.56 -8.68 32.49
CA HIS M 70 49.64 -9.59 31.33
C HIS M 70 48.72 -9.10 30.24
N THR M 71 48.78 -9.77 29.10
CA THR M 71 47.85 -9.56 27.99
C THR M 71 47.32 -10.89 27.52
N ASN M 72 46.04 -10.92 27.14
CA ASN M 72 45.49 -12.05 26.39
C ASN M 72 44.51 -11.61 25.33
N THR M 73 44.77 -12.06 24.10
CA THR M 73 43.81 -12.01 23.03
C THR M 73 42.98 -13.27 23.11
N VAL M 74 41.67 -13.11 22.93
CA VAL M 74 40.78 -14.24 22.76
C VAL M 74 40.54 -14.41 21.28
N MET M 75 40.83 -15.62 20.80
CA MET M 75 40.62 -16.03 19.42
C MET M 75 39.24 -16.66 19.32
N PHE M 76 38.42 -16.08 18.44
CA PHE M 76 37.14 -16.64 18.03
C PHE M 76 37.30 -17.24 16.64
N TYR M 77 36.88 -18.49 16.50
CA TYR M 77 36.80 -19.18 15.22
C TYR M 77 35.37 -19.67 15.02
N LEU M 78 34.66 -19.06 14.08
CA LEU M 78 33.38 -19.59 13.61
C LEU M 78 33.67 -20.57 12.48
N VAL M 79 33.60 -21.87 12.79
CA VAL M 79 33.94 -22.92 11.84
C VAL M 79 32.72 -23.80 11.56
N ARG M 80 32.71 -24.38 10.37
CA ARG M 80 31.66 -25.31 9.96
C ARG M 80 32.32 -26.66 9.72
N ASP M 81 31.69 -27.72 10.23
CA ASP M 81 32.07 -29.09 9.88
C ASP M 81 31.00 -29.73 9.00
N ARG M 82 31.44 -30.37 7.93
CA ARG M 82 30.52 -30.96 6.96
C ARG M 82 29.90 -32.26 7.48
N ARG M 83 30.61 -32.96 8.37
CA ARG M 83 30.24 -34.31 8.82
C ARG M 83 30.24 -34.40 10.35
N PRO M 84 29.25 -33.78 11.02
CA PRO M 84 29.19 -33.85 12.48
C PRO M 84 28.80 -35.23 13.02
N PHE M 85 29.59 -35.74 13.97
CA PHE M 85 29.45 -37.09 14.51
C PHE M 85 29.54 -37.07 16.04
N GLY M 86 28.52 -37.59 16.71
CA GLY M 86 28.53 -37.72 18.17
C GLY M 86 28.60 -36.39 18.88
N THR M 87 29.47 -36.29 19.87
CA THR M 87 29.72 -35.03 20.60
C THR M 87 30.70 -34.15 19.83
N ALA M 88 30.58 -32.84 20.00
CA ALA M 88 31.44 -31.87 19.32
C ALA M 88 32.86 -31.95 19.85
N MET M 89 33.82 -32.05 18.94
CA MET M 89 35.22 -32.23 19.32
C MET M 89 35.80 -31.00 19.99
N ASP M 90 36.75 -31.22 20.90
CA ASP M 90 37.40 -30.15 21.64
C ASP M 90 38.37 -29.37 20.74
N PHE M 91 38.61 -28.11 21.08
CA PHE M 91 39.52 -27.22 20.34
C PHE M 91 40.89 -27.83 20.05
N GLY M 92 41.43 -28.59 21.00
CA GLY M 92 42.73 -29.25 20.85
C GLY M 92 42.78 -30.28 19.74
N GLN M 93 41.74 -31.10 19.61
CA GLN M 93 41.72 -32.22 18.66
C GLN M 93 41.08 -31.92 17.29
N VAL M 94 40.73 -30.65 17.03
CA VAL M 94 40.32 -30.18 15.71
C VAL M 94 41.43 -29.35 15.07
N PHE M 95 41.92 -28.37 15.81
CA PHE M 95 43.00 -27.50 15.34
C PHE M 95 44.38 -28.08 15.67
N ASN M 96 45.25 -28.11 14.68
CA ASN M 96 46.65 -28.48 14.86
C ASN M 96 47.46 -27.24 15.22
N MET M 97 48.38 -27.37 16.16
CA MET M 97 49.09 -26.21 16.71
C MET M 97 50.27 -26.61 17.61
N TYR M 98 51.20 -25.69 17.78
CA TYR M 98 52.42 -25.91 18.58
C TYR M 98 52.17 -25.55 20.05
N ASP M 99 52.38 -26.51 20.95
CA ASP M 99 52.23 -26.30 22.40
C ASP M 99 50.82 -25.84 22.80
N ASN M 100 49.81 -26.38 22.12
CA ASN M 100 48.40 -26.02 22.33
C ASN M 100 48.14 -24.50 22.25
N GLU M 101 48.81 -23.85 21.30
CA GLU M 101 48.77 -22.39 21.14
C GLU M 101 47.71 -21.99 20.12
N PRO M 102 46.67 -21.25 20.55
CA PRO M 102 45.61 -20.88 19.61
C PRO M 102 45.98 -19.87 18.52
N SER M 103 47.07 -19.12 18.69
CA SER M 103 47.51 -18.18 17.65
C SER M 103 48.14 -18.87 16.43
N THR M 104 48.61 -20.11 16.60
CA THR M 104 49.13 -20.93 15.49
C THR M 104 48.08 -21.94 14.96
N ALA M 105 46.81 -21.71 15.26
CA ALA M 105 45.77 -22.71 15.02
C ALA M 105 45.23 -22.68 13.59
N THR M 106 45.45 -23.79 12.89
CA THR M 106 44.76 -24.12 11.64
C THR M 106 44.13 -25.49 11.83
N ILE M 107 43.28 -25.89 10.89
CA ILE M 107 42.54 -27.16 10.98
C ILE M 107 43.52 -28.33 10.81
N LYS M 108 43.30 -29.42 11.54
CA LYS M 108 44.18 -30.60 11.46
C LYS M 108 44.32 -31.15 10.04
N ASN M 109 45.44 -31.84 9.82
CA ASN M 109 45.91 -32.16 8.47
C ASN M 109 44.91 -32.91 7.61
N ASP M 110 44.46 -34.08 8.08
CA ASP M 110 43.49 -34.90 7.34
C ASP M 110 42.14 -35.07 8.06
N LEU M 111 41.67 -33.99 8.68
CA LEU M 111 40.23 -33.72 8.83
C LEU M 111 39.96 -32.28 8.35
N ARG M 112 40.74 -31.88 7.35
CA ARG M 112 40.73 -30.55 6.76
C ARG M 112 39.61 -30.42 5.74
N ASP M 113 39.32 -31.55 5.08
CA ASP M 113 38.12 -31.70 4.25
C ASP M 113 36.86 -31.50 5.08
N ARG M 114 36.82 -32.05 6.29
CA ARG M 114 35.64 -31.99 7.16
C ARG M 114 35.32 -30.59 7.69
N TYR M 115 36.28 -29.98 8.37
CA TYR M 115 36.11 -28.67 9.02
C TYR M 115 36.68 -27.54 8.15
N GLN M 116 35.98 -26.40 8.12
CA GLN M 116 36.53 -25.16 7.53
C GLN M 116 36.19 -23.97 8.40
N VAL M 117 37.10 -23.00 8.42
CA VAL M 117 36.94 -21.78 9.20
C VAL M 117 36.22 -20.77 8.32
N LEU M 118 35.06 -20.27 8.78
CA LEU M 118 34.30 -19.27 8.03
C LEU M 118 34.76 -17.86 8.37
N ARG M 119 34.89 -17.57 9.66
CA ARG M 119 35.42 -16.31 10.15
C ARG M 119 36.26 -16.56 11.38
N LYS M 120 37.49 -16.03 11.40
CA LYS M 120 38.25 -15.92 12.64
C LYS M 120 38.31 -14.45 13.02
N PHE M 121 38.23 -14.17 14.32
CA PHE M 121 38.45 -12.80 14.81
C PHE M 121 38.93 -12.77 16.26
N THR M 122 39.72 -11.75 16.58
CA THR M 122 40.43 -11.67 17.85
C THR M 122 39.81 -10.62 18.77
N SER M 123 40.11 -10.70 20.07
CA SER M 123 39.78 -9.62 21.00
C SER M 123 40.77 -9.54 22.17
N THR M 124 41.53 -8.44 22.21
CA THR M 124 42.61 -8.26 23.21
C THR M 124 42.10 -7.71 24.54
N VAL M 125 42.68 -8.20 25.64
CA VAL M 125 42.43 -7.67 26.99
C VAL M 125 43.76 -7.65 27.74
N THR M 126 44.02 -6.57 28.48
CA THR M 126 45.29 -6.37 29.18
C THR M 126 45.07 -6.05 30.66
N GLY M 127 45.80 -6.77 31.53
CA GLY M 127 45.76 -6.53 32.97
C GLY M 127 46.78 -5.51 33.42
N GLY M 128 47.06 -5.50 34.72
CA GLY M 128 48.02 -4.59 35.34
C GLY M 128 47.50 -4.03 36.65
N GLN M 129 48.38 -3.88 37.63
CA GLN M 129 48.01 -3.46 38.99
C GLN M 129 47.43 -2.04 39.05
N TYR M 130 48.22 -1.06 38.61
CA TYR M 130 47.83 0.35 38.70
C TYR M 130 47.04 0.86 37.49
N ALA M 131 47.22 0.21 36.33
CA ALA M 131 46.45 0.51 35.13
C ALA M 131 46.09 -0.77 34.40
N SER M 132 44.90 -0.82 33.82
CA SER M 132 44.38 -2.03 33.18
C SER M 132 43.34 -1.73 32.12
N LYS M 133 43.32 -2.54 31.06
CA LYS M 133 42.22 -2.58 30.11
C LYS M 133 41.39 -3.81 30.47
N GLU M 134 40.56 -3.65 31.50
CA GLU M 134 39.74 -4.72 32.09
C GLU M 134 38.92 -5.53 31.08
N GLN M 135 38.39 -4.83 30.07
CA GLN M 135 37.42 -5.40 29.14
C GLN M 135 37.54 -4.85 27.71
N ALA M 136 36.93 -5.58 26.79
CA ALA M 136 36.84 -5.18 25.38
C ALA M 136 35.48 -5.62 24.83
N LEU M 137 34.98 -4.83 23.87
CA LEU M 137 33.63 -5.03 23.32
C LEU M 137 33.68 -5.79 22.00
N VAL M 138 33.06 -6.97 21.99
CA VAL M 138 32.91 -7.77 20.79
C VAL M 138 31.62 -7.33 20.09
N LYS M 139 31.74 -6.97 18.82
CA LYS M 139 30.59 -6.75 17.95
C LYS M 139 30.97 -7.18 16.54
N LYS M 140 30.22 -8.15 16.01
CA LYS M 140 30.59 -8.78 14.76
C LYS M 140 29.35 -9.38 14.08
N PHE M 141 28.99 -8.81 12.94
CA PHE M 141 27.93 -9.36 12.09
C PHE M 141 28.59 -10.08 10.94
N MET M 142 28.26 -11.36 10.79
CA MET M 142 28.86 -12.23 9.78
C MET M 142 27.75 -12.78 8.90
N LYS M 143 27.85 -12.53 7.61
CA LYS M 143 26.84 -12.92 6.63
C LYS M 143 27.35 -14.20 5.94
N ILE M 144 26.73 -15.33 6.25
CA ILE M 144 27.21 -16.66 5.80
C ILE M 144 26.06 -17.61 5.48
N ASN M 145 25.66 -17.66 4.22
CA ASN M 145 24.53 -18.50 3.80
C ASN M 145 24.85 -19.99 3.92
N ASN M 146 24.64 -20.52 5.12
CA ASN M 146 24.98 -21.89 5.47
C ASN M 146 23.72 -22.75 5.64
N TYR M 147 23.54 -23.72 4.75
CA TYR M 147 22.41 -24.64 4.79
C TYR M 147 22.76 -25.79 5.69
N VAL M 148 21.91 -26.10 6.68
CA VAL M 148 22.21 -27.21 7.60
C VAL M 148 21.16 -28.32 7.47
N VAL M 149 21.48 -29.51 7.97
CA VAL M 149 20.51 -30.62 7.98
C VAL M 149 20.50 -31.34 9.32
N TYR M 150 19.29 -31.77 9.72
CA TYR M 150 19.04 -32.45 11.00
C TYR M 150 18.52 -33.88 10.81
N ASN M 151 18.35 -34.58 11.93
CA ASN M 151 17.68 -35.88 11.97
C ASN M 151 16.16 -35.71 11.95
N HIS M 152 15.45 -36.84 11.83
CA HIS M 152 14.00 -36.85 11.97
C HIS M 152 13.54 -36.45 13.36
N GLN M 153 14.31 -36.86 14.38
CA GLN M 153 14.03 -36.45 15.76
C GLN M 153 14.39 -34.98 15.98
N GLU M 154 13.77 -34.38 16.99
CA GLU M 154 13.96 -32.94 17.27
C GLU M 154 14.47 -32.64 18.68
N ALA M 155 15.60 -31.95 18.72
CA ALA M 155 16.16 -31.39 19.94
C ALA M 155 17.24 -30.39 19.54
N ALA M 156 17.46 -29.39 20.38
CA ALA M 156 18.49 -28.39 20.13
C ALA M 156 19.84 -28.94 20.56
N LYS M 157 20.40 -29.85 19.75
CA LYS M 157 21.67 -30.52 20.06
C LYS M 157 22.55 -30.73 18.84
N TYR M 158 23.85 -30.78 19.10
CA TYR M 158 24.86 -31.01 18.06
C TYR M 158 24.77 -32.43 17.47
N ASP M 159 24.39 -33.40 18.30
CA ASP M 159 24.29 -34.80 17.87
C ASP M 159 23.23 -35.03 16.79
N ASN M 160 22.16 -34.25 16.84
CA ASN M 160 21.06 -34.37 15.88
C ASN M 160 21.33 -33.76 14.51
N HIS M 161 22.44 -33.03 14.34
CA HIS M 161 22.89 -32.59 13.02
C HIS M 161 23.33 -33.77 12.17
N THR M 162 23.15 -33.65 10.85
CA THR M 162 23.77 -34.57 9.89
C THR M 162 24.55 -33.87 8.75
N GLU M 163 24.49 -32.54 8.68
CA GLU M 163 25.20 -31.80 7.64
C GLU M 163 25.30 -30.32 8.01
N ASN M 164 26.54 -29.82 8.04
CA ASN M 164 26.89 -28.40 8.17
C ASN M 164 26.44 -27.76 9.48
N ALA M 165 26.98 -28.25 10.59
CA ALA M 165 26.74 -27.66 11.90
C ALA M 165 27.72 -26.50 12.10
N LEU M 166 27.19 -25.34 12.50
CA LEU M 166 28.03 -24.18 12.78
C LEU M 166 28.54 -24.23 14.22
N LEU M 167 29.86 -24.29 14.35
CA LEU M 167 30.53 -24.33 15.65
C LEU M 167 31.30 -23.04 15.88
N LEU M 168 31.21 -22.51 17.10
CA LEU M 168 32.04 -21.39 17.54
C LEU M 168 33.06 -21.93 18.55
N TYR M 169 34.34 -21.77 18.19
CA TYR M 169 35.48 -22.21 19.00
C TYR M 169 36.19 -20.98 19.52
N MET M 170 36.27 -20.87 20.85
CA MET M 170 36.88 -19.72 21.51
C MET M 170 38.11 -20.17 22.28
N ALA M 171 39.18 -19.37 22.24
CA ALA M 171 40.41 -19.74 22.96
C ALA M 171 41.23 -18.54 23.42
N CYS M 172 41.64 -18.55 24.68
CA CYS M 172 42.48 -17.48 25.25
C CYS M 172 43.94 -17.74 24.88
N THR M 173 44.64 -16.67 24.50
CA THR M 173 46.04 -16.78 24.04
C THR M 173 47.03 -17.01 25.20
N HIS M 174 46.85 -16.32 26.32
CA HIS M 174 47.71 -16.48 27.49
C HIS M 174 47.42 -17.81 28.19
N ALA M 175 48.47 -18.42 28.75
CA ALA M 175 48.41 -19.79 29.28
C ALA M 175 47.64 -19.91 30.60
N SER M 176 48.15 -19.25 31.63
CA SER M 176 47.63 -19.40 33.00
C SER M 176 46.29 -18.71 33.22
N ASN M 177 46.27 -17.39 33.10
CA ASN M 177 45.11 -16.56 33.45
C ASN M 177 43.93 -16.74 32.49
N PRO M 178 42.73 -17.08 33.02
CA PRO M 178 41.53 -17.15 32.20
C PRO M 178 40.83 -15.79 32.09
N VAL M 179 39.87 -15.71 31.17
CA VAL M 179 39.02 -14.52 30.99
C VAL M 179 37.57 -14.92 30.77
N TYR M 180 36.66 -14.02 31.11
CA TYR M 180 35.23 -14.25 30.89
C TYR M 180 34.81 -13.60 29.58
N ALA M 181 33.74 -14.13 28.99
CA ALA M 181 33.14 -13.60 27.77
C ALA M 181 31.62 -13.62 27.89
N THR M 182 31.03 -12.48 28.22
CA THR M 182 29.57 -12.33 28.22
C THR M 182 29.15 -12.04 26.80
N LEU M 183 28.56 -13.05 26.16
CA LEU M 183 28.23 -12.97 24.74
C LEU M 183 26.79 -13.32 24.46
N LYS M 184 26.23 -12.57 23.51
CA LYS M 184 25.02 -12.94 22.82
C LYS M 184 25.45 -13.30 21.40
N ILE M 185 25.26 -14.57 21.06
CA ILE M 185 25.40 -15.07 19.71
C ILE M 185 23.97 -15.16 19.17
N ARG M 186 23.68 -14.42 18.11
CA ARG M 186 22.34 -14.43 17.53
C ARG M 186 22.36 -14.93 16.08
N ILE M 187 21.80 -16.10 15.86
CA ILE M 187 21.74 -16.72 14.53
C ILE M 187 20.40 -16.37 13.87
N TYR M 188 20.47 -15.99 12.59
CA TYR M 188 19.29 -15.65 11.78
C TYR M 188 19.10 -16.69 10.69
N PHE M 189 17.96 -17.37 10.69
CA PHE M 189 17.73 -18.47 9.74
C PHE M 189 16.36 -18.49 9.08
N TYR M 190 16.26 -19.29 8.02
CA TYR M 190 15.02 -19.51 7.28
C TYR M 190 14.82 -21.00 7.04
N ASP M 191 13.57 -21.44 7.10
CA ASP M 191 13.23 -22.86 6.87
C ASP M 191 13.35 -23.21 5.39
N SER M 192 13.95 -24.38 5.12
CA SER M 192 14.22 -24.79 3.73
C SER M 192 13.02 -25.46 3.08
N VAL M 193 13.05 -25.51 1.75
CA VAL M 193 12.04 -26.19 0.94
C VAL M 193 12.62 -27.35 0.11
N GLN M 194 13.92 -27.60 0.21
CA GLN M 194 14.59 -28.63 -0.58
C GLN M 194 14.35 -30.01 0.03
N ASN M 195 13.79 -30.93 -0.75
CA ASN M 195 13.56 -32.31 -0.33
C ASN M 195 12.75 -32.46 0.97
N PRO O 1 43.39 -20.45 -12.62
CA PRO O 1 44.03 -19.48 -11.73
C PRO O 1 44.74 -20.07 -10.51
N ASP O 2 44.38 -21.28 -10.09
CA ASP O 2 44.96 -21.89 -8.88
C ASP O 2 46.41 -22.34 -9.08
N VAL O 3 46.63 -23.33 -9.93
CA VAL O 3 47.97 -23.87 -10.16
C VAL O 3 48.83 -22.87 -10.97
N PRO O 4 50.09 -22.64 -10.56
CA PRO O 4 50.96 -21.74 -11.35
C PRO O 4 51.40 -22.31 -12.70
N LYS O 5 52.09 -21.48 -13.48
CA LYS O 5 52.60 -21.89 -14.80
C LYS O 5 53.70 -22.95 -14.68
N GLY O 6 53.66 -23.93 -15.58
CA GLY O 6 54.63 -25.02 -15.58
C GLY O 6 54.56 -25.96 -14.39
N CYS O 7 53.38 -26.04 -13.75
CA CYS O 7 53.18 -26.82 -12.54
C CYS O 7 51.90 -27.64 -12.58
N GLU O 8 51.83 -28.63 -11.69
CA GLU O 8 50.81 -29.68 -11.77
C GLU O 8 50.30 -30.07 -10.39
N GLY O 9 49.13 -30.72 -10.38
CA GLY O 9 48.72 -31.53 -9.26
C GLY O 9 48.18 -30.75 -8.09
N PRO O 10 47.95 -31.44 -6.95
CA PRO O 10 47.39 -30.79 -5.78
C PRO O 10 48.33 -29.80 -5.11
N CYS O 11 47.76 -28.78 -4.48
CA CYS O 11 48.52 -27.80 -3.71
C CYS O 11 49.02 -28.47 -2.43
N LYS O 12 50.30 -28.84 -2.43
CA LYS O 12 50.90 -29.51 -1.27
C LYS O 12 51.36 -28.49 -0.24
N VAL O 13 51.08 -28.79 1.03
CA VAL O 13 51.47 -27.93 2.15
C VAL O 13 52.77 -28.42 2.78
N GLN O 14 53.47 -27.53 3.47
CA GLN O 14 54.54 -27.96 4.38
C GLN O 14 54.68 -26.96 5.53
N SER O 15 54.66 -27.48 6.76
CA SER O 15 54.63 -26.64 7.97
C SER O 15 55.95 -26.68 8.73
N TYR O 16 56.26 -25.59 9.44
CA TYR O 16 57.44 -25.51 10.31
C TYR O 16 57.03 -24.91 11.65
N GLU O 17 56.30 -25.71 12.42
CA GLU O 17 55.81 -25.29 13.73
C GLU O 17 56.96 -25.29 14.72
N GLN O 18 57.30 -24.11 15.26
CA GLN O 18 58.43 -24.02 16.19
C GLN O 18 58.40 -22.77 17.08
N ARG O 19 58.96 -22.89 18.28
CA ARG O 19 59.25 -21.76 19.16
C ARG O 19 60.67 -21.28 18.88
N HIS O 20 60.78 -20.21 18.10
CA HIS O 20 62.07 -19.62 17.76
C HIS O 20 62.47 -18.59 18.82
N ASP O 21 63.58 -18.82 19.49
CA ASP O 21 64.12 -17.86 20.47
C ASP O 21 64.99 -16.81 19.74
N ILE O 22 64.47 -15.58 19.68
CA ILE O 22 65.07 -14.54 18.84
C ILE O 22 66.10 -13.74 19.63
N SER O 23 67.14 -13.29 18.92
CA SER O 23 68.22 -12.50 19.49
C SER O 23 68.46 -11.25 18.64
N HIS O 24 69.34 -10.38 19.12
CA HIS O 24 69.80 -9.22 18.36
C HIS O 24 70.75 -9.61 17.22
N VAL O 25 71.44 -10.75 17.40
CA VAL O 25 72.37 -11.28 16.39
C VAL O 25 71.63 -11.62 15.10
N GLY O 26 70.53 -12.37 15.23
CA GLY O 26 69.66 -12.69 14.11
C GLY O 26 69.61 -14.20 13.83
N LYS O 27 68.41 -14.77 13.95
CA LYS O 27 68.16 -16.17 13.62
C LYS O 27 67.74 -16.30 12.17
N VAL O 28 67.98 -17.49 11.60
CA VAL O 28 67.61 -17.82 10.22
C VAL O 28 66.90 -19.16 10.18
N LEU O 29 65.98 -19.34 9.24
CA LEU O 29 65.55 -20.70 8.86
C LEU O 29 65.08 -20.76 7.41
N CYS O 30 65.44 -21.83 6.71
CA CYS O 30 65.01 -22.04 5.34
C CYS O 30 63.60 -22.60 5.33
N VAL O 31 62.68 -21.91 4.67
CA VAL O 31 61.26 -22.31 4.64
C VAL O 31 60.91 -23.21 3.45
N SER O 32 61.78 -23.28 2.44
CA SER O 32 61.58 -24.18 1.30
C SER O 32 62.25 -25.57 1.47
N ASP O 33 62.63 -25.92 2.70
CA ASP O 33 63.11 -27.26 3.03
C ASP O 33 61.99 -28.29 2.93
N VAL O 34 61.91 -28.98 1.80
CA VAL O 34 60.91 -30.05 1.62
C VAL O 34 61.57 -31.29 0.99
N THR O 35 61.25 -32.45 1.57
CA THR O 35 61.86 -33.71 1.18
C THR O 35 61.20 -34.28 -0.08
N ARG O 36 61.94 -35.16 -0.76
CA ARG O 36 61.47 -35.81 -1.98
C ARG O 36 60.91 -37.19 -1.66
N GLY O 37 59.78 -37.52 -2.26
CA GLY O 37 59.14 -38.81 -2.03
C GLY O 37 57.73 -38.91 -2.61
N ASN O 38 57.21 -40.14 -2.64
CA ASN O 38 55.85 -40.39 -3.10
C ASN O 38 54.75 -39.95 -2.13
N GLY O 39 55.11 -39.79 -0.85
CA GLY O 39 54.15 -39.41 0.19
C GLY O 39 53.59 -38.01 0.08
N LEU O 40 52.53 -37.75 0.86
CA LEU O 40 51.88 -36.44 0.91
C LEU O 40 52.77 -35.47 1.68
N THR O 41 52.82 -34.22 1.21
CA THR O 41 53.74 -33.16 1.69
C THR O 41 55.17 -33.23 1.11
N HIS O 42 55.53 -34.34 0.45
CA HIS O 42 56.83 -34.46 -0.20
C HIS O 42 56.75 -33.85 -1.60
N ARG O 43 57.90 -33.43 -2.14
CA ARG O 43 58.01 -33.12 -3.56
C ARG O 43 58.28 -34.41 -4.35
N VAL O 44 57.99 -34.39 -5.65
CA VAL O 44 58.20 -35.55 -6.52
C VAL O 44 59.52 -35.38 -7.28
N GLY O 45 59.60 -34.34 -8.08
CA GLY O 45 60.79 -34.03 -8.86
C GLY O 45 61.75 -33.14 -8.11
N LYS O 46 62.81 -32.73 -8.80
CA LYS O 46 63.78 -31.78 -8.24
C LYS O 46 63.28 -30.33 -8.28
N ARG O 47 62.25 -30.05 -9.08
CA ARG O 47 61.68 -28.70 -9.21
C ARG O 47 60.29 -28.61 -8.61
N PHE O 48 59.99 -27.45 -8.04
CA PHE O 48 58.62 -27.10 -7.65
C PHE O 48 58.45 -25.60 -7.48
N CYS O 49 57.19 -25.18 -7.52
CA CYS O 49 56.84 -23.77 -7.32
C CYS O 49 56.12 -23.58 -6.00
N VAL O 50 56.74 -22.82 -5.12
CA VAL O 50 56.10 -22.34 -3.90
C VAL O 50 55.21 -21.18 -4.30
N LYS O 51 53.90 -21.35 -4.23
CA LYS O 51 52.99 -20.27 -4.61
C LYS O 51 52.95 -19.22 -3.52
N SER O 52 52.59 -19.66 -2.30
CA SER O 52 52.31 -18.76 -1.19
C SER O 52 52.86 -19.26 0.15
N VAL O 53 53.25 -18.30 0.98
CA VAL O 53 53.71 -18.54 2.36
C VAL O 53 52.67 -17.96 3.32
N TYR O 54 52.39 -18.70 4.39
CA TYR O 54 51.46 -18.27 5.43
C TYR O 54 52.14 -18.41 6.79
N VAL O 55 52.64 -17.28 7.27
CA VAL O 55 53.25 -17.19 8.59
C VAL O 55 52.15 -16.83 9.57
N LEU O 56 52.00 -17.63 10.63
CA LEU O 56 51.08 -17.25 11.69
C LEU O 56 51.52 -17.79 13.04
N GLY O 57 51.22 -17.02 14.08
CA GLY O 57 51.62 -17.37 15.44
C GLY O 57 51.72 -16.14 16.32
N LYS O 58 52.70 -16.15 17.21
CA LYS O 58 52.78 -15.17 18.27
C LYS O 58 54.22 -14.93 18.67
N ILE O 59 54.60 -13.66 18.81
CA ILE O 59 55.86 -13.30 19.47
C ILE O 59 55.54 -12.90 20.90
N TRP O 60 56.39 -13.32 21.83
CA TRP O 60 56.11 -13.12 23.24
C TRP O 60 57.35 -13.04 24.12
N MET O 61 57.14 -12.42 25.28
CA MET O 61 58.20 -12.15 26.24
C MET O 61 58.14 -13.18 27.38
N ASP O 62 59.30 -13.58 27.88
CA ASP O 62 59.40 -14.54 28.98
C ASP O 62 58.98 -13.89 30.31
N GLU O 63 58.57 -14.71 31.28
CA GLU O 63 58.03 -14.23 32.57
C GLU O 63 58.97 -13.35 33.40
N ASN O 64 60.28 -13.62 33.34
CA ASN O 64 61.28 -12.79 34.05
C ASN O 64 61.72 -11.55 33.27
N ILE O 65 61.63 -11.60 31.94
CA ILE O 65 62.03 -10.49 31.06
C ILE O 65 60.96 -9.40 30.99
N LYS O 66 59.69 -9.81 30.93
CA LYS O 66 58.55 -8.87 30.79
C LYS O 66 58.48 -7.76 31.86
N THR O 67 58.95 -8.05 33.07
CA THR O 67 58.96 -7.07 34.16
C THR O 67 59.88 -5.87 33.87
N LYS O 68 60.99 -6.13 33.18
CA LYS O 68 61.99 -5.09 32.87
C LYS O 68 61.45 -4.08 31.85
N ASN O 69 61.48 -2.79 32.21
CA ASN O 69 60.88 -1.74 31.36
C ASN O 69 61.64 -1.52 30.05
N HIS O 70 61.12 -2.09 28.97
CA HIS O 70 61.74 -1.92 27.65
C HIS O 70 60.76 -2.26 26.52
N THR O 71 61.22 -2.04 25.29
CA THR O 71 60.45 -2.41 24.10
C THR O 71 61.35 -3.09 23.08
N ASN O 72 60.76 -3.96 22.25
CA ASN O 72 61.45 -4.48 21.07
C ASN O 72 60.50 -4.95 19.99
N THR O 73 60.82 -4.58 18.76
CA THR O 73 60.18 -5.16 17.59
C THR O 73 61.01 -6.34 17.10
N VAL O 74 60.30 -7.34 16.58
CA VAL O 74 60.94 -8.49 15.95
C VAL O 74 60.83 -8.30 14.44
N MET O 75 61.99 -8.22 13.78
CA MET O 75 62.08 -7.95 12.36
C MET O 75 62.12 -9.28 11.64
N PHE O 76 61.10 -9.52 10.81
CA PHE O 76 61.01 -10.68 9.93
C PHE O 76 61.36 -10.24 8.52
N TYR O 77 62.29 -10.97 7.89
CA TYR O 77 62.67 -10.74 6.50
C TYR O 77 62.51 -12.06 5.75
N LEU O 78 61.70 -12.07 4.71
CA LEU O 78 61.58 -13.24 3.83
C LEU O 78 62.46 -13.02 2.61
N VAL O 79 63.71 -13.49 2.69
CA VAL O 79 64.67 -13.32 1.59
C VAL O 79 64.73 -14.56 0.72
N ARG O 80 65.18 -14.34 -0.51
CA ARG O 80 65.43 -15.41 -1.47
C ARG O 80 66.83 -15.20 -2.03
N ASP O 81 67.66 -16.26 -1.97
CA ASP O 81 68.96 -16.26 -2.63
C ASP O 81 68.87 -17.05 -3.93
N ARG O 82 69.36 -16.43 -5.01
CA ARG O 82 69.40 -17.09 -6.32
C ARG O 82 70.45 -18.19 -6.38
N ARG O 83 71.46 -18.13 -5.51
CA ARG O 83 72.54 -19.11 -5.47
C ARG O 83 72.75 -19.57 -4.02
N PRO O 84 72.40 -20.84 -3.70
CA PRO O 84 72.72 -21.39 -2.39
C PRO O 84 73.93 -22.32 -2.43
N PHE O 85 74.92 -22.06 -1.57
CA PHE O 85 76.07 -22.93 -1.42
C PHE O 85 76.30 -23.21 0.06
N GLY O 86 76.53 -24.48 0.39
CA GLY O 86 76.85 -24.90 1.76
C GLY O 86 75.72 -24.62 2.74
N THR O 87 76.08 -24.23 3.96
CA THR O 87 75.11 -23.86 4.99
C THR O 87 74.57 -22.46 4.74
N ALA O 88 73.40 -22.18 5.33
CA ALA O 88 72.76 -20.87 5.22
C ALA O 88 73.54 -19.83 6.01
N MET O 89 73.79 -18.67 5.40
CA MET O 89 74.56 -17.61 6.03
C MET O 89 73.78 -16.95 7.16
N ASP O 90 74.52 -16.44 8.15
CA ASP O 90 73.93 -15.77 9.31
C ASP O 90 73.43 -14.38 8.92
N PHE O 91 72.51 -13.84 9.73
CA PHE O 91 71.90 -12.53 9.48
C PHE O 91 72.90 -11.40 9.30
N GLY O 92 73.95 -11.40 10.10
CA GLY O 92 74.98 -10.36 10.06
C GLY O 92 75.81 -10.31 8.78
N GLN O 93 76.09 -11.47 8.19
CA GLN O 93 76.93 -11.57 6.99
C GLN O 93 76.15 -11.58 5.65
N VAL O 94 74.85 -11.31 5.70
CA VAL O 94 74.03 -11.08 4.50
C VAL O 94 73.61 -9.60 4.44
N PHE O 95 72.99 -9.13 5.51
CA PHE O 95 72.57 -7.73 5.65
C PHE O 95 73.70 -6.89 6.22
N ASN O 96 73.96 -5.73 5.62
CA ASN O 96 74.88 -4.75 6.21
C ASN O 96 74.09 -3.70 6.98
N MET O 97 74.70 -3.19 8.06
CA MET O 97 73.97 -2.40 9.05
C MET O 97 74.91 -1.77 10.08
N TYR O 98 74.50 -0.63 10.62
CA TYR O 98 75.30 0.10 11.60
C TYR O 98 75.13 -0.51 12.99
N ASP O 99 76.23 -0.91 13.62
CA ASP O 99 76.23 -1.48 15.00
C ASP O 99 75.41 -2.78 15.11
N ASN O 100 75.37 -3.57 14.04
CA ASN O 100 74.55 -4.78 13.96
C ASN O 100 73.07 -4.54 14.31
N GLU O 101 72.55 -3.41 13.84
CA GLU O 101 71.19 -2.96 14.14
C GLU O 101 70.23 -3.40 13.02
N PRO O 102 69.28 -4.30 13.33
CA PRO O 102 68.41 -4.82 12.27
C PRO O 102 67.40 -3.83 11.67
N SER O 103 67.10 -2.72 12.35
CA SER O 103 66.22 -1.68 11.79
C SER O 103 66.86 -0.92 10.62
N THR O 104 68.19 -0.92 10.54
CA THR O 104 68.95 -0.33 9.42
C THR O 104 69.33 -1.36 8.33
N ALA O 105 68.80 -2.58 8.42
CA ALA O 105 69.31 -3.70 7.64
C ALA O 105 68.82 -3.72 6.19
N THR O 106 69.76 -3.57 5.27
CA THR O 106 69.58 -3.87 3.85
C THR O 106 70.66 -4.87 3.44
N ILE O 107 70.49 -5.44 2.26
CA ILE O 107 71.37 -6.51 1.77
C ILE O 107 72.76 -5.92 1.46
N LYS O 108 73.81 -6.70 1.73
CA LYS O 108 75.20 -6.27 1.41
C LYS O 108 75.38 -5.94 -0.07
N ASN O 109 76.34 -5.07 -0.35
CA ASN O 109 76.56 -4.55 -1.69
C ASN O 109 76.97 -5.62 -2.70
N ASP O 110 77.85 -6.53 -2.28
CA ASP O 110 78.32 -7.63 -3.15
C ASP O 110 77.20 -8.57 -3.55
N LEU O 111 76.53 -9.15 -2.56
CA LEU O 111 75.55 -10.21 -2.78
C LEU O 111 74.12 -9.64 -2.79
N ARG O 112 73.96 -8.54 -3.52
CA ARG O 112 72.68 -7.87 -3.73
C ARG O 112 71.97 -8.49 -4.92
N ASP O 113 72.77 -8.83 -5.94
CA ASP O 113 72.33 -9.70 -7.03
C ASP O 113 71.83 -11.04 -6.50
N ARG O 114 72.53 -11.63 -5.54
CA ARG O 114 72.20 -12.96 -5.01
C ARG O 114 70.90 -12.99 -4.21
N TYR O 115 70.85 -12.17 -3.16
CA TYR O 115 69.74 -12.15 -2.19
C TYR O 115 68.77 -11.02 -2.52
N GLN O 116 67.47 -11.34 -2.50
CA GLN O 116 66.42 -10.32 -2.60
C GLN O 116 65.45 -10.48 -1.44
N VAL O 117 65.04 -9.36 -0.85
CA VAL O 117 64.05 -9.34 0.20
C VAL O 117 62.67 -9.30 -0.46
N LEU O 118 61.87 -10.34 -0.25
CA LEU O 118 60.53 -10.42 -0.83
C LEU O 118 59.50 -9.71 0.05
N ARG O 119 59.53 -10.00 1.35
CA ARG O 119 58.64 -9.36 2.33
C ARG O 119 59.39 -9.01 3.61
N LYS O 120 58.97 -7.91 4.21
CA LYS O 120 59.58 -7.35 5.40
C LYS O 120 58.46 -6.86 6.29
N PHE O 121 58.25 -7.52 7.42
CA PHE O 121 57.22 -7.16 8.37
C PHE O 121 57.72 -7.25 9.80
N THR O 122 57.07 -6.51 10.68
CA THR O 122 57.52 -6.32 12.06
C THR O 122 56.40 -6.63 13.05
N SER O 123 56.77 -6.66 14.33
CA SER O 123 55.82 -6.84 15.42
C SER O 123 56.48 -6.40 16.72
N THR O 124 55.80 -5.52 17.46
CA THR O 124 56.33 -4.92 18.69
C THR O 124 55.88 -5.64 19.97
N VAL O 125 56.78 -5.68 20.95
CA VAL O 125 56.48 -6.19 22.29
C VAL O 125 57.08 -5.22 23.29
N THR O 126 56.30 -4.82 24.29
CA THR O 126 56.71 -3.83 25.29
C THR O 126 56.60 -4.41 26.70
N GLY O 127 57.75 -4.69 27.31
CA GLY O 127 57.81 -5.18 28.69
C GLY O 127 57.83 -4.04 29.68
N GLY O 128 57.03 -4.18 30.75
CA GLY O 128 57.04 -3.25 31.88
C GLY O 128 56.67 -3.97 33.18
N GLN O 129 57.11 -3.40 34.31
CA GLN O 129 56.90 -4.02 35.63
C GLN O 129 55.44 -4.17 36.03
N TYR O 130 54.73 -3.05 36.15
CA TYR O 130 53.33 -3.05 36.62
C TYR O 130 52.30 -3.14 35.50
N ALA O 131 52.66 -2.68 34.29
CA ALA O 131 51.82 -2.80 33.12
C ALA O 131 52.69 -3.21 31.93
N SER O 132 52.17 -4.12 31.11
CA SER O 132 52.97 -4.73 30.04
C SER O 132 52.14 -5.13 28.82
N LYS O 133 52.83 -5.30 27.71
CA LYS O 133 52.30 -5.97 26.52
C LYS O 133 53.20 -7.18 26.29
N GLU O 134 52.89 -8.27 27.00
CA GLU O 134 53.69 -9.51 26.98
C GLU O 134 53.89 -10.10 25.58
N GLN O 135 52.86 -10.00 24.75
CA GLN O 135 52.81 -10.71 23.47
C GLN O 135 52.17 -9.91 22.35
N ALA O 136 52.49 -10.32 21.12
CA ALA O 136 51.87 -9.79 19.91
C ALA O 136 51.61 -10.93 18.93
N LEU O 137 50.47 -10.86 18.25
CA LEU O 137 50.00 -11.91 17.35
C LEU O 137 50.47 -11.63 15.94
N VAL O 138 51.30 -12.52 15.40
CA VAL O 138 51.75 -12.43 14.01
C VAL O 138 50.79 -13.22 13.15
N LYS O 139 50.24 -12.57 12.13
CA LYS O 139 49.50 -13.24 11.07
C LYS O 139 49.82 -12.57 9.75
N LYS O 140 50.34 -13.34 8.81
CA LYS O 140 50.81 -12.80 7.55
C LYS O 140 50.75 -13.89 6.47
N PHE O 141 49.77 -13.76 5.57
CA PHE O 141 49.71 -14.54 4.35
C PHE O 141 50.36 -13.70 3.27
N MET O 142 51.12 -14.36 2.38
CA MET O 142 51.79 -13.66 1.29
C MET O 142 52.06 -14.59 0.10
N LYS O 143 51.61 -14.14 -1.08
CA LYS O 143 51.83 -14.84 -2.33
C LYS O 143 53.16 -14.39 -2.93
N ILE O 144 53.88 -15.32 -3.53
CA ILE O 144 55.21 -15.05 -4.11
C ILE O 144 55.49 -15.72 -5.46
N ASN O 145 55.03 -16.97 -5.66
CA ASN O 145 55.27 -17.74 -6.88
C ASN O 145 56.77 -17.92 -7.16
N ASN O 146 57.44 -18.51 -6.19
CA ASN O 146 58.88 -18.77 -6.24
C ASN O 146 59.16 -20.18 -6.72
N TYR O 147 59.82 -20.29 -7.88
CA TYR O 147 60.20 -21.58 -8.46
C TYR O 147 61.56 -21.99 -7.92
N VAL O 148 61.62 -23.12 -7.22
CA VAL O 148 62.89 -23.59 -6.65
C VAL O 148 63.35 -24.90 -7.28
N VAL O 149 64.64 -25.17 -7.14
CA VAL O 149 65.29 -26.34 -7.73
C VAL O 149 66.11 -27.05 -6.64
N TYR O 150 66.29 -28.36 -6.78
CA TYR O 150 67.07 -29.15 -5.84
C TYR O 150 68.16 -29.98 -6.51
N ASN O 151 68.92 -30.69 -5.68
CA ASN O 151 69.82 -31.74 -6.14
C ASN O 151 69.04 -33.00 -6.53
N HIS O 152 69.76 -33.97 -7.05
CA HIS O 152 69.24 -35.34 -7.20
C HIS O 152 68.94 -36.00 -5.85
N GLN O 153 69.58 -35.53 -4.77
CA GLN O 153 69.33 -36.02 -3.41
C GLN O 153 67.92 -35.72 -2.91
N GLU O 154 67.51 -36.47 -1.89
CA GLU O 154 66.17 -36.40 -1.31
C GLU O 154 66.26 -36.11 0.18
N ALA O 155 66.41 -34.83 0.52
CA ALA O 155 66.48 -34.39 1.90
C ALA O 155 66.09 -32.93 2.01
N ALA O 156 65.22 -32.63 2.98
CA ALA O 156 64.78 -31.26 3.24
C ALA O 156 65.89 -30.48 3.94
N LYS O 157 66.84 -29.98 3.15
CA LYS O 157 67.97 -29.21 3.67
C LYS O 157 68.35 -28.06 2.73
N TYR O 158 68.90 -27.00 3.32
CA TYR O 158 69.38 -25.84 2.56
C TYR O 158 70.54 -26.20 1.63
N ASP O 159 71.36 -27.16 2.05
CA ASP O 159 72.51 -27.62 1.25
C ASP O 159 72.08 -28.25 -0.08
N ASN O 160 70.94 -28.94 -0.08
CA ASN O 160 70.42 -29.62 -1.28
C ASN O 160 69.75 -28.69 -2.30
N HIS O 161 69.56 -27.42 -1.95
CA HIS O 161 68.96 -26.46 -2.88
C HIS O 161 69.84 -26.13 -4.07
N THR O 162 69.19 -25.64 -5.11
CA THR O 162 69.84 -25.04 -6.26
C THR O 162 68.89 -23.94 -6.74
N GLU O 163 69.41 -22.93 -7.42
CA GLU O 163 68.58 -21.81 -7.90
C GLU O 163 67.93 -21.10 -6.68
N ASN O 164 66.62 -20.83 -6.70
CA ASN O 164 66.00 -20.02 -5.66
C ASN O 164 65.77 -20.84 -4.39
N ALA O 165 65.80 -20.17 -3.25
CA ALA O 165 65.63 -20.83 -1.94
C ALA O 165 65.16 -19.82 -0.91
N LEU O 166 63.99 -20.06 -0.32
CA LEU O 166 63.36 -19.11 0.59
C LEU O 166 63.90 -19.23 2.00
N LEU O 167 64.51 -18.14 2.47
CA LEU O 167 65.05 -18.05 3.82
C LEU O 167 64.29 -16.99 4.61
N LEU O 168 63.83 -17.35 5.80
CA LEU O 168 63.24 -16.40 6.73
C LEU O 168 64.29 -16.02 7.78
N TYR O 169 64.63 -14.72 7.82
CA TYR O 169 65.57 -14.15 8.77
C TYR O 169 64.80 -13.36 9.81
N MET O 170 65.12 -13.57 11.08
CA MET O 170 64.37 -12.99 12.19
C MET O 170 65.33 -12.33 13.16
N ALA O 171 65.06 -11.07 13.53
CA ALA O 171 65.99 -10.34 14.41
C ALA O 171 65.31 -9.42 15.42
N CYS O 172 65.70 -9.51 16.69
CA CYS O 172 65.16 -8.66 17.75
C CYS O 172 65.80 -7.27 17.67
N THR O 173 64.99 -6.22 17.78
CA THR O 173 65.50 -4.84 17.64
C THR O 173 66.27 -4.35 18.88
N HIS O 174 65.86 -4.76 20.08
CA HIS O 174 66.57 -4.43 21.32
C HIS O 174 67.84 -5.27 21.47
N ALA O 175 68.88 -4.68 22.06
CA ALA O 175 70.21 -5.28 22.10
C ALA O 175 70.33 -6.47 23.07
N SER O 176 70.13 -6.20 24.36
CA SER O 176 70.40 -7.19 25.39
C SER O 176 69.37 -8.33 25.47
N ASN O 177 68.17 -8.04 26.00
CA ASN O 177 67.20 -9.09 26.34
C ASN O 177 66.49 -9.73 25.13
N PRO O 178 66.20 -11.06 25.20
CA PRO O 178 65.61 -11.78 24.07
C PRO O 178 64.08 -11.82 24.11
N VAL O 179 63.50 -12.35 23.03
CA VAL O 179 62.06 -12.63 22.95
C VAL O 179 61.82 -13.93 22.20
N TYR O 180 60.71 -14.60 22.55
CA TYR O 180 60.33 -15.85 21.89
C TYR O 180 59.34 -15.58 20.76
N ALA O 181 59.28 -16.52 19.82
CA ALA O 181 58.34 -16.47 18.70
C ALA O 181 57.79 -17.87 18.42
N THR O 182 56.61 -18.17 18.93
CA THR O 182 55.90 -19.42 18.60
C THR O 182 55.28 -19.21 17.24
N LEU O 183 55.81 -19.88 16.23
CA LEU O 183 55.40 -19.66 14.84
C LEU O 183 55.09 -20.96 14.10
N LYS O 184 53.99 -20.92 13.37
CA LYS O 184 53.71 -21.85 12.29
C LYS O 184 53.98 -21.10 10.99
N ILE O 185 55.02 -21.54 10.29
CA ILE O 185 55.30 -21.09 8.93
C ILE O 185 54.72 -22.20 8.05
N ARG O 186 53.76 -21.86 7.20
CA ARG O 186 53.14 -22.86 6.31
C ARG O 186 53.36 -22.47 4.86
N ILE O 187 54.12 -23.31 4.14
CA ILE O 187 54.43 -23.07 2.74
C ILE O 187 53.51 -23.90 1.83
N TYR O 188 52.97 -23.25 0.80
CA TYR O 188 52.07 -23.89 -0.16
C TYR O 188 52.75 -24.01 -1.51
N PHE O 189 52.91 -25.24 -2.01
CA PHE O 189 53.64 -25.46 -3.26
C PHE O 189 53.02 -26.48 -4.20
N TYR O 190 53.48 -26.44 -5.44
CA TYR O 190 53.04 -27.34 -6.51
C TYR O 190 54.25 -27.90 -7.22
N ASP O 191 54.18 -29.18 -7.59
CA ASP O 191 55.25 -29.83 -8.33
C ASP O 191 55.31 -29.32 -9.77
N SER O 192 56.53 -29.23 -10.30
CA SER O 192 56.80 -28.64 -11.60
C SER O 192 56.81 -29.68 -12.71
N VAL O 193 56.23 -29.32 -13.85
CA VAL O 193 56.29 -30.12 -15.07
C VAL O 193 57.52 -29.80 -15.90
N GLN O 194 58.02 -28.57 -15.80
CA GLN O 194 59.13 -28.09 -16.63
C GLN O 194 60.43 -28.86 -16.38
N ASN O 195 61.24 -28.98 -17.43
CA ASN O 195 62.56 -29.64 -17.40
C ASN O 195 62.50 -31.12 -17.07
N ARG Q 1 74.17 3.22 -39.43
CA ARG Q 1 73.04 3.92 -38.75
C ARG Q 1 73.37 4.33 -37.31
N LEU Q 2 72.57 5.25 -36.78
CA LEU Q 2 72.67 5.68 -35.39
C LEU Q 2 71.27 5.89 -34.82
N TYR Q 3 70.75 4.88 -34.13
CA TYR Q 3 69.48 5.01 -33.40
C TYR Q 3 69.73 5.81 -32.14
N ARG Q 4 68.74 6.59 -31.69
CA ARG Q 4 68.82 7.27 -30.40
C ARG Q 4 68.73 6.24 -29.27
N MET Q 5 69.46 6.49 -28.18
CA MET Q 5 69.52 5.55 -27.05
C MET Q 5 68.20 5.58 -26.29
N TYR Q 6 67.44 4.49 -26.39
CA TYR Q 6 66.18 4.35 -25.66
C TYR Q 6 66.47 4.22 -24.17
N ARG Q 7 66.53 5.37 -23.50
CA ARG Q 7 66.63 5.42 -22.04
C ARG Q 7 65.48 4.64 -21.40
N THR Q 8 65.82 3.68 -20.55
CA THR Q 8 64.83 2.79 -19.94
C THR Q 8 63.93 3.56 -18.98
N PRO Q 9 62.71 3.03 -18.70
CA PRO Q 9 61.88 3.66 -17.68
C PRO Q 9 62.51 3.49 -16.30
N ASP Q 10 62.09 4.35 -15.36
CA ASP Q 10 62.67 4.41 -14.02
C ASP Q 10 64.15 4.87 -14.03
N VAL Q 11 64.49 5.74 -14.97
CA VAL Q 11 65.66 6.62 -14.85
C VAL Q 11 65.15 8.05 -15.14
N PRO Q 12 65.70 9.08 -14.47
CA PRO Q 12 65.22 10.44 -14.72
C PRO Q 12 65.53 10.98 -16.12
N LYS Q 13 64.89 12.10 -16.46
CA LYS Q 13 65.09 12.77 -17.75
C LYS Q 13 66.44 13.48 -17.77
N GLY Q 14 67.16 13.35 -18.88
CA GLY Q 14 68.51 13.89 -18.99
C GLY Q 14 69.58 13.10 -18.25
N CYS Q 15 69.23 11.90 -17.80
CA CYS Q 15 70.13 11.02 -17.05
C CYS Q 15 70.06 9.62 -17.59
N GLU Q 16 71.16 8.89 -17.45
CA GLU Q 16 71.25 7.51 -17.94
C GLU Q 16 72.19 6.72 -17.03
N GLY Q 17 72.69 5.59 -17.52
CA GLY Q 17 73.61 4.76 -16.76
C GLY Q 17 72.90 3.96 -15.70
N PRO Q 18 73.65 3.18 -14.92
CA PRO Q 18 73.05 2.42 -13.83
C PRO Q 18 72.69 3.33 -12.67
N CYS Q 19 71.65 2.96 -11.94
CA CYS Q 19 71.32 3.63 -10.68
C CYS Q 19 72.43 3.34 -9.68
N LYS Q 20 73.05 4.40 -9.16
CA LYS Q 20 74.12 4.28 -8.18
C LYS Q 20 73.58 4.68 -6.81
N VAL Q 21 73.95 3.88 -5.81
CA VAL Q 21 73.54 4.13 -4.43
C VAL Q 21 74.60 4.93 -3.71
N GLN Q 22 74.21 5.57 -2.61
CA GLN Q 22 75.18 6.16 -1.69
C GLN Q 22 74.59 6.20 -0.28
N SER Q 23 75.32 5.65 0.69
CA SER Q 23 74.82 5.46 2.05
C SER Q 23 75.55 6.32 3.07
N TYR Q 24 74.82 6.76 4.10
CA TYR Q 24 75.39 7.53 5.22
C TYR Q 24 74.92 6.88 6.52
N GLU Q 25 75.50 5.73 6.84
CA GLU Q 25 75.15 5.00 8.07
C GLU Q 25 75.76 5.70 9.27
N GLN Q 26 74.92 6.10 10.23
CA GLN Q 26 75.44 6.78 11.43
C GLN Q 26 74.47 6.77 12.62
N ARG Q 27 75.03 6.85 13.82
CA ARG Q 27 74.26 7.16 15.03
C ARG Q 27 74.30 8.67 15.25
N HIS Q 28 73.18 9.32 14.97
CA HIS Q 28 73.05 10.77 15.14
C HIS Q 28 72.55 11.08 16.55
N ASP Q 29 73.28 11.94 17.26
CA ASP Q 29 72.86 12.41 18.59
C ASP Q 29 71.99 13.65 18.42
N ILE Q 30 70.68 13.46 18.57
CA ILE Q 30 69.71 14.53 18.27
C ILE Q 30 69.53 15.41 19.50
N SER Q 31 69.33 16.70 19.25
CA SER Q 31 69.15 17.70 20.31
C SER Q 31 68.01 18.65 19.96
N HIS Q 32 67.75 19.58 20.87
CA HIS Q 32 66.74 20.62 20.68
C HIS Q 32 67.22 21.70 19.70
N VAL Q 33 68.53 21.95 19.67
CA VAL Q 33 69.12 22.96 18.79
C VAL Q 33 69.05 22.49 17.33
N GLY Q 34 69.33 21.21 17.12
CA GLY Q 34 69.10 20.56 15.83
C GLY Q 34 70.38 20.19 15.12
N LYS Q 35 70.38 18.99 14.53
CA LYS Q 35 71.50 18.45 13.78
C LYS Q 35 71.23 18.54 12.28
N VAL Q 36 72.30 18.61 11.51
CA VAL Q 36 72.23 18.68 10.04
C VAL Q 36 73.16 17.65 9.43
N LEU Q 37 72.80 17.11 8.26
CA LEU Q 37 73.82 16.48 7.40
C LEU Q 37 73.43 16.55 5.93
N CYS Q 38 74.44 16.75 5.08
CA CYS Q 38 74.23 16.79 3.63
C CYS Q 38 74.15 15.37 3.09
N VAL Q 39 73.09 15.08 2.34
CA VAL Q 39 72.89 13.75 1.76
C VAL Q 39 73.21 13.66 0.26
N SER Q 40 73.49 14.79 -0.38
CA SER Q 40 74.02 14.81 -1.75
C SER Q 40 75.55 14.67 -1.83
N ASP Q 41 76.23 14.60 -0.68
CA ASP Q 41 77.69 14.37 -0.62
C ASP Q 41 78.08 13.07 -1.33
N VAL Q 42 78.58 13.21 -2.56
CA VAL Q 42 79.13 12.08 -3.29
C VAL Q 42 80.35 12.53 -4.11
N THR Q 43 81.43 11.74 -4.04
CA THR Q 43 82.70 12.08 -4.66
C THR Q 43 82.70 11.81 -6.17
N ARG Q 44 83.60 12.49 -6.87
CA ARG Q 44 83.76 12.32 -8.32
C ARG Q 44 84.84 11.28 -8.59
N GLY Q 45 84.51 10.30 -9.44
CA GLY Q 45 85.49 9.26 -9.78
C GLY Q 45 84.92 8.15 -10.64
N ASN Q 46 85.82 7.32 -11.15
CA ASN Q 46 85.45 6.18 -11.99
C ASN Q 46 84.86 4.99 -11.21
N GLY Q 47 85.03 4.97 -9.89
CA GLY Q 47 84.49 3.88 -9.05
C GLY Q 47 82.98 3.89 -8.92
N LEU Q 48 82.43 2.78 -8.43
CA LEU Q 48 80.99 2.65 -8.17
C LEU Q 48 80.63 3.40 -6.90
N THR Q 49 79.45 4.01 -6.89
CA THR Q 49 79.02 4.98 -5.86
C THR Q 49 79.84 6.29 -5.88
N HIS Q 50 80.38 6.63 -7.04
CA HIS Q 50 80.95 7.95 -7.30
C HIS Q 50 80.13 8.56 -8.42
N ARG Q 51 80.07 9.88 -8.47
CA ARG Q 51 79.57 10.55 -9.68
C ARG Q 51 80.70 10.63 -10.70
N VAL Q 52 80.32 10.86 -11.95
CA VAL Q 52 81.27 10.94 -13.05
C VAL Q 52 81.45 12.41 -13.43
N GLY Q 53 80.36 13.08 -13.78
CA GLY Q 53 80.38 14.51 -14.10
C GLY Q 53 80.12 15.36 -12.88
N LYS Q 54 79.82 16.63 -13.13
CA LYS Q 54 79.41 17.56 -12.07
C LYS Q 54 77.91 17.53 -11.82
N ARG Q 55 77.14 17.11 -12.82
CA ARG Q 55 75.68 16.98 -12.70
C ARG Q 55 75.27 15.55 -12.44
N PHE Q 56 74.29 15.38 -11.56
CA PHE Q 56 73.57 14.12 -11.42
C PHE Q 56 72.21 14.36 -10.78
N CYS Q 57 71.30 13.41 -11.04
CA CYS Q 57 69.95 13.45 -10.48
C CYS Q 57 69.78 12.37 -9.43
N VAL Q 58 69.50 12.80 -8.20
CA VAL Q 58 68.97 11.92 -7.17
C VAL Q 58 67.52 11.66 -7.57
N LYS Q 59 67.15 10.38 -7.67
CA LYS Q 59 65.75 10.00 -7.92
C LYS Q 59 64.98 9.76 -6.64
N SER Q 60 65.65 9.18 -5.65
CA SER Q 60 64.98 8.80 -4.40
C SER Q 60 65.91 8.71 -3.20
N VAL Q 61 65.36 9.10 -2.05
CA VAL Q 61 66.02 8.98 -0.75
C VAL Q 61 65.31 7.91 0.05
N TYR Q 62 66.07 7.07 0.73
CA TYR Q 62 65.53 6.01 1.60
C TYR Q 62 66.16 6.14 2.97
N VAL Q 63 65.38 6.68 3.91
CA VAL Q 63 65.81 6.84 5.30
C VAL Q 63 65.28 5.66 6.07
N LEU Q 64 66.17 4.86 6.66
CA LEU Q 64 65.70 3.77 7.53
C LEU Q 64 66.60 3.53 8.72
N GLY Q 65 65.97 3.21 9.85
CA GLY Q 65 66.69 2.96 11.08
C GLY Q 65 65.80 3.05 12.31
N LYS Q 66 66.37 3.52 13.40
CA LYS Q 66 65.70 3.53 14.70
C LYS Q 66 66.07 4.78 15.49
N ILE Q 67 65.07 5.35 16.15
CA ILE Q 67 65.27 6.39 17.14
C ILE Q 67 65.12 5.75 18.51
N TRP Q 68 66.03 6.08 19.43
CA TRP Q 68 66.06 5.43 20.73
C TRP Q 68 66.65 6.29 21.83
N MET Q 69 66.34 5.87 23.06
CA MET Q 69 66.63 6.60 24.27
C MET Q 69 67.70 5.85 25.06
N ASP Q 70 68.56 6.60 25.75
CA ASP Q 70 69.64 6.01 26.56
C ASP Q 70 69.07 5.37 27.83
N GLU Q 71 69.83 4.46 28.43
CA GLU Q 71 69.39 3.69 29.61
C GLU Q 71 69.08 4.53 30.86
N ASN Q 72 69.80 5.64 31.04
CA ASN Q 72 69.52 6.58 32.14
C ASN Q 72 68.41 7.59 31.82
N ILE Q 73 68.25 7.93 30.54
CA ILE Q 73 67.23 8.90 30.09
C ILE Q 73 65.84 8.26 30.05
N LYS Q 74 65.75 7.01 29.57
CA LYS Q 74 64.48 6.29 29.44
C LYS Q 74 63.65 6.15 30.72
N THR Q 75 64.30 6.16 31.88
CA THR Q 75 63.59 6.10 33.16
C THR Q 75 62.79 7.37 33.46
N LYS Q 76 63.31 8.52 33.03
CA LYS Q 76 62.66 9.82 33.27
C LYS Q 76 61.41 9.97 32.41
N ASN Q 77 60.27 10.28 33.04
CA ASN Q 77 58.99 10.33 32.33
C ASN Q 77 58.86 11.59 31.47
N HIS Q 78 58.79 11.39 30.16
CA HIS Q 78 58.56 12.46 29.20
C HIS Q 78 58.19 11.87 27.85
N THR Q 79 57.84 12.73 26.90
CA THR Q 79 57.70 12.36 25.50
C THR Q 79 58.56 13.28 24.68
N ASN Q 80 59.15 12.76 23.61
CA ASN Q 80 59.84 13.60 22.65
C ASN Q 80 59.83 13.05 21.24
N THR Q 81 59.63 13.94 20.28
CA THR Q 81 59.52 13.58 18.88
C THR Q 81 60.72 14.12 18.13
N VAL Q 82 61.27 13.30 17.25
CA VAL Q 82 62.30 13.72 16.32
C VAL Q 82 61.58 14.20 15.07
N MET Q 83 61.93 15.42 14.64
CA MET Q 83 61.35 16.08 13.49
C MET Q 83 62.35 16.04 12.33
N PHE Q 84 62.14 15.12 11.40
CA PHE Q 84 62.97 15.06 10.21
C PHE Q 84 62.45 16.04 9.16
N TYR Q 85 63.37 16.84 8.63
CA TYR Q 85 63.12 17.69 7.48
C TYR Q 85 64.15 17.35 6.41
N LEU Q 86 63.67 16.95 5.23
CA LEU Q 86 64.53 16.84 4.06
C LEU Q 86 64.33 18.09 3.22
N VAL Q 87 65.34 18.97 3.23
CA VAL Q 87 65.26 20.25 2.53
C VAL Q 87 66.25 20.35 1.38
N ARG Q 88 65.85 21.11 0.37
CA ARG Q 88 66.68 21.45 -0.76
C ARG Q 88 67.15 22.87 -0.56
N ASP Q 89 68.48 23.04 -0.63
CA ASP Q 89 69.12 24.34 -0.73
C ASP Q 89 69.40 24.55 -2.21
N ARG Q 90 68.77 25.56 -2.80
CA ARG Q 90 68.88 25.82 -4.23
C ARG Q 90 70.25 26.38 -4.61
N ARG Q 91 70.72 27.39 -3.89
CA ARG Q 91 71.99 28.05 -4.17
C ARG Q 91 72.87 28.08 -2.91
N PRO Q 92 73.60 26.99 -2.63
CA PRO Q 92 74.36 26.83 -1.39
C PRO Q 92 75.77 27.46 -1.40
N PHE Q 93 76.33 27.64 -0.21
CA PHE Q 93 77.74 28.00 -0.04
C PHE Q 93 78.24 27.74 1.38
N GLY Q 94 79.54 27.43 1.47
CA GLY Q 94 80.25 27.47 2.73
C GLY Q 94 79.92 26.22 3.49
N THR Q 95 79.86 26.33 4.81
CA THR Q 95 79.36 25.25 5.65
C THR Q 95 77.83 25.28 5.60
N ALA Q 96 77.22 24.10 5.72
CA ALA Q 96 75.76 23.98 5.75
C ALA Q 96 75.24 24.66 7.00
N MET Q 97 74.32 25.59 6.82
CA MET Q 97 73.80 26.40 7.92
C MET Q 97 73.04 25.54 8.93
N ASP Q 98 73.13 25.93 10.20
CA ASP Q 98 72.53 25.16 11.29
C ASP Q 98 71.01 25.31 11.27
N PHE Q 99 70.32 24.30 11.82
CA PHE Q 99 68.86 24.28 11.96
C PHE Q 99 68.27 25.57 12.51
N GLY Q 100 68.96 26.16 13.50
CA GLY Q 100 68.54 27.41 14.11
C GLY Q 100 68.53 28.62 13.18
N GLN Q 101 69.50 28.69 12.27
CA GLN Q 101 69.66 29.86 11.39
C GLN Q 101 69.14 29.68 9.94
N VAL Q 102 68.44 28.58 9.68
CA VAL Q 102 67.66 28.40 8.44
C VAL Q 102 66.17 28.51 8.76
N PHE Q 103 65.71 27.68 9.69
CA PHE Q 103 64.33 27.68 10.13
C PHE Q 103 64.11 28.74 11.21
N ASN Q 104 63.08 29.57 11.05
CA ASN Q 104 62.66 30.49 12.12
C ASN Q 104 61.53 29.84 12.92
N MET Q 105 61.47 30.19 14.20
CA MET Q 105 60.63 29.45 15.15
C MET Q 105 60.57 30.14 16.51
N TYR Q 106 59.46 29.94 17.23
CA TYR Q 106 59.29 30.51 18.56
C TYR Q 106 60.06 29.69 19.60
N ASP Q 107 60.96 30.34 20.34
CA ASP Q 107 61.71 29.72 21.45
C ASP Q 107 62.52 28.48 21.01
N ASN Q 108 63.11 28.55 19.82
CA ASN Q 108 63.90 27.46 19.23
C ASN Q 108 63.14 26.12 19.15
N GLU Q 109 61.82 26.20 18.97
CA GLU Q 109 60.95 25.02 19.00
C GLU Q 109 60.83 24.44 17.58
N PRO Q 110 61.31 23.21 17.36
CA PRO Q 110 61.25 22.63 16.01
C PRO Q 110 59.85 22.30 15.48
N SER Q 111 58.86 22.15 16.35
CA SER Q 111 57.48 21.91 15.92
C SER Q 111 56.86 23.14 15.23
N THR Q 112 57.31 24.33 15.61
CA THR Q 112 56.88 25.59 14.97
C THR Q 112 57.78 26.02 13.79
N ALA Q 113 58.65 25.13 13.32
CA ALA Q 113 59.70 25.49 12.39
C ALA Q 113 59.21 25.60 10.95
N THR Q 114 59.44 26.75 10.34
CA THR Q 114 59.37 26.93 8.89
C THR Q 114 60.60 27.72 8.46
N ILE Q 115 60.83 27.73 7.15
CA ILE Q 115 62.02 28.37 6.57
C ILE Q 115 61.94 29.88 6.84
N LYS Q 116 63.09 30.48 7.19
CA LYS Q 116 63.16 31.93 7.47
C LYS Q 116 62.54 32.76 6.36
N ASN Q 117 61.87 33.83 6.76
CA ASN Q 117 61.20 34.75 5.84
C ASN Q 117 62.16 35.36 4.82
N ASP Q 118 63.40 35.60 5.24
CA ASP Q 118 64.44 36.18 4.38
C ASP Q 118 64.89 35.23 3.28
N LEU Q 119 65.33 34.04 3.68
CA LEU Q 119 65.97 33.08 2.76
C LEU Q 119 65.03 31.92 2.38
N ARG Q 120 63.80 32.30 2.02
CA ARG Q 120 62.75 31.37 1.65
C ARG Q 120 62.85 30.95 0.19
N ASP Q 121 63.35 31.85 -0.64
CA ASP Q 121 63.67 31.57 -2.05
C ASP Q 121 64.79 30.53 -2.17
N ARG Q 122 65.75 30.57 -1.23
CA ARG Q 122 66.92 29.72 -1.27
C ARG Q 122 66.61 28.26 -0.86
N TYR Q 123 65.95 28.10 0.28
CA TYR Q 123 65.65 26.78 0.84
C TYR Q 123 64.19 26.37 0.63
N GLN Q 124 63.95 25.10 0.33
CA GLN Q 124 62.58 24.55 0.35
C GLN Q 124 62.54 23.24 1.10
N VAL Q 125 61.43 22.99 1.80
CA VAL Q 125 61.23 21.75 2.54
C VAL Q 125 60.56 20.76 1.60
N LEU Q 126 61.25 19.67 1.24
CA LEU Q 126 60.69 18.68 0.31
C LEU Q 126 59.77 17.72 1.04
N ARG Q 127 60.29 17.13 2.13
CA ARG Q 127 59.52 16.25 2.99
C ARG Q 127 59.80 16.60 4.44
N LYS Q 128 58.79 16.45 5.29
CA LYS Q 128 58.99 16.45 6.73
C LYS Q 128 58.29 15.24 7.32
N PHE Q 129 58.86 14.68 8.38
CA PHE Q 129 58.20 13.57 9.07
C PHE Q 129 58.68 13.42 10.50
N THR Q 130 57.74 13.07 11.38
CA THR Q 130 57.96 13.03 12.81
C THR Q 130 58.25 11.61 13.28
N SER Q 131 58.78 11.49 14.50
CA SER Q 131 58.84 10.18 15.18
C SER Q 131 58.94 10.34 16.69
N THR Q 132 57.89 9.89 17.39
CA THR Q 132 57.75 10.10 18.84
C THR Q 132 58.29 8.92 19.65
N VAL Q 133 58.91 9.25 20.78
CA VAL Q 133 59.47 8.28 21.72
C VAL Q 133 59.15 8.76 23.13
N THR Q 134 58.79 7.83 24.01
CA THR Q 134 58.31 8.17 25.36
C THR Q 134 59.14 7.47 26.43
N GLY Q 135 59.67 8.26 27.36
CA GLY Q 135 60.30 7.74 28.58
C GLY Q 135 59.27 7.36 29.62
N GLY Q 136 59.76 6.77 30.71
CA GLY Q 136 58.91 6.28 31.80
C GLY Q 136 59.68 5.34 32.71
N GLN Q 137 59.53 5.53 34.01
CA GLN Q 137 60.22 4.72 35.01
C GLN Q 137 59.86 3.23 34.92
N TYR Q 138 58.57 2.93 35.02
CA TYR Q 138 58.08 1.54 35.01
C TYR Q 138 57.63 1.06 33.63
N ALA Q 139 57.14 1.97 32.79
CA ALA Q 139 56.60 1.62 31.47
C ALA Q 139 57.03 2.66 30.44
N SER Q 140 58.07 2.33 29.68
CA SER Q 140 58.64 3.21 28.67
C SER Q 140 58.40 2.70 27.26
N LYS Q 141 58.32 3.61 26.30
CA LYS Q 141 58.43 3.28 24.88
C LYS Q 141 59.83 3.72 24.45
N GLU Q 142 60.80 2.87 24.78
CA GLU Q 142 62.23 3.14 24.60
C GLU Q 142 62.63 3.60 23.20
N GLN Q 143 62.06 2.96 22.18
CA GLN Q 143 62.49 3.13 20.80
C GLN Q 143 61.35 3.25 19.81
N ALA Q 144 61.70 3.69 18.60
CA ALA Q 144 60.74 3.88 17.52
C ALA Q 144 61.44 3.67 16.18
N LEU Q 145 60.84 2.83 15.34
CA LEU Q 145 61.41 2.51 14.03
C LEU Q 145 61.09 3.59 13.01
N VAL Q 146 62.07 3.87 12.16
CA VAL Q 146 61.92 4.80 11.05
C VAL Q 146 62.16 4.03 9.77
N LYS Q 147 61.20 4.10 8.86
CA LYS Q 147 61.31 3.51 7.54
C LYS Q 147 60.56 4.41 6.55
N LYS Q 148 61.31 5.11 5.71
CA LYS Q 148 60.76 6.18 4.90
C LYS Q 148 61.46 6.30 3.56
N PHE Q 149 60.79 5.83 2.51
CA PHE Q 149 61.25 5.97 1.13
C PHE Q 149 60.53 7.15 0.51
N MET Q 150 61.29 7.99 -0.19
CA MET Q 150 60.74 9.24 -0.75
C MET Q 150 61.40 9.54 -2.09
N LYS Q 151 60.56 9.61 -3.13
CA LYS Q 151 60.98 9.82 -4.50
C LYS Q 151 61.05 11.32 -4.76
N ILE Q 152 62.25 11.83 -4.98
CA ILE Q 152 62.48 13.24 -5.27
C ILE Q 152 63.47 13.35 -6.43
N ASN Q 153 63.06 13.98 -7.52
CA ASN Q 153 63.96 14.16 -8.66
C ASN Q 153 64.79 15.44 -8.48
N ASN Q 154 65.92 15.27 -7.80
CA ASN Q 154 66.76 16.39 -7.39
C ASN Q 154 68.09 16.39 -8.14
N TYR Q 155 68.26 17.35 -9.06
CA TYR Q 155 69.46 17.46 -9.90
C TYR Q 155 70.50 18.34 -9.23
N VAL Q 156 71.56 17.76 -8.68
CA VAL Q 156 72.58 18.59 -8.05
C VAL Q 156 73.68 18.89 -9.07
N VAL Q 157 74.19 20.11 -9.03
CA VAL Q 157 75.36 20.50 -9.79
C VAL Q 157 76.49 20.66 -8.79
N TYR Q 158 77.68 20.22 -9.18
CA TYR Q 158 78.84 20.30 -8.31
C TYR Q 158 79.80 21.39 -8.75
N ASN Q 159 80.75 21.67 -7.87
CA ASN Q 159 81.92 22.48 -8.19
C ASN Q 159 82.68 21.71 -9.24
N HIS Q 160 83.53 22.41 -9.97
CA HIS Q 160 84.49 21.69 -10.79
C HIS Q 160 85.17 20.65 -9.88
N GLN Q 161 85.75 21.08 -8.75
CA GLN Q 161 86.54 20.20 -7.84
C GLN Q 161 85.93 18.85 -7.48
N GLU Q 162 86.83 17.88 -7.27
CA GLU Q 162 86.46 16.56 -6.78
C GLU Q 162 86.59 16.61 -5.27
N ALA Q 163 85.48 16.35 -4.59
CA ALA Q 163 85.45 16.09 -3.15
C ALA Q 163 84.00 15.84 -2.78
N ALA Q 164 83.80 15.02 -1.76
CA ALA Q 164 82.46 14.69 -1.27
C ALA Q 164 82.05 15.67 -0.16
N LYS Q 165 82.20 16.96 -0.44
CA LYS Q 165 82.00 18.02 0.55
C LYS Q 165 80.84 18.90 0.14
N TYR Q 166 80.25 19.56 1.13
CA TYR Q 166 79.11 20.45 0.90
C TYR Q 166 79.50 21.74 0.18
N ASP Q 167 80.68 22.27 0.52
CA ASP Q 167 81.23 23.48 -0.10
C ASP Q 167 81.24 23.43 -1.62
N ASN Q 168 81.49 22.23 -2.16
CA ASN Q 168 81.55 22.03 -3.59
C ASN Q 168 80.21 22.25 -4.31
N HIS Q 169 79.08 21.81 -3.74
CA HIS Q 169 77.79 21.87 -4.46
C HIS Q 169 77.51 23.29 -4.98
N THR Q 170 77.27 23.39 -6.29
CA THR Q 170 76.94 24.65 -6.94
C THR Q 170 75.46 24.99 -6.77
N GLU Q 171 74.59 23.97 -6.90
CA GLU Q 171 73.15 24.15 -6.70
C GLU Q 171 72.35 22.88 -6.39
N ASN Q 172 71.16 23.09 -5.82
CA ASN Q 172 70.25 22.02 -5.38
C ASN Q 172 70.83 21.00 -4.39
N ALA Q 173 71.62 21.47 -3.44
CA ALA Q 173 72.20 20.57 -2.43
C ALA Q 173 71.11 20.07 -1.49
N LEU Q 174 71.24 18.80 -1.08
CA LEU Q 174 70.27 18.15 -0.20
C LEU Q 174 70.78 18.05 1.23
N LEU Q 175 70.04 18.64 2.16
CA LEU Q 175 70.36 18.59 3.58
C LEU Q 175 69.24 17.86 4.31
N LEU Q 176 69.62 16.96 5.23
CA LEU Q 176 68.70 16.36 6.17
C LEU Q 176 68.89 17.07 7.50
N TYR Q 177 67.80 17.68 7.97
CA TYR Q 177 67.76 18.43 9.22
C TYR Q 177 66.93 17.66 10.25
N MET Q 178 67.50 17.49 11.45
CA MET Q 178 66.85 16.74 12.52
C MET Q 178 66.80 17.58 13.78
N ALA Q 179 65.78 17.37 14.59
CA ALA Q 179 65.58 18.14 15.81
C ALA Q 179 64.60 17.46 16.75
N CYS Q 180 64.93 17.45 18.05
CA CYS Q 180 64.09 16.84 19.08
C CYS Q 180 63.15 17.89 19.66
N THR Q 181 61.88 17.54 19.84
CA THR Q 181 60.88 18.50 20.37
C THR Q 181 61.06 18.86 21.85
N HIS Q 182 61.48 17.90 22.67
CA HIS Q 182 61.73 18.16 24.10
C HIS Q 182 63.06 18.87 24.29
N ALA Q 183 63.07 19.85 25.18
CA ALA Q 183 64.20 20.77 25.35
C ALA Q 183 65.36 20.17 26.12
N SER Q 184 65.05 19.54 27.26
CA SER Q 184 66.08 19.08 28.19
C SER Q 184 66.90 17.92 27.64
N ASN Q 185 66.34 16.71 27.66
CA ASN Q 185 67.12 15.48 27.39
C ASN Q 185 67.18 15.13 25.90
N PRO Q 186 68.27 14.44 25.47
CA PRO Q 186 68.49 14.14 24.07
C PRO Q 186 67.93 12.78 23.65
N VAL Q 187 68.10 12.46 22.37
CA VAL Q 187 67.69 11.17 21.80
C VAL Q 187 68.74 10.72 20.79
N TYR Q 188 68.94 9.41 20.69
CA TYR Q 188 69.82 8.84 19.66
C TYR Q 188 68.99 8.43 18.45
N ALA Q 189 69.60 8.52 17.27
CA ALA Q 189 68.98 8.05 16.03
C ALA Q 189 70.00 7.26 15.20
N THR Q 190 69.93 5.93 15.29
CA THR Q 190 70.76 5.05 14.44
C THR Q 190 70.07 4.98 13.10
N LEU Q 191 70.70 5.58 12.08
CA LEU Q 191 70.08 5.71 10.77
C LEU Q 191 71.02 5.34 9.63
N LYS Q 192 70.46 4.58 8.70
CA LYS Q 192 70.97 4.46 7.35
C LYS Q 192 70.15 5.42 6.50
N ILE Q 193 70.83 6.45 6.00
CA ILE Q 193 70.28 7.34 4.99
C ILE Q 193 70.89 6.86 3.68
N ARG Q 194 70.06 6.29 2.81
CA ARG Q 194 70.51 5.86 1.49
C ARG Q 194 69.96 6.79 0.43
N ILE Q 195 70.74 7.01 -0.62
CA ILE Q 195 70.33 7.89 -1.72
C ILE Q 195 70.62 7.22 -3.06
N TYR Q 196 69.63 7.30 -3.97
CA TYR Q 196 69.66 6.61 -5.26
C TYR Q 196 69.76 7.62 -6.38
N PHE Q 197 70.89 7.64 -7.08
CA PHE Q 197 71.14 8.68 -8.09
C PHE Q 197 71.63 8.15 -9.43
N TYR Q 198 71.43 8.98 -10.46
CA TYR Q 198 71.84 8.70 -11.83
C TYR Q 198 72.63 9.87 -12.37
N ASP Q 199 73.68 9.56 -13.13
CA ASP Q 199 74.57 10.57 -13.70
C ASP Q 199 73.95 11.20 -14.94
N SER Q 200 74.17 12.51 -15.12
CA SER Q 200 73.57 13.28 -16.21
C SER Q 200 74.22 12.96 -17.56
N VAL Q 201 73.41 13.01 -18.61
CA VAL Q 201 73.87 12.73 -19.98
C VAL Q 201 74.71 13.89 -20.53
N GLN Q 202 74.46 15.10 -20.03
CA GLN Q 202 75.21 16.29 -20.42
C GLN Q 202 76.70 16.21 -20.02
N ASN Q 203 77.46 17.22 -20.45
CA ASN Q 203 78.88 17.39 -20.10
C ASN Q 203 79.77 16.33 -20.74
N ASN S 1 65.57 36.28 -9.81
CA ASN S 1 64.44 36.80 -10.66
C ASN S 1 63.19 37.07 -9.85
N ARG S 2 62.82 36.10 -9.02
CA ARG S 2 61.73 36.23 -8.06
C ARG S 2 62.01 37.39 -7.11
N ARG S 3 63.16 37.34 -6.46
CA ARG S 3 63.52 38.34 -5.47
C ARG S 3 63.83 39.71 -6.08
N ARG S 4 64.50 39.73 -7.24
CA ARG S 4 64.95 40.98 -7.87
C ARG S 4 63.79 41.91 -8.24
N THR S 5 62.78 41.36 -8.90
CA THR S 5 61.63 42.14 -9.36
C THR S 5 60.89 42.86 -8.24
N TRP S 6 60.81 42.23 -7.07
CA TRP S 6 60.15 42.82 -5.91
C TRP S 6 60.94 43.99 -5.29
N THR S 7 62.27 43.88 -5.28
CA THR S 7 63.13 44.96 -4.75
C THR S 7 63.23 46.12 -5.76
N ASN S 8 63.43 45.77 -7.04
CA ASN S 8 63.50 46.77 -8.12
C ASN S 8 62.14 47.31 -8.58
N ARG S 9 61.04 46.93 -7.91
CA ARG S 9 59.70 47.42 -8.25
C ARG S 9 59.61 48.95 -8.27
N PRO S 10 58.63 49.51 -9.02
CA PRO S 10 58.36 50.95 -8.97
C PRO S 10 57.91 51.38 -7.59
N MET S 11 58.16 52.65 -7.26
CA MET S 11 58.17 53.11 -5.86
C MET S 11 56.97 52.57 -5.08
N TYR S 12 55.79 53.17 -5.21
CA TYR S 12 54.63 52.86 -4.33
C TYR S 12 53.77 51.64 -4.66
N ARG S 13 54.11 50.91 -5.72
CA ARG S 13 53.21 49.90 -6.30
C ARG S 13 53.92 48.58 -6.58
N LYS S 14 53.13 47.53 -6.82
CA LYS S 14 53.65 46.18 -7.07
C LYS S 14 54.33 46.10 -8.43
N PRO S 15 55.14 45.03 -8.65
CA PRO S 15 55.74 44.87 -9.98
C PRO S 15 54.68 44.78 -11.07
N ARG S 16 55.06 45.21 -12.26
CA ARG S 16 54.17 45.32 -13.39
C ARG S 16 53.51 44.01 -13.70
N LEU S 17 54.25 42.90 -13.55
CA LEU S 17 53.79 41.58 -13.93
C LEU S 17 52.49 41.23 -13.21
N TYR S 18 52.52 41.48 -11.91
CA TYR S 18 51.36 41.20 -11.04
C TYR S 18 50.15 41.98 -11.50
N ARG S 19 50.40 43.26 -11.80
CA ARG S 19 49.35 44.17 -12.26
C ARG S 19 48.71 43.63 -13.55
N MET S 20 49.59 43.21 -14.46
CA MET S 20 49.18 42.66 -15.74
C MET S 20 48.31 41.43 -15.58
N TYR S 21 48.96 40.42 -14.98
CA TYR S 21 48.59 39.00 -15.15
C TYR S 21 48.15 38.38 -13.83
N ARG S 22 47.61 37.17 -13.94
CA ARG S 22 46.97 36.47 -12.83
C ARG S 22 47.39 35.01 -12.87
N THR S 23 47.98 34.53 -11.77
CA THR S 23 48.28 33.10 -11.61
C THR S 23 47.00 32.33 -11.28
N PRO S 24 47.01 30.99 -11.44
CA PRO S 24 45.87 30.20 -10.94
C PRO S 24 45.80 30.15 -9.40
N ASP S 25 46.92 30.45 -8.75
CA ASP S 25 47.02 30.49 -7.29
C ASP S 25 46.10 31.53 -6.66
N VAL S 26 46.08 32.74 -7.20
CA VAL S 26 45.30 33.86 -6.64
C VAL S 26 43.79 33.65 -6.80
N PRO S 27 42.98 34.00 -5.77
CA PRO S 27 41.52 33.91 -5.90
C PRO S 27 40.88 34.97 -6.80
N LYS S 28 39.56 34.91 -6.91
CA LYS S 28 38.79 35.88 -7.71
C LYS S 28 38.85 37.28 -7.12
N GLY S 29 38.79 38.28 -7.99
CA GLY S 29 38.83 39.68 -7.58
C GLY S 29 40.22 40.15 -7.24
N CYS S 30 40.78 39.62 -6.15
CA CYS S 30 42.12 39.98 -5.68
C CYS S 30 43.25 39.62 -6.66
N GLU S 31 44.40 40.27 -6.45
CA GLU S 31 45.60 40.09 -7.30
C GLU S 31 46.87 39.97 -6.46
N GLY S 32 48.02 39.98 -7.15
CA GLY S 32 49.31 40.19 -6.51
C GLY S 32 49.88 38.93 -5.91
N PRO S 33 51.10 39.02 -5.35
CA PRO S 33 51.72 37.85 -4.76
C PRO S 33 51.03 37.39 -3.48
N CYS S 34 51.17 36.11 -3.17
CA CYS S 34 50.59 35.52 -1.97
C CYS S 34 51.35 36.00 -0.75
N LYS S 35 50.82 37.02 -0.07
CA LYS S 35 51.48 37.60 1.09
C LYS S 35 51.19 36.76 2.33
N VAL S 36 52.23 36.51 3.12
CA VAL S 36 52.10 35.76 4.37
C VAL S 36 51.97 36.69 5.57
N GLN S 37 51.50 36.15 6.68
CA GLN S 37 51.59 36.86 7.96
C GLN S 37 51.61 35.83 9.08
N SER S 38 52.51 36.00 10.04
CA SER S 38 52.75 35.00 11.10
C SER S 38 52.46 35.55 12.50
N TYR S 39 51.91 34.69 13.35
CA TYR S 39 51.73 34.96 14.77
C TYR S 39 52.36 33.81 15.52
N GLU S 40 53.58 34.04 16.01
CA GLU S 40 54.33 33.08 16.78
C GLU S 40 54.15 33.43 18.24
N GLN S 41 53.62 32.49 19.03
CA GLN S 41 53.38 32.78 20.45
C GLN S 41 53.22 31.52 21.31
N ARG S 42 53.59 31.62 22.58
CA ARG S 42 53.22 30.64 23.59
C ARG S 42 51.93 31.09 24.27
N HIS S 43 50.83 30.46 23.88
CA HIS S 43 49.52 30.76 24.46
C HIS S 43 49.32 29.91 25.71
N ASP S 44 48.95 30.55 26.81
CA ASP S 44 48.63 29.83 28.06
C ASP S 44 47.13 29.56 28.12
N ILE S 45 46.74 28.30 27.93
CA ILE S 45 45.32 27.95 27.74
C ILE S 45 44.67 27.64 29.09
N SER S 46 43.38 27.98 29.18
CA SER S 46 42.58 27.77 30.37
C SER S 46 41.25 27.11 30.02
N HIS S 47 40.47 26.81 31.06
CA HIS S 47 39.12 26.27 30.92
C HIS S 47 38.15 27.34 30.43
N VAL S 48 38.34 28.57 30.91
CA VAL S 48 37.52 29.71 30.51
C VAL S 48 37.75 30.03 29.03
N GLY S 49 39.01 29.98 28.59
CA GLY S 49 39.36 30.04 27.17
C GLY S 49 40.13 31.28 26.77
N LYS S 50 40.80 31.18 25.62
CA LYS S 50 41.63 32.27 25.08
C LYS S 50 41.25 32.56 23.63
N VAL S 51 41.44 33.81 23.21
CA VAL S 51 41.10 34.27 21.86
C VAL S 51 42.29 34.97 21.23
N LEU S 52 42.40 34.87 19.89
CA LEU S 52 43.24 35.83 19.15
C LEU S 52 42.75 36.05 17.73
N CYS S 53 42.91 37.26 17.23
CA CYS S 53 42.57 37.57 15.85
C CYS S 53 43.75 37.24 14.96
N VAL S 54 43.49 36.45 13.91
CA VAL S 54 44.55 36.01 13.00
C VAL S 54 44.54 36.72 11.64
N SER S 55 43.58 37.64 11.44
CA SER S 55 43.59 38.53 10.27
C SER S 55 44.28 39.88 10.54
N ASP S 56 44.84 40.06 11.74
CA ASP S 56 45.60 41.27 12.11
C ASP S 56 46.79 41.50 11.18
N VAL S 57 46.57 42.29 10.13
CA VAL S 57 47.65 42.67 9.23
C VAL S 57 47.62 44.18 8.95
N THR S 58 48.80 44.81 9.07
CA THR S 58 48.92 46.24 8.86
C THR S 58 49.04 46.58 7.37
N ARG S 59 49.02 47.88 7.08
CA ARG S 59 48.93 48.39 5.72
C ARG S 59 50.27 48.99 5.30
N GLY S 60 50.67 48.69 4.06
CA GLY S 60 51.95 49.18 3.56
C GLY S 60 52.33 48.65 2.19
N ASN S 61 53.35 49.28 1.63
CA ASN S 61 54.03 48.86 0.41
C ASN S 61 54.35 47.35 0.30
N GLY S 62 55.08 46.84 1.28
CA GLY S 62 55.84 45.61 1.13
C GLY S 62 55.06 44.32 1.28
N LEU S 63 55.80 43.23 1.48
CA LEU S 63 55.22 41.93 1.81
C LEU S 63 54.84 41.96 3.28
N THR S 64 53.93 41.06 3.67
CA THR S 64 53.32 41.05 5.00
C THR S 64 52.63 42.39 5.33
N HIS S 65 52.05 43.00 4.30
CA HIS S 65 51.34 44.27 4.40
C HIS S 65 50.16 44.26 3.44
N ARG S 66 48.98 44.64 3.93
CA ARG S 66 47.85 44.87 3.02
C ARG S 66 48.06 46.21 2.32
N VAL S 67 47.56 46.35 1.09
CA VAL S 67 47.70 47.60 0.34
C VAL S 67 46.48 48.46 0.59
N GLY S 68 45.31 47.96 0.20
CA GLY S 68 44.04 48.64 0.42
C GLY S 68 43.40 48.20 1.71
N LYS S 69 42.16 48.64 1.91
CA LYS S 69 41.38 48.22 3.07
C LYS S 69 40.81 46.81 2.94
N ARG S 70 40.57 46.35 1.71
CA ARG S 70 40.08 44.99 1.45
C ARG S 70 41.20 44.01 1.13
N PHE S 71 41.05 42.77 1.58
CA PHE S 71 41.92 41.68 1.11
C PHE S 71 41.32 40.29 1.36
N CYS S 72 41.74 39.31 0.58
CA CYS S 72 41.26 37.93 0.69
C CYS S 72 42.30 37.02 1.34
N VAL S 73 41.95 36.47 2.51
CA VAL S 73 42.71 35.40 3.14
C VAL S 73 42.32 34.11 2.44
N LYS S 74 43.29 33.43 1.84
CA LYS S 74 43.03 32.17 1.13
C LYS S 74 43.15 30.97 2.04
N SER S 75 44.19 30.95 2.88
CA SER S 75 44.45 29.81 3.75
C SER S 75 45.15 30.16 5.06
N VAL S 76 44.92 29.31 6.06
CA VAL S 76 45.52 29.41 7.38
C VAL S 76 46.29 28.12 7.64
N TYR S 77 47.52 28.27 8.16
CA TYR S 77 48.37 27.14 8.52
C TYR S 77 48.76 27.29 9.98
N VAL S 78 48.08 26.54 10.84
CA VAL S 78 48.37 26.51 12.26
C VAL S 78 49.39 25.39 12.47
N LEU S 79 50.53 25.71 13.07
CA LEU S 79 51.48 24.64 13.41
C LEU S 79 52.27 24.94 14.67
N GLY S 80 52.58 23.89 15.41
CA GLY S 80 53.30 24.00 16.67
C GLY S 80 53.02 22.83 17.59
N LYS S 81 52.98 23.12 18.88
CA LYS S 81 52.93 22.10 19.91
C LYS S 81 52.11 22.58 21.10
N ILE S 82 51.24 21.71 21.61
CA ILE S 82 50.61 21.95 22.91
C ILE S 82 51.30 21.05 23.92
N TRP S 83 51.46 21.55 25.14
CA TRP S 83 52.27 20.85 26.14
C TRP S 83 51.95 21.18 27.58
N MET S 84 52.39 20.27 28.45
CA MET S 84 52.14 20.34 29.87
C MET S 84 53.39 20.84 30.58
N ASP S 85 53.19 21.70 31.59
CA ASP S 85 54.29 22.23 32.40
C ASP S 85 54.86 21.12 33.31
N GLU S 86 56.14 21.28 33.69
CA GLU S 86 56.88 20.23 34.42
C GLU S 86 56.31 19.86 35.81
N ASN S 87 55.66 20.81 36.47
CA ASN S 87 54.96 20.54 37.75
C ASN S 87 53.54 19.99 37.59
N ILE S 88 52.88 20.35 36.49
CA ILE S 88 51.51 19.90 36.20
C ILE S 88 51.51 18.46 35.68
N LYS S 89 52.47 18.12 34.81
CA LYS S 89 52.57 16.78 34.20
C LYS S 89 52.69 15.60 35.18
N THR S 90 53.15 15.87 36.40
CA THR S 90 53.20 14.85 37.45
C THR S 90 51.80 14.35 37.84
N LYS S 91 50.84 15.27 37.89
CA LYS S 91 49.45 14.95 38.25
C LYS S 91 48.77 14.15 37.14
N ASN S 92 48.01 13.12 37.53
CA ASN S 92 47.33 12.24 36.56
C ASN S 92 45.99 12.83 36.13
N HIS S 93 45.90 13.18 34.84
CA HIS S 93 44.68 13.72 34.25
C HIS S 93 44.84 13.74 32.73
N THR S 94 43.77 14.13 32.04
CA THR S 94 43.82 14.35 30.59
C THR S 94 43.17 15.68 30.25
N ASN S 95 43.71 16.36 29.24
CA ASN S 95 43.04 17.51 28.66
C ASN S 95 43.25 17.60 27.15
N THR S 96 42.13 17.76 26.45
CA THR S 96 42.14 18.15 25.06
C THR S 96 42.07 19.68 24.99
N VAL S 97 42.90 20.25 24.12
CA VAL S 97 42.77 21.63 23.73
C VAL S 97 41.83 21.65 22.52
N MET S 98 40.75 22.41 22.66
CA MET S 98 39.78 22.65 21.61
C MET S 98 40.14 23.95 20.90
N PHE S 99 40.44 23.83 19.60
CA PHE S 99 40.65 24.97 18.70
C PHE S 99 39.41 25.17 17.87
N TYR S 100 38.91 26.41 17.84
CA TYR S 100 37.83 26.84 16.95
C TYR S 100 38.32 28.02 16.13
N LEU S 101 38.43 27.85 14.82
CA LEU S 101 38.69 28.95 13.91
C LEU S 101 37.34 29.49 13.44
N VAL S 102 36.93 30.62 14.02
CA VAL S 102 35.63 31.22 13.69
C VAL S 102 35.78 32.55 12.94
N ARG S 103 34.68 32.92 12.30
CA ARG S 103 34.57 34.15 11.53
C ARG S 103 33.39 34.90 12.11
N ASP S 104 33.56 36.20 12.36
CA ASP S 104 32.43 37.05 12.78
C ASP S 104 32.15 38.09 11.71
N ARG S 105 31.02 37.91 11.02
CA ARG S 105 30.66 38.76 9.87
C ARG S 105 30.54 40.26 10.16
N ARG S 106 30.36 40.62 11.45
CA ARG S 106 30.15 41.99 11.87
C ARG S 106 30.94 42.30 13.16
N PRO S 107 32.27 42.44 13.04
CA PRO S 107 33.14 42.57 14.21
C PRO S 107 33.33 44.00 14.70
N PHE S 108 33.45 44.14 16.02
CA PHE S 108 33.88 45.40 16.67
C PHE S 108 34.36 45.10 18.10
N GLY S 109 34.84 46.11 18.80
CA GLY S 109 35.39 45.94 20.16
C GLY S 109 36.81 45.44 20.14
N THR S 110 37.35 45.10 21.32
CA THR S 110 38.76 44.67 21.46
C THR S 110 38.93 43.17 21.25
N ALA S 111 38.04 42.40 21.86
CA ALA S 111 38.00 40.94 21.71
C ALA S 111 36.67 40.49 22.28
N MET S 112 36.10 39.43 21.72
CA MET S 112 34.81 38.94 22.21
C MET S 112 34.92 38.07 23.47
N ASP S 113 36.08 37.43 23.68
CA ASP S 113 36.34 36.50 24.79
C ASP S 113 35.52 35.20 24.72
N PHE S 114 36.15 34.12 25.17
CA PHE S 114 35.55 32.79 25.12
C PHE S 114 34.47 32.69 26.20
N GLY S 115 33.38 32.00 25.88
CA GLY S 115 32.21 31.93 26.74
C GLY S 115 31.34 33.18 26.70
N GLN S 116 31.55 34.03 25.70
CA GLN S 116 30.71 35.20 25.44
C GLN S 116 30.43 35.24 23.94
N VAL S 117 30.06 34.07 23.43
CA VAL S 117 29.99 33.75 21.99
C VAL S 117 29.69 32.26 21.83
N PHE S 118 30.41 31.43 22.59
CA PHE S 118 30.15 30.00 22.68
C PHE S 118 29.23 29.72 23.86
N ASN S 119 28.11 29.06 23.57
CA ASN S 119 27.18 28.58 24.59
C ASN S 119 27.59 27.16 24.99
N MET S 120 27.62 26.90 26.29
CA MET S 120 28.06 25.60 26.79
C MET S 120 27.58 25.34 28.21
N TYR S 121 27.34 24.07 28.52
CA TYR S 121 26.91 23.65 29.85
C TYR S 121 28.10 23.65 30.82
N ASP S 122 27.95 24.31 31.97
CA ASP S 122 28.98 24.32 33.03
C ASP S 122 30.36 24.81 32.52
N ASN S 123 30.33 25.82 31.64
CA ASN S 123 31.54 26.40 31.03
C ASN S 123 32.45 25.40 30.29
N GLU S 124 31.85 24.34 29.74
CA GLU S 124 32.59 23.20 29.18
C GLU S 124 32.84 23.36 27.68
N PRO S 125 34.12 23.52 27.25
CA PRO S 125 34.38 23.78 25.83
C PRO S 125 34.01 22.66 24.83
N SER S 126 33.90 21.42 25.29
CA SER S 126 33.51 20.31 24.41
C SER S 126 32.04 20.36 23.98
N THR S 127 31.18 20.98 24.80
CA THR S 127 29.76 21.17 24.49
C THR S 127 29.47 22.51 23.79
N ALA S 128 30.46 23.07 23.10
CA ALA S 128 30.40 24.46 22.65
C ALA S 128 29.93 24.63 21.22
N THR S 129 28.84 25.37 21.05
CA THR S 129 28.39 25.88 19.75
C THR S 129 28.09 27.37 19.92
N ILE S 130 27.84 28.05 18.81
CA ILE S 130 27.62 29.50 18.83
C ILE S 130 26.29 29.81 19.53
N LYS S 131 26.23 30.92 20.24
CA LYS S 131 25.01 31.35 20.97
C LYS S 131 23.83 31.58 20.02
N ASN S 132 22.62 31.44 20.57
CA ASN S 132 21.37 31.54 19.80
C ASN S 132 21.29 32.84 18.98
N ASP S 133 21.62 33.95 19.62
CA ASP S 133 21.46 35.27 19.01
C ASP S 133 22.61 35.61 18.06
N LEU S 134 23.84 35.33 18.48
CA LEU S 134 25.04 35.62 17.69
C LEU S 134 25.26 34.67 16.50
N ARG S 135 24.52 33.57 16.46
CA ARG S 135 24.55 32.58 15.36
C ARG S 135 24.63 33.15 13.95
N ASP S 136 23.92 34.25 13.72
CA ASP S 136 23.97 34.99 12.45
C ASP S 136 25.36 35.62 12.22
N ARG S 137 25.90 36.24 13.27
CA ARG S 137 27.18 36.95 13.21
C ARG S 137 28.37 36.01 13.07
N TYR S 138 28.49 35.07 14.01
CA TYR S 138 29.64 34.16 14.10
C TYR S 138 29.37 32.82 13.40
N GLN S 139 30.36 32.34 12.66
CA GLN S 139 30.34 30.99 12.09
C GLN S 139 31.67 30.30 12.36
N VAL S 140 31.60 29.02 12.71
CA VAL S 140 32.78 28.21 12.99
C VAL S 140 33.26 27.60 11.67
N LEU S 141 34.40 28.07 11.18
CA LEU S 141 34.93 27.61 9.88
C LEU S 141 35.57 26.24 10.01
N ARG S 142 36.45 26.09 10.99
CA ARG S 142 37.01 24.80 11.39
C ARG S 142 37.01 24.68 12.90
N LYS S 143 36.88 23.46 13.39
CA LYS S 143 37.24 23.14 14.77
C LYS S 143 38.16 21.94 14.75
N PHE S 144 39.12 21.91 15.68
CA PHE S 144 39.99 20.75 15.82
C PHE S 144 40.55 20.63 17.23
N THR S 145 40.74 19.39 17.66
CA THR S 145 41.09 19.07 19.04
C THR S 145 42.55 18.63 19.12
N SER S 146 43.11 18.62 20.32
CA SER S 146 44.41 17.98 20.54
C SER S 146 44.60 17.52 21.99
N THR S 147 44.81 16.22 22.18
CA THR S 147 44.85 15.61 23.52
C THR S 147 46.25 15.58 24.15
N VAL S 148 46.30 15.81 25.46
CA VAL S 148 47.53 15.71 26.26
C VAL S 148 47.16 15.07 27.60
N THR S 149 48.01 14.15 28.07
CA THR S 149 47.74 13.38 29.29
C THR S 149 48.90 13.46 30.28
N GLY S 150 48.58 13.83 31.52
CA GLY S 150 49.56 13.86 32.61
C GLY S 150 49.63 12.53 33.34
N GLY S 151 50.72 12.35 34.08
CA GLY S 151 50.92 11.15 34.90
C GLY S 151 52.24 11.20 35.65
N GLN S 152 52.23 10.68 36.88
CA GLN S 152 53.42 10.68 37.75
C GLN S 152 54.59 9.91 37.13
N TYR S 153 54.37 8.64 36.81
CA TYR S 153 55.43 7.76 36.31
C TYR S 153 55.45 7.63 34.78
N ALA S 154 54.30 7.79 34.13
CA ALA S 154 54.20 7.70 32.67
C ALA S 154 53.25 8.78 32.17
N SER S 155 53.75 9.67 31.32
CA SER S 155 53.00 10.83 30.85
C SER S 155 53.10 11.01 29.34
N LYS S 156 52.09 11.67 28.77
CA LYS S 156 52.16 12.21 27.41
C LYS S 156 52.25 13.72 27.54
N GLU S 157 53.48 14.19 27.77
CA GLU S 157 53.78 15.60 28.09
C GLU S 157 53.26 16.60 27.05
N GLN S 158 53.37 16.21 25.77
CA GLN S 158 53.14 17.13 24.66
C GLN S 158 52.45 16.47 23.47
N ALA S 159 51.91 17.31 22.60
CA ALA S 159 51.27 16.89 21.36
C ALA S 159 51.51 17.92 20.26
N LEU S 160 51.79 17.43 19.06
CA LEU S 160 52.16 18.28 17.93
C LEU S 160 50.92 18.66 17.13
N VAL S 161 50.65 19.96 17.05
CA VAL S 161 49.57 20.48 16.21
C VAL S 161 50.17 20.83 14.86
N LYS S 162 49.57 20.29 13.78
CA LYS S 162 49.94 20.67 12.43
C LYS S 162 48.69 20.61 11.57
N LYS S 163 48.18 21.77 11.19
CA LYS S 163 46.87 21.88 10.57
C LYS S 163 46.84 23.00 9.54
N PHE S 164 46.84 22.61 8.28
CA PHE S 164 46.61 23.52 7.16
C PHE S 164 45.11 23.51 6.86
N MET S 165 44.59 24.66 6.48
CA MET S 165 43.16 24.79 6.20
C MET S 165 42.89 25.97 5.25
N LYS S 166 42.28 25.65 4.11
CA LYS S 166 41.98 26.61 3.08
C LYS S 166 40.57 27.16 3.29
N ILE S 167 40.46 28.49 3.34
CA ILE S 167 39.19 29.17 3.61
C ILE S 167 39.17 30.55 2.93
N ASN S 168 38.70 30.59 1.68
CA ASN S 168 38.68 31.84 0.91
C ASN S 168 37.77 32.88 1.54
N ASN S 169 38.36 33.69 2.43
CA ASN S 169 37.64 34.64 3.25
C ASN S 169 38.09 36.08 2.99
N TYR S 170 37.17 36.91 2.51
CA TYR S 170 37.44 38.31 2.19
C TYR S 170 37.19 39.17 3.42
N VAL S 171 38.14 40.06 3.74
CA VAL S 171 38.03 40.96 4.90
C VAL S 171 38.30 42.42 4.49
N VAL S 172 37.68 43.34 5.25
CA VAL S 172 37.72 44.78 5.01
C VAL S 172 38.04 45.52 6.32
N TYR S 173 38.95 46.49 6.20
CA TYR S 173 39.47 47.27 7.32
C TYR S 173 38.95 48.70 7.30
N ASN S 174 39.33 49.46 8.34
CA ASN S 174 39.24 50.92 8.31
C ASN S 174 40.29 51.52 7.40
N HIS S 175 40.19 52.83 7.16
CA HIS S 175 41.24 53.59 6.50
C HIS S 175 42.57 53.55 7.28
N GLN S 176 42.50 53.67 8.60
CA GLN S 176 43.69 53.67 9.44
C GLN S 176 44.23 52.26 9.60
N GLU S 177 45.55 52.14 9.67
CA GLU S 177 46.22 50.84 9.79
C GLU S 177 46.87 50.73 11.16
N ALA S 178 46.48 49.70 11.90
CA ALA S 178 47.13 49.33 13.15
C ALA S 178 47.41 47.83 13.31
N ALA S 179 46.98 47.00 12.36
CA ALA S 179 46.99 45.54 12.51
C ALA S 179 46.31 45.10 13.81
N LYS S 180 45.11 45.61 14.05
CA LYS S 180 44.37 45.32 15.28
C LYS S 180 42.95 44.86 14.96
N TYR S 181 42.41 44.03 15.86
CA TYR S 181 41.05 43.50 15.72
C TYR S 181 39.98 44.60 15.65
N ASP S 182 40.22 45.69 16.36
CA ASP S 182 39.29 46.84 16.40
C ASP S 182 39.06 47.46 15.02
N ASN S 183 40.10 47.46 14.19
CA ASN S 183 40.04 48.09 12.87
C ASN S 183 39.20 47.37 11.81
N HIS S 184 38.89 46.09 12.02
CA HIS S 184 38.18 45.31 11.00
C HIS S 184 36.73 45.79 10.89
N THR S 185 36.42 46.35 9.73
CA THR S 185 35.05 46.76 9.39
C THR S 185 34.23 45.53 9.01
N GLU S 186 34.76 44.72 8.10
CA GLU S 186 34.12 43.44 7.74
C GLU S 186 34.68 42.33 8.61
N ASN S 187 34.12 41.13 8.46
CA ASN S 187 34.60 39.90 9.13
C ASN S 187 36.11 39.72 9.35
N ALA S 188 36.44 39.18 10.52
CA ALA S 188 37.82 38.96 10.93
C ALA S 188 37.94 37.52 11.43
N LEU S 189 38.99 36.84 11.01
CA LEU S 189 39.25 35.47 11.45
C LEU S 189 39.76 35.45 12.88
N LEU S 190 39.04 34.76 13.75
CA LEU S 190 39.42 34.61 15.14
C LEU S 190 39.71 33.15 15.45
N LEU S 191 40.80 32.90 16.16
CA LEU S 191 41.11 31.59 16.71
C LEU S 191 40.77 31.62 18.20
N TYR S 192 39.94 30.65 18.61
CA TYR S 192 39.51 30.48 19.98
C TYR S 192 40.03 29.15 20.49
N MET S 193 40.78 29.19 21.59
CA MET S 193 41.38 28.00 22.19
C MET S 193 40.79 27.75 23.58
N ALA S 194 40.54 26.48 23.91
CA ALA S 194 40.03 26.16 25.26
C ALA S 194 40.46 24.79 25.77
N CYS S 195 40.92 24.75 27.02
CA CYS S 195 41.33 23.49 27.66
C CYS S 195 40.11 22.76 28.21
N THR S 196 40.01 21.47 27.93
CA THR S 196 38.83 20.69 28.33
C THR S 196 38.79 20.39 29.84
N HIS S 197 39.96 20.16 30.46
CA HIS S 197 40.04 19.93 31.90
C HIS S 197 39.87 21.24 32.67
N ALA S 198 39.13 21.19 33.76
CA ALA S 198 38.66 22.39 34.47
C ALA S 198 39.76 23.08 35.27
N SER S 199 40.48 22.32 36.09
CA SER S 199 41.44 22.89 37.05
C SER S 199 42.73 23.39 36.35
N ASN S 200 43.64 22.47 36.03
CA ASN S 200 45.00 22.84 35.59
C ASN S 200 45.06 23.27 34.11
N PRO S 201 46.05 24.12 33.76
CA PRO S 201 46.17 24.66 32.40
C PRO S 201 47.10 23.83 31.52
N VAL S 202 47.18 24.24 30.26
CA VAL S 202 48.17 23.71 29.31
C VAL S 202 48.73 24.83 28.44
N TYR S 203 49.98 24.67 28.03
CA TYR S 203 50.63 25.64 27.15
C TYR S 203 50.45 25.22 25.70
N ALA S 204 50.53 26.21 24.81
CA ALA S 204 50.42 26.00 23.38
C ALA S 204 51.38 26.93 22.63
N THR S 205 52.57 26.41 22.29
CA THR S 205 53.52 27.13 21.45
C THR S 205 53.08 26.96 20.02
N LEU S 206 52.60 28.05 19.41
CA LEU S 206 52.03 28.01 18.08
C LEU S 206 52.57 29.10 17.17
N LYS S 207 52.89 28.69 15.96
CA LYS S 207 52.97 29.58 14.82
C LYS S 207 51.63 29.45 14.10
N ILE S 208 50.87 30.55 14.10
CA ILE S 208 49.66 30.65 13.28
C ILE S 208 50.08 31.45 12.05
N ARG S 209 50.09 30.81 10.89
CA ARG S 209 50.43 31.51 9.66
C ARG S 209 49.18 31.73 8.81
N ILE S 210 49.10 32.87 8.14
CA ILE S 210 47.95 33.22 7.31
C ILE S 210 48.41 33.74 5.95
N TYR S 211 47.76 33.24 4.90
CA TYR S 211 48.14 33.51 3.51
C TYR S 211 47.05 34.30 2.82
N PHE S 212 47.40 35.46 2.28
CA PHE S 212 46.40 36.38 1.74
C PHE S 212 46.85 37.16 0.51
N TYR S 213 45.85 37.73 -0.17
CA TYR S 213 46.02 38.47 -1.42
C TYR S 213 45.22 39.76 -1.38
N ASP S 214 45.72 40.79 -2.03
CA ASP S 214 45.11 42.13 -1.99
C ASP S 214 44.00 42.28 -3.02
N SER S 215 42.90 42.91 -2.59
CA SER S 215 41.68 43.01 -3.38
C SER S 215 41.70 44.15 -4.39
N VAL S 216 41.25 43.86 -5.61
CA VAL S 216 41.04 44.86 -6.66
C VAL S 216 39.61 45.43 -6.58
N GLN S 217 38.71 44.69 -5.94
CA GLN S 217 37.29 45.03 -5.91
C GLN S 217 37.03 46.34 -5.15
N ASN S 218 35.98 47.04 -5.57
CA ASN S 218 35.55 48.32 -4.96
C ASN S 218 36.60 49.42 -5.06
N PRO U 1 16.95 20.86 -1.72
CA PRO U 1 17.30 19.69 -0.92
C PRO U 1 17.32 19.90 0.61
N ASP U 2 17.18 21.15 1.09
CA ASP U 2 17.30 21.44 2.52
C ASP U 2 16.12 20.90 3.35
N VAL U 3 14.93 21.45 3.12
CA VAL U 3 13.74 21.05 3.88
C VAL U 3 13.26 19.66 3.43
N PRO U 4 12.82 18.80 4.38
CA PRO U 4 12.29 17.49 3.96
C PRO U 4 10.88 17.55 3.36
N LYS U 5 10.40 16.40 2.90
CA LYS U 5 9.07 16.29 2.28
C LYS U 5 7.95 16.44 3.31
N GLY U 6 6.85 17.08 2.89
CA GLY U 6 5.66 17.23 3.74
C GLY U 6 5.79 18.16 4.94
N CYS U 7 6.84 18.98 4.95
CA CYS U 7 7.10 19.91 6.04
C CYS U 7 7.73 21.18 5.48
N GLU U 8 7.51 22.28 6.20
CA GLU U 8 7.83 23.61 5.67
C GLU U 8 8.23 24.56 6.78
N GLY U 9 8.91 25.62 6.40
CA GLY U 9 9.29 26.70 7.30
C GLY U 9 10.75 26.60 7.63
N PRO U 10 11.23 27.49 8.53
CA PRO U 10 12.65 27.49 8.89
C PRO U 10 13.02 26.29 9.76
N CYS U 11 14.28 25.88 9.66
CA CYS U 11 14.83 24.81 10.49
C CYS U 11 14.91 25.30 11.92
N LYS U 12 14.08 24.73 12.79
CA LYS U 12 14.07 25.11 14.21
C LYS U 12 14.94 24.14 15.00
N VAL U 13 15.72 24.72 15.92
CA VAL U 13 16.62 23.94 16.78
C VAL U 13 15.95 23.70 18.13
N GLN U 14 16.32 22.61 18.79
CA GLN U 14 15.95 22.43 20.20
C GLN U 14 17.09 21.72 20.92
N SER U 15 17.52 22.28 22.05
CA SER U 15 18.73 21.83 22.75
C SER U 15 18.43 21.23 24.12
N TYR U 16 19.29 20.31 24.55
CA TYR U 16 19.23 19.75 25.91
C TYR U 16 20.62 19.76 26.54
N GLU U 17 20.81 20.63 27.52
CA GLU U 17 22.06 20.73 28.27
C GLU U 17 21.90 19.97 29.57
N GLN U 18 22.81 19.01 29.82
CA GLN U 18 22.79 18.27 31.08
C GLN U 18 24.10 17.52 31.33
N ARG U 19 24.42 17.38 32.63
CA ARG U 19 25.40 16.44 33.12
C ARG U 19 24.64 15.18 33.50
N HIS U 20 24.60 14.22 32.58
CA HIS U 20 23.92 12.96 32.81
C HIS U 20 24.82 12.07 33.66
N ASP U 21 24.28 11.58 34.78
CA ASP U 21 25.00 10.62 35.63
C ASP U 21 24.64 9.20 35.19
N ILE U 22 25.60 8.49 34.60
CA ILE U 22 25.34 7.21 33.94
C ILE U 22 25.60 6.05 34.90
N SER U 23 24.84 4.97 34.72
CA SER U 23 24.97 3.76 35.52
C SER U 23 24.96 2.51 34.64
N HIS U 24 25.07 1.36 35.28
CA HIS U 24 24.96 0.06 34.62
C HIS U 24 23.50 -0.28 34.32
N VAL U 25 22.57 0.25 35.11
CA VAL U 25 21.14 0.00 34.93
C VAL U 25 20.63 0.67 33.65
N GLY U 26 21.10 1.89 33.39
CA GLY U 26 20.85 2.58 32.13
C GLY U 26 19.91 3.76 32.29
N LYS U 27 20.30 4.89 31.70
CA LYS U 27 19.53 6.13 31.73
C LYS U 27 18.83 6.35 30.39
N VAL U 28 17.72 7.07 30.43
CA VAL U 28 16.91 7.40 29.25
C VAL U 28 16.66 8.89 29.19
N LEU U 29 16.57 9.45 27.98
CA LEU U 29 15.91 10.75 27.82
C LEU U 29 15.28 10.92 26.44
N CYS U 30 14.11 11.54 26.40
CA CYS U 30 13.39 11.77 25.14
C CYS U 30 13.92 13.03 24.48
N VAL U 31 14.54 12.87 23.31
CA VAL U 31 15.15 14.01 22.60
C VAL U 31 14.17 14.77 21.69
N SER U 32 13.02 14.16 21.37
CA SER U 32 11.98 14.81 20.57
C SER U 32 11.01 15.70 21.37
N ASP U 33 11.26 15.86 22.67
CA ASP U 33 10.48 16.77 23.52
C ASP U 33 10.60 18.22 23.06
N VAL U 34 9.56 18.71 22.39
CA VAL U 34 9.47 20.13 22.02
C VAL U 34 8.04 20.63 22.19
N THR U 35 7.91 21.81 22.80
CA THR U 35 6.62 22.38 23.15
C THR U 35 5.98 23.11 21.97
N ARG U 36 4.67 23.31 22.04
CA ARG U 36 3.90 23.96 20.99
C ARG U 36 3.69 25.41 21.35
N GLY U 37 3.91 26.29 20.37
CA GLY U 37 3.76 27.72 20.63
C GLY U 37 4.21 28.58 19.48
N ASN U 38 3.77 29.84 19.49
CA ASN U 38 4.12 30.80 18.46
C ASN U 38 5.60 31.25 18.49
N GLY U 39 6.28 31.04 19.61
CA GLY U 39 7.68 31.43 19.76
C GLY U 39 8.66 30.60 18.93
N LEU U 40 9.93 31.01 18.97
CA LEU U 40 11.02 30.28 18.30
C LEU U 40 11.37 29.04 19.12
N THR U 41 11.92 28.03 18.45
CA THR U 41 12.22 26.72 19.06
C THR U 41 10.97 26.01 19.63
N HIS U 42 9.82 26.26 19.02
CA HIS U 42 8.55 25.64 19.38
C HIS U 42 7.99 25.00 18.12
N ARG U 43 7.16 23.96 18.30
CA ARG U 43 6.35 23.45 17.19
C ARG U 43 5.08 24.29 17.07
N VAL U 44 4.53 24.35 15.86
CA VAL U 44 3.34 25.15 15.57
C VAL U 44 2.10 24.28 15.67
N GLY U 45 2.08 23.21 14.87
CA GLY U 45 1.01 22.23 14.89
C GLY U 45 1.38 21.06 15.77
N LYS U 46 0.72 19.93 15.52
CA LYS U 46 0.99 18.70 16.27
C LYS U 46 1.99 17.77 15.57
N ARG U 47 2.42 18.13 14.35
CA ARG U 47 3.27 17.28 13.52
C ARG U 47 4.52 18.00 13.04
N PHE U 48 5.66 17.33 13.16
CA PHE U 48 6.92 17.85 12.64
C PHE U 48 7.93 16.76 12.31
N CYS U 49 8.85 17.11 11.41
CA CYS U 49 9.92 16.22 11.00
C CYS U 49 11.22 16.64 11.65
N VAL U 50 11.81 15.72 12.41
CA VAL U 50 13.16 15.86 12.93
C VAL U 50 14.10 15.43 11.82
N LYS U 51 14.90 16.35 11.30
CA LYS U 51 15.83 16.01 10.23
C LYS U 51 17.10 15.38 10.77
N SER U 52 17.70 16.02 11.77
CA SER U 52 18.99 15.57 12.30
C SER U 52 19.17 15.84 13.80
N VAL U 53 19.93 14.96 14.43
CA VAL U 53 20.34 15.08 15.83
C VAL U 53 21.86 15.30 15.84
N TYR U 54 22.29 16.22 16.70
CA TYR U 54 23.70 16.53 16.90
C TYR U 54 24.00 16.39 18.37
N VAL U 55 24.60 15.26 18.72
CA VAL U 55 25.05 14.98 20.07
C VAL U 55 26.50 15.43 20.14
N LEU U 56 26.80 16.35 21.06
CA LEU U 56 28.20 16.70 21.30
C LEU U 56 28.43 17.05 22.76
N GLY U 57 29.61 16.68 23.24
CA GLY U 57 29.99 16.97 24.61
C GLY U 57 31.12 16.08 25.09
N LYS U 58 31.12 15.81 26.39
CA LYS U 58 32.19 15.04 27.01
C LYS U 58 31.59 13.99 27.93
N ILE U 59 32.27 12.85 27.99
CA ILE U 59 31.98 11.81 28.96
C ILE U 59 33.22 11.70 29.84
N TRP U 60 33.03 11.74 31.16
CA TRP U 60 34.14 11.89 32.10
C TRP U 60 33.94 11.17 33.42
N MET U 61 35.08 10.94 34.07
CA MET U 61 35.15 10.20 35.32
C MET U 61 35.29 11.18 36.48
N ASP U 62 34.72 10.83 37.64
CA ASP U 62 34.81 11.66 38.85
C ASP U 62 36.20 11.51 39.49
N GLU U 63 36.55 12.43 40.39
CA GLU U 63 37.90 12.50 40.98
C GLU U 63 38.23 11.35 41.94
N ASN U 64 37.26 10.95 42.76
CA ASN U 64 37.43 9.77 43.64
C ASN U 64 37.38 8.43 42.88
N ILE U 65 36.71 8.41 41.72
CA ILE U 65 36.55 7.19 40.92
C ILE U 65 37.79 6.94 40.04
N LYS U 66 38.31 7.99 39.40
CA LYS U 66 39.45 7.88 38.46
C LYS U 66 40.74 7.28 39.02
N THR U 67 40.92 7.35 40.35
CA THR U 67 42.05 6.69 41.02
C THR U 67 41.99 5.16 40.88
N LYS U 68 40.77 4.61 40.98
CA LYS U 68 40.54 3.16 40.91
C LYS U 68 40.74 2.67 39.48
N ASN U 69 41.60 1.67 39.30
CA ASN U 69 41.93 1.16 37.95
C ASN U 69 40.81 0.30 37.36
N HIS U 70 40.21 0.79 36.29
CA HIS U 70 39.18 0.06 35.55
C HIS U 70 38.97 0.74 34.20
N THR U 71 38.05 0.19 33.40
CA THR U 71 37.59 0.82 32.17
C THR U 71 36.08 0.77 32.11
N ASN U 72 35.48 1.78 31.48
CA ASN U 72 34.08 1.71 31.06
C ASN U 72 33.83 2.45 29.77
N THR U 73 33.20 1.74 28.83
CA THR U 73 32.59 2.34 27.67
C THR U 73 31.16 2.69 28.05
N VAL U 74 30.70 3.83 27.57
CA VAL U 74 29.27 4.14 27.61
C VAL U 74 28.70 3.85 26.24
N MET U 75 27.64 3.04 26.25
CA MET U 75 26.85 2.72 25.08
C MET U 75 25.75 3.76 24.97
N PHE U 76 25.76 4.48 23.85
CA PHE U 76 24.67 5.36 23.43
C PHE U 76 23.84 4.65 22.38
N TYR U 77 22.54 4.56 22.63
CA TYR U 77 21.55 4.07 21.65
C TYR U 77 20.53 5.17 21.39
N LEU U 78 20.45 5.62 20.14
CA LEU U 78 19.38 6.52 19.70
C LEU U 78 18.29 5.68 19.06
N VAL U 79 17.16 5.55 19.76
CA VAL U 79 16.08 4.66 19.32
C VAL U 79 14.75 5.40 19.10
N ARG U 80 13.92 4.79 18.25
CA ARG U 80 12.63 5.31 17.86
C ARG U 80 11.55 4.41 18.45
N ASP U 81 10.66 5.02 19.24
CA ASP U 81 9.37 4.42 19.61
C ASP U 81 8.38 4.74 18.52
N ARG U 82 7.82 3.71 17.90
CA ARG U 82 6.69 3.89 16.97
C ARG U 82 5.33 3.87 17.69
N ARG U 83 5.32 3.48 18.96
CA ARG U 83 4.07 3.39 19.73
C ARG U 83 4.29 3.79 21.20
N PRO U 84 4.58 5.09 21.47
CA PRO U 84 4.78 5.56 22.83
C PRO U 84 3.48 5.65 23.61
N PHE U 85 3.54 5.35 24.91
CA PHE U 85 2.36 5.31 25.77
C PHE U 85 2.79 5.39 27.24
N GLY U 86 2.17 6.29 27.99
CA GLY U 86 2.51 6.49 29.40
C GLY U 86 3.86 7.14 29.58
N THR U 87 4.58 6.73 30.62
CA THR U 87 5.93 7.25 30.91
C THR U 87 6.97 6.57 30.01
N ALA U 88 8.18 7.13 30.00
CA ALA U 88 9.29 6.59 29.21
C ALA U 88 9.76 5.27 29.81
N MET U 89 9.91 4.27 28.95
CA MET U 89 10.21 2.90 29.39
C MET U 89 11.70 2.78 29.72
N ASP U 90 12.03 2.05 30.79
CA ASP U 90 13.41 1.96 31.30
C ASP U 90 14.27 1.05 30.42
N PHE U 91 15.59 1.32 30.41
CA PHE U 91 16.58 0.56 29.62
C PHE U 91 16.50 -0.95 29.81
N GLY U 92 16.38 -1.38 31.06
CA GLY U 92 16.33 -2.80 31.41
C GLY U 92 15.16 -3.57 30.82
N GLN U 93 14.00 -2.90 30.70
CA GLN U 93 12.76 -3.56 30.24
C GLN U 93 12.40 -3.31 28.76
N VAL U 94 13.30 -2.66 28.02
CA VAL U 94 13.18 -2.53 26.55
C VAL U 94 14.16 -3.50 25.89
N PHE U 95 15.45 -3.34 26.22
CA PHE U 95 16.50 -4.20 25.71
C PHE U 95 16.59 -5.45 26.57
N ASN U 96 16.79 -6.61 25.94
CA ASN U 96 17.14 -7.83 26.69
C ASN U 96 18.64 -8.08 26.58
N MET U 97 19.18 -8.77 27.58
CA MET U 97 20.62 -8.89 27.74
C MET U 97 20.99 -9.88 28.84
N TYR U 98 22.18 -10.46 28.75
CA TYR U 98 22.66 -11.40 29.75
C TYR U 98 23.15 -10.66 31.00
N ASP U 99 22.38 -10.80 32.09
CA ASP U 99 22.76 -10.27 33.41
C ASP U 99 22.92 -8.73 33.41
N ASN U 100 21.94 -8.06 32.80
CA ASN U 100 21.88 -6.60 32.74
C ASN U 100 23.10 -5.93 32.09
N GLU U 101 23.66 -6.61 31.08
CA GLU U 101 24.89 -6.19 30.41
C GLU U 101 24.57 -5.37 29.15
N PRO U 102 24.91 -4.07 29.13
CA PRO U 102 24.53 -3.23 27.99
C PRO U 102 25.28 -3.51 26.67
N SER U 103 26.43 -4.18 26.72
CA SER U 103 27.16 -4.56 25.50
C SER U 103 26.46 -5.67 24.69
N THR U 104 25.62 -6.46 25.36
CA THR U 104 24.80 -7.49 24.70
C THR U 104 23.37 -7.02 24.38
N ALA U 105 23.13 -5.71 24.43
CA ALA U 105 21.78 -5.16 24.39
C ALA U 105 21.20 -5.12 22.97
N THR U 106 20.11 -5.88 22.78
CA THR U 106 19.23 -5.74 21.62
C THR U 106 17.79 -5.68 22.14
N ILE U 107 16.88 -5.25 21.27
CA ILE U 107 15.49 -4.98 21.68
C ILE U 107 14.81 -6.31 22.03
N LYS U 108 13.94 -6.28 23.06
CA LYS U 108 13.19 -7.48 23.46
C LYS U 108 12.36 -8.08 22.33
N ASN U 109 12.15 -9.39 22.41
CA ASN U 109 11.44 -10.14 21.36
C ASN U 109 10.03 -9.64 21.11
N ASP U 110 9.28 -9.40 22.19
CA ASP U 110 7.87 -9.01 22.10
C ASP U 110 7.66 -7.62 21.52
N LEU U 111 8.49 -6.66 21.92
CA LEU U 111 8.35 -5.26 21.47
C LEU U 111 9.51 -4.86 20.54
N ARG U 112 9.85 -5.77 19.63
CA ARG U 112 10.89 -5.55 18.63
C ARG U 112 10.37 -4.67 17.49
N ASP U 113 9.07 -4.78 17.23
CA ASP U 113 8.39 -3.96 16.23
C ASP U 113 8.20 -2.50 16.70
N ARG U 114 7.95 -2.31 17.99
CA ARG U 114 7.67 -0.99 18.56
C ARG U 114 8.89 -0.07 18.55
N TYR U 115 10.01 -0.58 19.04
CA TYR U 115 11.26 0.19 19.19
C TYR U 115 12.23 -0.18 18.07
N GLN U 116 12.84 0.82 17.44
CA GLN U 116 13.92 0.56 16.47
C GLN U 116 15.19 1.33 16.84
N VAL U 117 16.34 0.66 16.76
CA VAL U 117 17.62 1.28 17.10
C VAL U 117 18.17 1.99 15.86
N LEU U 118 18.09 3.33 15.85
CA LEU U 118 18.51 4.10 14.66
C LEU U 118 20.02 4.22 14.56
N ARG U 119 20.64 4.57 15.69
CA ARG U 119 22.11 4.65 15.79
C ARG U 119 22.54 4.10 17.13
N LYS U 120 23.68 3.40 17.14
CA LYS U 120 24.36 3.07 18.39
C LYS U 120 25.82 3.50 18.28
N PHE U 121 26.37 3.99 19.38
CA PHE U 121 27.79 4.35 19.42
C PHE U 121 28.35 4.32 20.83
N THR U 122 29.63 3.95 20.95
CA THR U 122 30.28 3.75 22.22
C THR U 122 31.16 4.96 22.57
N SER U 123 31.54 5.08 23.84
CA SER U 123 32.60 6.03 24.24
C SER U 123 33.35 5.55 25.48
N THR U 124 34.66 5.29 25.32
CA THR U 124 35.48 4.64 26.36
C THR U 124 36.19 5.63 27.30
N VAL U 125 36.25 5.25 28.58
CA VAL U 125 36.98 6.01 29.61
C VAL U 125 37.68 5.02 30.53
N THR U 126 38.93 5.30 30.89
CA THR U 126 39.76 4.40 31.69
C THR U 126 40.33 5.09 32.92
N GLY U 127 40.13 4.47 34.09
CA GLY U 127 40.71 4.94 35.35
C GLY U 127 42.13 4.43 35.55
N GLY U 128 42.69 4.74 36.72
CA GLY U 128 44.05 4.34 37.09
C GLY U 128 44.64 5.32 38.08
N GLN U 129 45.32 4.77 39.10
CA GLN U 129 45.90 5.55 40.18
C GLN U 129 46.94 6.59 39.71
N TYR U 130 47.98 6.12 39.03
CA TYR U 130 49.09 6.98 38.59
C TYR U 130 48.94 7.53 37.17
N ALA U 131 48.21 6.82 36.32
CA ALA U 131 47.96 7.25 34.93
C ALA U 131 46.54 6.89 34.54
N SER U 132 45.82 7.85 33.96
CA SER U 132 44.39 7.68 33.66
C SER U 132 43.98 8.37 32.37
N LYS U 133 42.88 7.90 31.80
CA LYS U 133 42.16 8.60 30.74
C LYS U 133 40.84 9.08 31.36
N GLU U 134 40.92 10.19 32.07
CA GLU U 134 39.80 10.78 32.83
C GLU U 134 38.53 11.00 32.01
N GLN U 135 38.71 11.43 30.76
CA GLN U 135 37.61 11.87 29.91
C GLN U 135 37.75 11.46 28.45
N ALA U 136 36.64 11.61 27.73
CA ALA U 136 36.58 11.38 26.29
C ALA U 136 35.50 12.25 25.67
N LEU U 137 35.74 12.69 24.43
CA LEU U 137 34.88 13.67 23.75
C LEU U 137 33.90 12.99 22.81
N VAL U 138 32.61 13.25 23.02
CA VAL U 138 31.55 12.78 22.13
C VAL U 138 31.24 13.88 21.13
N LYS U 139 31.16 13.52 19.85
CA LYS U 139 30.76 14.44 18.80
C LYS U 139 30.18 13.66 17.62
N LYS U 140 28.90 13.30 17.77
CA LYS U 140 28.19 12.52 16.77
C LYS U 140 27.05 13.37 16.20
N PHE U 141 27.17 13.72 14.92
CA PHE U 141 26.07 14.30 14.15
C PHE U 141 25.46 13.15 13.37
N MET U 142 24.13 13.06 13.37
CA MET U 142 23.43 12.01 12.64
C MET U 142 22.10 12.49 12.10
N LYS U 143 21.88 12.21 10.81
CA LYS U 143 20.70 12.63 10.09
C LYS U 143 19.71 11.48 10.04
N ILE U 144 18.49 11.72 10.54
CA ILE U 144 17.45 10.70 10.66
C ILE U 144 16.07 11.31 10.45
N ASN U 145 15.64 11.41 9.19
CA ASN U 145 14.37 12.07 8.84
C ASN U 145 13.19 11.36 9.53
N ASN U 146 12.86 11.85 10.73
CA ASN U 146 11.91 11.20 11.62
C ASN U 146 10.68 12.09 11.85
N TYR U 147 9.55 11.67 11.29
CA TYR U 147 8.29 12.42 11.39
C TYR U 147 7.58 12.03 12.68
N VAL U 148 7.42 12.98 13.59
CA VAL U 148 6.76 12.70 14.88
C VAL U 148 5.44 13.45 15.01
N VAL U 149 4.60 12.95 15.91
CA VAL U 149 3.23 13.44 16.09
C VAL U 149 2.94 13.62 17.59
N TYR U 150 2.09 14.59 17.91
CA TYR U 150 1.72 14.91 19.29
C TYR U 150 0.21 14.86 19.52
N ASN U 151 -0.17 14.98 20.80
CA ASN U 151 -1.56 15.16 21.18
C ASN U 151 -2.06 16.55 20.82
N HIS U 152 -3.36 16.77 21.02
CA HIS U 152 -3.94 18.10 20.87
C HIS U 152 -3.32 19.12 21.83
N GLN U 153 -2.90 18.66 23.01
CA GLN U 153 -2.27 19.52 24.02
C GLN U 153 -0.76 19.60 23.80
N GLU U 154 -0.09 20.36 24.67
CA GLU U 154 1.36 20.56 24.58
C GLU U 154 2.01 20.73 25.96
N ALA U 155 3.11 20.01 26.17
CA ALA U 155 4.01 20.28 27.27
C ALA U 155 5.47 19.83 27.05
N ALA U 156 5.83 19.47 25.81
CA ALA U 156 7.14 18.87 25.51
C ALA U 156 7.47 17.67 26.42
N LYS U 157 6.58 16.68 26.44
CA LYS U 157 6.76 15.48 27.26
C LYS U 157 6.52 14.21 26.44
N TYR U 158 7.11 13.11 26.92
CA TYR U 158 6.95 11.79 26.31
C TYR U 158 5.49 11.31 26.36
N ASP U 159 4.75 11.73 27.38
CA ASP U 159 3.33 11.40 27.50
C ASP U 159 2.47 12.02 26.39
N ASN U 160 2.83 13.23 25.96
CA ASN U 160 2.11 13.94 24.90
C ASN U 160 2.38 13.41 23.48
N HIS U 161 3.43 12.58 23.33
CA HIS U 161 3.78 11.99 22.03
C HIS U 161 2.76 11.00 21.49
N THR U 162 2.83 10.81 20.18
CA THR U 162 2.20 9.69 19.50
C THR U 162 2.95 9.45 18.18
N GLU U 163 2.69 8.30 17.55
CA GLU U 163 3.46 7.88 16.36
C GLU U 163 4.95 7.72 16.72
N ASN U 164 5.88 8.45 16.07
CA ASN U 164 7.30 8.25 16.34
C ASN U 164 7.74 9.08 17.53
N ALA U 165 8.79 8.64 18.22
CA ALA U 165 9.35 9.38 19.34
C ALA U 165 10.78 8.95 19.60
N LEU U 166 11.70 9.92 19.64
CA LEU U 166 13.13 9.65 19.73
C LEU U 166 13.62 9.62 21.18
N LEU U 167 14.06 8.44 21.62
CA LEU U 167 14.66 8.27 22.93
C LEU U 167 16.15 8.00 22.79
N LEU U 168 16.95 8.71 23.58
CA LEU U 168 18.38 8.40 23.74
C LEU U 168 18.53 7.59 25.04
N TYR U 169 19.05 6.37 24.88
CA TYR U 169 19.32 5.44 25.96
C TYR U 169 20.83 5.35 26.15
N MET U 170 21.28 5.57 27.39
CA MET U 170 22.71 5.60 27.70
C MET U 170 23.01 4.58 28.77
N ALA U 171 24.08 3.79 28.58
CA ALA U 171 24.40 2.76 29.58
C ALA U 171 25.90 2.55 29.77
N CYS U 172 26.35 2.53 31.02
CA CYS U 172 27.77 2.29 31.35
C CYS U 172 28.06 0.80 31.35
N THR U 173 29.18 0.41 30.72
CA THR U 173 29.53 -1.00 30.57
C THR U 173 30.03 -1.66 31.86
N HIS U 174 30.81 -0.91 32.65
CA HIS U 174 31.29 -1.42 33.95
C HIS U 174 30.19 -1.37 35.00
N ALA U 175 30.15 -2.38 35.87
CA ALA U 175 29.04 -2.59 36.79
C ALA U 175 29.04 -1.63 37.99
N SER U 176 30.17 -1.57 38.69
CA SER U 176 30.24 -0.87 39.97
C SER U 176 30.34 0.65 39.80
N ASN U 177 31.41 1.12 39.17
CA ASN U 177 31.72 2.54 39.08
C ASN U 177 30.82 3.29 38.11
N PRO U 178 30.29 4.47 38.49
CA PRO U 178 29.54 5.32 37.56
C PRO U 178 30.45 6.31 36.82
N VAL U 179 29.89 6.90 35.77
CA VAL U 179 30.58 7.96 35.01
C VAL U 179 29.60 9.07 34.64
N TYR U 180 30.13 10.27 34.44
CA TYR U 180 29.32 11.43 34.04
C TYR U 180 29.41 11.67 32.54
N ALA U 181 28.40 12.33 32.00
CA ALA U 181 28.38 12.75 30.61
C ALA U 181 27.75 14.14 30.47
N THR U 182 28.59 15.16 30.33
CA THR U 182 28.13 16.52 30.04
C THR U 182 27.83 16.56 28.56
N LEU U 183 26.55 16.65 28.21
CA LEU U 183 26.14 16.54 26.81
C LEU U 183 25.18 17.61 26.35
N LYS U 184 25.53 18.24 25.23
CA LYS U 184 24.59 19.02 24.43
C LYS U 184 24.02 18.07 23.39
N ILE U 185 22.73 17.78 23.53
CA ILE U 185 21.96 17.08 22.50
C ILE U 185 21.18 18.16 21.78
N ARG U 186 21.37 18.28 20.47
CA ARG U 186 20.71 19.33 19.68
C ARG U 186 19.94 18.75 18.50
N ILE U 187 18.61 18.92 18.54
CA ILE U 187 17.72 18.36 17.51
C ILE U 187 17.25 19.45 16.54
N TYR U 188 17.33 19.14 15.25
CA TYR U 188 16.97 20.07 14.17
C TYR U 188 15.69 19.61 13.47
N PHE U 189 14.64 20.43 13.52
CA PHE U 189 13.33 20.00 13.02
C PHE U 189 12.56 21.05 12.22
N TYR U 190 11.56 20.58 11.48
CA TYR U 190 10.72 21.39 10.61
C TYR U 190 9.26 21.05 10.83
N ASP U 191 8.40 22.07 10.83
CA ASP U 191 6.96 21.89 11.08
C ASP U 191 6.25 21.25 9.89
N SER U 192 5.33 20.32 10.17
CA SER U 192 4.67 19.56 9.10
C SER U 192 3.55 20.36 8.42
N VAL U 193 3.40 20.12 7.12
CA VAL U 193 2.31 20.65 6.31
C VAL U 193 1.19 19.61 6.17
N GLN U 194 1.53 18.33 6.20
CA GLN U 194 0.55 17.26 5.98
C GLN U 194 -0.41 17.09 7.16
N ASN U 195 -1.57 16.52 6.86
CA ASN U 195 -2.64 16.25 7.84
C ASN U 195 -3.25 17.53 8.43
#